data_6KV5
#
_entry.id   6KV5
#
_cell.length_a   1.00
_cell.length_b   1.00
_cell.length_c   1.00
_cell.angle_alpha   90.00
_cell.angle_beta   90.00
_cell.angle_gamma   90.00
#
_symmetry.space_group_name_H-M   'P 1'
#
loop_
_entity.id
_entity.type
_entity.pdbx_description
1 polymer 'Polymerase 3'
2 polymer 'RNA-directed RNA polymerase catalytic subunit'
3 polymer 'Polymerase PB2'
#
loop_
_entity_poly.entity_id
_entity_poly.type
_entity_poly.pdbx_seq_one_letter_code
_entity_poly.pdbx_strand_id
1 'polypeptide(L)'
;MSSVIREIAKRFLEQATINIAEEVVREYGDHERTMISVGVHFQACCLISDEYTLEDETTPRYVLLEGLKRQEAISKQNNI
CSTLGLEPLRNLADIFDRKTRRFLEVGITKRESDEYYQEKFNKIGNDMDIHVFTYEGKYFSNNPNGLEDIQKTRIFTFLS
FVSDELRKENMFTEMYVTEEGAPELEMYKSKLFIAMRDESVPLPYINYEHLRTRCETFKRNQAECEAKVADVASRLKIKL
EHLEENKLRPLEIPKEKEAPYTHKFLMKDAWFFAKPHDSERAQPQQILYDFFEAANMGFMTTSPKPIFGKQGLMYHSLWG
QTKRAIKDKRNELEPSEQRDFLCGIGRASKKIQEDKWQESREEEFKQEETKGAAKRGFPTWFNEEWLWAMRDSGDGDNKI
GDWIPMAEMPPCKNEMEDYAKKMCEELESKIQGTNCAREMSKLIHTIGSLHTECRNFPGKVKIVPIYCRGTLRGESTDCL
FGIAIKGKSHLNKDDGMYTVVTFEFSTEEPNPSKHEKYTVFEAGTVPVEAVVLTPKRERVLKEKKLFLYCRTTGMSKLKN
DWFSKCRRCLIPTMETVEQIVLKECALKEENRVSEMLENKRAWIAHENGENLTRLVSTKLKDLCRMLIVTQFYYCIYNDN
QLEGFCNEQKKFLMFLQADKDSKSAFTFNQKGLYEKIEECIVSNPLCIFLADRLNKLFLVAKSNGAKYFE
;
A
2 'polypeptide(L)'
;MEINPYLLMLNNDITSMISLTYPYTGAPPMSHGTSTKYSMETVSRTYSYSRTKKEVPSGIFPIERRKFCNTIEDKENLEK
PNGNVDINFMLSLAEMLEEKMGKGFFKFCANEAEAEILKMHFSKLTEGRQTYDWTSERNMPAATALQLTVDAIQETQGTF
KGTTMVEYCNKILEMMDWPEVKFKKVRMIVQRHWDPKTKKEIKMKSPTLMITKIGREEFIKRICTINTMAKDGERGKYKR
RAIATPGMGIRPFSKIVETLAQKICERLAESGLPVGGNEKKAKLKTTVSSTNSKLQEGQFMVNITGDNSKWNECQQPEAY
LAMLAYITKDSSNLMKDLCSVAPTLFCNKYVKMGQGFRAKNKRKTKEIVIPAKKMKERKELMNAEWRDLFETIEPYMDGE
CCFLGGGMLMGMFNMLSTVFGVMTLNYREEALARRNCYWTGLQSSDDFVLFCISRTWPEMEMTILKFIAVCKLMGINMSL
EKSYGCLPELFEFTSMFFSGDFVSNIALELPAFTTAGMNEGTDFTAAMSVIRTNMINNGLSPGTALMALRICLQEFRATY
RVHPYDSGVKNHRMKIIRKFIETIENKDGLLISDGGKLMNNISSLHIPEEILKEDLMDPSYRNRVFNPRNPFTQFEKTVD
IFKASGPIRVEENEAVVSTHSFRTRSNRTLLNTDMRAMALEEKRYQVVCNMYRSVFESADVNTPIGSMSMGEAIEAKILD
RARTQFENGIIGGEEYSEIKRLIEDAKRQRLSV
;
B
3 'polypeptide(L)'
;MSLLLTLAKEYANLTKDKKSCKLLSQGTVSSYTTFKKWTTSRKEKNPSLRMRWAMGSKFPIMANREILEEAGIPEQWEGI
DLWSKKDDVSKLGMVLASPAAITYWNFCGPGVDNSSVIKDVYKAKFMKKERWRETLWGPMNFELVGKQRRVVETQPVEIK
LNQKEIKELTMWVLFEDEANLASKFIQENFSLVLSLRELYKGKAVNKDVAAFMIAHQFSPEKRFLPTFGPIRPERMELLH
CLGGDFWKIEAVTAGSLNEEQKKRDVRAVARKICLRASVDLFTPAEKIRDYIASVTMRFGTVERTFEDVIRNSDDISAEV
TLCKAALGCELGKSMSFGNLNLRKVSGEAETMEKTVYWGLKPIKYKCWRGEETFYCELRKVTCMFRRSEGLDWANIGPGS
PEERRELLAMVMIFCRDGRFFESAPVNIDESFFRTRLNKEIPYQYVLLKWVRQSRDNLDALLSTRGLIPAHIGQFGKGMG
IDGSSSSSMVYKGVMLSKTPIDIVESKEKHRLFLNDNIEAVTERGAMVASIMDLSEDNRETFNDVTFNHVDLAVLKDEKT
AIIKIYRSLVERINTDDDGLPALIMGKRYLELYQLDEVKDAVGLIPKRMLGAYSYQARQLIQSQIKNDSYSLPEIIKLLP
FCYSPPKKMLFDGTFHFKNQMYVRPGINTNLFSFSKTDKSKIYVNGSAVKIKLVLGDDEMDTSLAFVEGFQVCEYDPRAP
LIPRRDLRLIGFGKKVRVFVGQGQEKTLVRTSSKRAASHDVSKNIRRMRLEV
;
C
#
# COMPACT_ATOMS: atom_id res chain seq x y z
N VAL A 4 -6.32 24.44 -3.04
CA VAL A 4 -5.73 25.71 -3.45
C VAL A 4 -6.75 26.82 -3.29
N ILE A 5 -6.35 27.90 -2.61
CA ILE A 5 -7.22 29.04 -2.40
C ILE A 5 -7.48 29.77 -3.71
N ARG A 6 -6.44 29.95 -4.53
CA ARG A 6 -6.55 30.79 -5.72
C ARG A 6 -7.32 30.10 -6.84
N GLU A 7 -7.16 28.78 -6.99
CA GLU A 7 -7.77 28.08 -8.12
C GLU A 7 -9.29 27.96 -7.95
N ILE A 8 -9.74 27.54 -6.77
CA ILE A 8 -11.17 27.55 -6.48
C ILE A 8 -11.68 28.98 -6.38
N ALA A 9 -10.82 29.90 -5.93
CA ALA A 9 -11.19 31.31 -5.83
C ALA A 9 -11.41 31.94 -7.20
N LYS A 10 -10.84 31.37 -8.26
CA LYS A 10 -11.14 31.87 -9.60
C LYS A 10 -12.33 31.17 -10.24
N ARG A 11 -12.93 30.18 -9.56
CA ARG A 11 -14.09 29.50 -10.13
C ARG A 11 -15.37 30.30 -9.90
N PHE A 12 -15.75 30.49 -8.64
CA PHE A 12 -17.03 31.11 -8.30
C PHE A 12 -16.90 32.62 -8.15
N LEU A 13 -15.78 33.10 -7.66
CA LEU A 13 -15.54 34.53 -7.53
C LEU A 13 -14.93 35.05 -8.82
N GLU A 14 -15.04 36.36 -9.02
CA GLU A 14 -14.69 36.97 -10.30
C GLU A 14 -13.17 36.98 -10.51
N GLN A 15 -12.78 37.35 -11.73
CA GLN A 15 -11.39 37.29 -12.15
C GLN A 15 -10.58 38.44 -11.57
N ALA A 16 -10.96 39.68 -11.87
CA ALA A 16 -10.16 40.84 -11.49
C ALA A 16 -10.25 41.14 -10.00
N THR A 17 -11.35 40.72 -9.36
CA THR A 17 -11.62 41.04 -7.96
C THR A 17 -10.64 40.39 -6.98
N ILE A 18 -9.93 39.35 -7.42
CA ILE A 18 -8.90 38.70 -6.58
C ILE A 18 -7.80 39.69 -6.24
N ASN A 19 -7.39 40.49 -7.23
CA ASN A 19 -6.32 41.45 -7.02
C ASN A 19 -6.78 42.63 -6.16
N ILE A 20 -8.04 43.02 -6.28
CA ILE A 20 -8.56 44.13 -5.47
C ILE A 20 -8.75 43.70 -4.03
N ALA A 21 -9.39 42.56 -3.79
CA ALA A 21 -9.60 42.08 -2.43
C ALA A 21 -8.27 41.68 -1.78
N GLU A 22 -7.37 41.09 -2.56
CA GLU A 22 -6.02 40.81 -2.09
C GLU A 22 -5.25 42.09 -1.80
N GLU A 23 -5.54 43.15 -2.56
CA GLU A 23 -4.96 44.46 -2.30
C GLU A 23 -5.50 45.04 -1.00
N VAL A 24 -6.76 44.73 -0.66
CA VAL A 24 -7.31 45.15 0.63
C VAL A 24 -6.65 44.39 1.77
N VAL A 25 -6.40 43.08 1.57
CA VAL A 25 -5.77 42.26 2.61
C VAL A 25 -4.30 42.66 2.79
N ARG A 26 -3.64 43.11 1.72
CA ARG A 26 -2.32 43.72 1.84
C ARG A 26 -2.36 45.02 2.63
N GLU A 27 -3.50 45.70 2.66
CA GLU A 27 -3.67 46.91 3.47
C GLU A 27 -4.32 46.61 4.81
N TYR A 28 -4.47 45.34 5.17
CA TYR A 28 -5.14 44.97 6.41
C TYR A 28 -4.19 44.30 7.40
N GLY A 29 -3.51 43.24 7.02
CA GLY A 29 -2.56 42.59 7.89
C GLY A 29 -2.43 41.12 7.57
N ASP A 30 -1.76 40.40 8.47
CA ASP A 30 -1.46 38.98 8.31
C ASP A 30 -2.73 38.17 8.61
N HIS A 31 -3.58 38.07 7.60
CA HIS A 31 -4.82 37.29 7.70
C HIS A 31 -5.06 36.58 6.37
N GLU A 32 -5.50 35.33 6.45
CA GLU A 32 -5.53 34.43 5.30
C GLU A 32 -6.93 34.16 4.76
N ARG A 33 -7.88 33.78 5.62
CA ARG A 33 -9.18 33.33 5.12
C ARG A 33 -10.05 34.49 4.64
N THR A 34 -9.88 35.67 5.26
CA THR A 34 -10.82 36.78 5.10
C THR A 34 -10.82 37.33 3.69
N MET A 35 -9.72 37.11 2.96
CA MET A 35 -9.59 37.34 1.52
C MET A 35 -10.86 36.94 0.78
N ILE A 36 -11.23 35.66 0.94
CA ILE A 36 -12.39 35.11 0.24
C ILE A 36 -13.65 35.86 0.63
N SER A 37 -13.80 36.12 1.93
CA SER A 37 -14.97 36.81 2.45
C SER A 37 -15.07 38.21 1.88
N VAL A 38 -13.93 38.92 1.83
CA VAL A 38 -13.92 40.28 1.32
C VAL A 38 -14.26 40.27 -0.17
N GLY A 39 -13.78 39.23 -0.88
CA GLY A 39 -14.13 39.09 -2.28
C GLY A 39 -15.61 38.89 -2.47
N VAL A 40 -16.21 38.04 -1.63
CA VAL A 40 -17.65 37.84 -1.64
C VAL A 40 -18.36 39.16 -1.34
N HIS A 41 -17.84 39.88 -0.33
CA HIS A 41 -18.42 41.17 0.03
C HIS A 41 -18.28 42.17 -1.11
N PHE A 42 -17.14 42.11 -1.81
CA PHE A 42 -16.96 43.04 -2.91
C PHE A 42 -17.90 42.70 -4.05
N GLN A 43 -18.11 41.40 -4.31
CA GLN A 43 -19.05 41.05 -5.35
C GLN A 43 -20.47 41.30 -4.87
N ALA A 44 -20.68 41.28 -3.55
CA ALA A 44 -21.94 41.75 -2.98
C ALA A 44 -22.18 43.19 -3.38
N CYS A 45 -21.15 44.04 -3.25
CA CYS A 45 -21.26 45.41 -3.72
C CYS A 45 -21.42 45.46 -5.24
N CYS A 46 -20.80 44.51 -5.95
CA CYS A 46 -20.95 44.45 -7.39
C CYS A 46 -22.36 44.04 -7.79
N LEU A 47 -23.10 43.38 -6.90
CA LEU A 47 -24.50 43.13 -7.20
C LEU A 47 -25.40 44.26 -6.72
N ILE A 48 -24.91 45.13 -5.84
CA ILE A 48 -25.76 46.20 -5.32
C ILE A 48 -25.66 47.46 -6.19
N SER A 49 -24.44 47.80 -6.63
CA SER A 49 -24.22 49.12 -7.21
C SER A 49 -23.64 49.04 -8.61
N ASP A 50 -24.27 48.25 -9.49
CA ASP A 50 -23.75 48.08 -10.84
C ASP A 50 -24.63 48.67 -11.93
N GLU A 51 -25.89 48.26 -12.03
CA GLU A 51 -26.68 48.58 -13.21
C GLU A 51 -27.78 49.61 -12.99
N TYR A 52 -28.29 49.74 -11.77
CA TYR A 52 -29.48 50.53 -11.46
C TYR A 52 -29.15 51.58 -10.40
N THR A 53 -28.09 52.34 -10.63
CA THR A 53 -27.58 53.29 -9.63
C THR A 53 -28.05 54.71 -9.93
N LEU A 54 -29.38 54.85 -10.07
CA LEU A 54 -30.09 56.14 -10.14
C LEU A 54 -29.61 56.95 -11.34
N GLU A 55 -29.96 56.43 -12.53
CA GLU A 55 -29.34 56.83 -13.79
C GLU A 55 -29.68 58.26 -14.17
N ASP A 56 -30.94 58.67 -14.04
CA ASP A 56 -31.23 60.10 -14.00
C ASP A 56 -30.67 60.66 -12.70
N GLU A 57 -30.01 61.83 -12.78
CA GLU A 57 -29.04 62.29 -11.77
C GLU A 57 -27.94 61.26 -11.58
N THR A 58 -27.13 61.14 -12.64
CA THR A 58 -26.20 60.03 -12.88
C THR A 58 -25.15 59.87 -11.78
N THR A 59 -24.92 60.89 -10.96
CA THR A 59 -24.14 60.75 -9.73
C THR A 59 -24.79 59.69 -8.84
N PRO A 60 -24.10 58.58 -8.54
CA PRO A 60 -24.79 57.36 -8.14
C PRO A 60 -25.41 57.43 -6.75
N ARG A 61 -26.52 56.70 -6.61
CA ARG A 61 -27.22 56.58 -5.33
C ARG A 61 -26.38 55.85 -4.29
N TYR A 62 -25.51 54.96 -4.74
CA TYR A 62 -24.67 54.14 -3.86
C TYR A 62 -23.25 54.70 -3.92
N VAL A 63 -22.86 55.43 -2.89
CA VAL A 63 -21.51 56.00 -2.80
C VAL A 63 -20.64 54.94 -2.14
N LEU A 64 -19.83 54.26 -2.95
CA LEU A 64 -19.01 53.14 -2.50
C LEU A 64 -17.69 53.68 -1.95
N LEU A 65 -17.56 53.69 -0.62
CA LEU A 65 -16.33 54.11 0.04
C LEU A 65 -15.89 53.13 1.12
N GLU A 66 -16.13 51.83 0.90
CA GLU A 66 -15.68 50.81 1.83
C GLU A 66 -14.62 49.91 1.22
N GLY A 67 -14.90 49.28 0.10
CA GLY A 67 -13.86 48.53 -0.57
C GLY A 67 -13.17 49.40 -1.58
N LEU A 68 -12.07 50.00 -1.15
CA LEU A 68 -11.45 51.11 -1.88
C LEU A 68 -10.12 51.38 -1.21
N LYS A 69 -9.29 52.17 -1.89
CA LYS A 69 -8.00 52.56 -1.34
C LYS A 69 -8.19 53.40 -0.09
N ARG A 70 -7.35 53.16 0.92
CA ARG A 70 -7.47 53.86 2.21
C ARG A 70 -6.70 55.19 2.16
N GLN A 71 -6.99 55.98 1.13
CA GLN A 71 -6.56 57.36 0.97
C GLN A 71 -7.72 58.29 0.60
N GLU A 72 -8.68 57.81 -0.18
CA GLU A 72 -9.66 58.68 -0.84
C GLU A 72 -11.07 58.53 -0.30
N ALA A 73 -11.26 57.83 0.83
CA ALA A 73 -12.60 57.75 1.40
C ALA A 73 -12.97 59.03 2.14
N ILE A 74 -12.01 59.68 2.78
CA ILE A 74 -12.28 60.93 3.49
C ILE A 74 -12.48 62.07 2.50
N SER A 75 -11.72 62.06 1.39
CA SER A 75 -11.81 63.13 0.40
C SER A 75 -13.11 63.04 -0.38
N LYS A 76 -13.48 61.84 -0.82
CA LYS A 76 -14.77 61.66 -1.50
C LYS A 76 -15.93 61.80 -0.52
N GLN A 77 -15.69 61.49 0.76
CA GLN A 77 -16.68 61.77 1.79
C GLN A 77 -16.90 63.28 1.93
N ASN A 78 -15.83 64.06 1.82
CA ASN A 78 -15.93 65.51 1.81
C ASN A 78 -16.23 66.07 0.43
N ASN A 79 -16.44 65.22 -0.57
CA ASN A 79 -16.93 65.67 -1.88
C ASN A 79 -18.39 65.34 -2.11
N ILE A 80 -18.94 64.34 -1.41
CA ILE A 80 -20.36 64.04 -1.50
C ILE A 80 -21.14 64.77 -0.40
N CYS A 81 -20.65 64.72 0.83
CA CYS A 81 -21.37 65.30 1.96
C CYS A 81 -21.14 66.80 2.11
N SER A 82 -20.41 67.45 1.21
CA SER A 82 -20.20 68.88 1.30
C SER A 82 -21.41 69.69 0.83
N THR A 83 -22.38 69.04 0.18
CA THR A 83 -23.60 69.71 -0.27
C THR A 83 -24.76 69.50 0.69
N LEU A 84 -24.97 68.26 1.12
CA LEU A 84 -26.07 67.94 2.04
C LEU A 84 -25.63 68.09 3.49
N GLY A 85 -24.60 67.34 3.89
CA GLY A 85 -24.10 67.43 5.24
C GLY A 85 -24.78 66.44 6.16
N LEU A 86 -24.05 65.43 6.62
CA LEU A 86 -24.64 64.42 7.49
C LEU A 86 -23.87 64.31 8.80
N GLU A 87 -24.29 63.39 9.66
CA GLU A 87 -23.69 63.19 10.96
C GLU A 87 -23.20 61.75 11.07
N PRO A 88 -21.99 61.52 11.56
CA PRO A 88 -21.54 60.14 11.75
C PRO A 88 -22.24 59.50 12.94
N LEU A 89 -22.22 58.16 12.96
CA LEU A 89 -22.88 57.35 13.97
C LEU A 89 -21.88 56.41 14.63
N ARG A 90 -20.77 56.99 15.08
CA ARG A 90 -19.68 56.37 15.83
C ARG A 90 -18.90 55.31 15.04
N ASN A 91 -19.05 55.28 13.71
CA ASN A 91 -18.33 54.32 12.89
C ASN A 91 -18.26 54.87 11.47
N LEU A 92 -17.20 54.48 10.76
CA LEU A 92 -17.07 54.84 9.36
C LEU A 92 -18.07 54.04 8.52
N ALA A 93 -18.84 54.74 7.70
CA ALA A 93 -19.93 54.13 6.96
C ALA A 93 -19.41 53.36 5.75
N ASP A 94 -20.17 52.31 5.38
CA ASP A 94 -19.79 51.47 4.25
C ASP A 94 -20.11 52.16 2.93
N ILE A 95 -21.39 52.45 2.70
CA ILE A 95 -21.85 53.10 1.48
C ILE A 95 -22.69 54.31 1.87
N PHE A 96 -22.32 55.48 1.37
CA PHE A 96 -23.15 56.64 1.63
C PHE A 96 -24.31 56.70 0.65
N ASP A 97 -25.35 57.43 1.04
CA ASP A 97 -26.56 57.50 0.24
C ASP A 97 -27.11 58.92 0.31
N ARG A 98 -27.70 59.36 -0.80
CA ARG A 98 -28.33 60.66 -0.88
C ARG A 98 -29.80 60.60 -1.27
N LYS A 99 -30.28 59.45 -1.74
CA LYS A 99 -31.71 59.33 -2.01
C LYS A 99 -32.48 59.07 -0.72
N THR A 100 -31.95 58.20 0.15
CA THR A 100 -32.48 58.02 1.48
C THR A 100 -31.82 58.94 2.50
N ARG A 101 -30.71 59.60 2.10
CA ARG A 101 -29.95 60.56 2.93
C ARG A 101 -29.46 59.93 4.22
N ARG A 102 -29.00 58.67 4.13
CA ARG A 102 -28.54 57.92 5.29
C ARG A 102 -27.28 57.17 4.90
N PHE A 103 -26.86 56.24 5.76
CA PHE A 103 -25.75 55.36 5.47
C PHE A 103 -26.29 54.12 4.75
N LEU A 104 -25.44 53.12 4.57
CA LEU A 104 -25.88 51.83 4.02
C LEU A 104 -24.90 50.78 4.51
N GLU A 105 -25.33 49.98 5.48
CA GLU A 105 -24.47 48.96 6.09
C GLU A 105 -24.64 47.64 5.34
N VAL A 106 -23.51 46.97 5.08
CA VAL A 106 -23.50 45.68 4.41
C VAL A 106 -22.78 44.69 5.31
N GLY A 107 -23.48 43.64 5.72
CA GLY A 107 -22.90 42.58 6.50
C GLY A 107 -23.55 41.24 6.18
N ILE A 108 -22.76 40.18 6.07
CA ILE A 108 -23.23 38.88 5.59
C ILE A 108 -22.86 37.84 6.64
N THR A 109 -23.82 37.01 7.03
CA THR A 109 -23.60 36.03 8.08
C THR A 109 -23.99 34.63 7.60
N LYS A 110 -23.45 33.63 8.31
CA LYS A 110 -23.71 32.22 8.05
C LYS A 110 -24.85 31.67 8.92
N ARG A 111 -24.87 32.06 10.19
CA ARG A 111 -25.87 31.58 11.13
C ARG A 111 -27.22 32.25 10.88
N GLU A 112 -28.18 31.94 11.75
CA GLU A 112 -29.40 32.74 11.84
C GLU A 112 -29.04 34.16 12.24
N SER A 113 -29.67 35.13 11.58
CA SER A 113 -29.22 36.52 11.63
C SER A 113 -29.69 37.28 12.87
N ASP A 114 -30.16 36.61 13.91
CA ASP A 114 -30.69 37.33 15.07
C ASP A 114 -29.56 37.85 15.96
N GLU A 115 -28.58 37.00 16.25
CA GLU A 115 -27.53 37.35 17.20
C GLU A 115 -26.62 38.44 16.67
N TYR A 116 -26.27 38.37 15.38
CA TYR A 116 -25.41 39.39 14.79
C TYR A 116 -26.11 40.74 14.70
N TYR A 117 -27.42 40.72 14.45
CA TYR A 117 -28.20 41.96 14.38
C TYR A 117 -28.43 42.55 15.78
N GLN A 118 -28.44 41.71 16.81
CA GLN A 118 -28.51 42.24 18.18
C GLN A 118 -27.15 42.75 18.65
N GLU A 119 -26.05 42.15 18.18
CA GLU A 119 -24.74 42.68 18.48
C GLU A 119 -24.52 44.02 17.79
N LYS A 120 -24.97 44.13 16.53
CA LYS A 120 -24.93 45.42 15.85
C LYS A 120 -25.91 46.40 16.47
N PHE A 121 -27.01 45.89 17.03
CA PHE A 121 -27.95 46.73 17.77
C PHE A 121 -27.35 47.24 19.07
N ASN A 122 -26.41 46.50 19.64
CA ASN A 122 -25.66 47.04 20.77
C ASN A 122 -24.61 48.03 20.30
N LYS A 123 -24.04 47.80 19.12
CA LYS A 123 -23.02 48.70 18.60
C LYS A 123 -23.62 50.04 18.15
N ILE A 124 -24.54 50.00 17.20
CA ILE A 124 -25.08 51.21 16.61
C ILE A 124 -26.57 51.40 16.88
N GLY A 125 -27.30 50.37 17.26
CA GLY A 125 -28.74 50.47 17.30
C GLY A 125 -29.32 50.30 15.92
N ASN A 126 -30.30 51.13 15.57
CA ASN A 126 -30.86 51.16 14.22
C ASN A 126 -30.83 52.57 13.64
N ASP A 127 -29.85 53.38 14.05
CA ASP A 127 -29.72 54.74 13.54
C ASP A 127 -29.09 54.79 12.16
N MET A 128 -28.35 53.76 11.77
CA MET A 128 -27.85 53.63 10.41
C MET A 128 -28.90 52.90 9.56
N ASP A 129 -28.51 52.48 8.37
CA ASP A 129 -29.35 51.63 7.52
C ASP A 129 -28.64 50.29 7.42
N ILE A 130 -29.11 49.33 8.22
CA ILE A 130 -28.46 48.03 8.37
C ILE A 130 -28.95 47.09 7.27
N HIS A 131 -28.01 46.45 6.59
CA HIS A 131 -28.32 45.42 5.61
C HIS A 131 -27.54 44.16 5.96
N VAL A 132 -28.23 43.18 6.53
CA VAL A 132 -27.62 41.91 6.90
C VAL A 132 -28.21 40.82 6.01
N PHE A 133 -27.35 40.15 5.26
CA PHE A 133 -27.73 39.11 4.32
C PHE A 133 -27.15 37.78 4.76
N THR A 134 -27.96 36.74 4.68
CA THR A 134 -27.60 35.43 5.19
C THR A 134 -27.39 34.47 4.02
N TYR A 135 -26.37 33.59 4.15
CA TYR A 135 -26.18 32.51 3.19
C TYR A 135 -27.37 31.56 3.16
N GLU A 136 -28.03 31.38 4.31
CA GLU A 136 -29.19 30.52 4.39
C GLU A 136 -30.38 31.09 3.63
N GLY A 137 -30.47 32.40 3.50
CA GLY A 137 -31.57 33.00 2.76
C GLY A 137 -32.47 33.86 3.60
N LYS A 138 -31.92 34.56 4.60
CA LYS A 138 -32.70 35.35 5.54
C LYS A 138 -32.37 36.83 5.36
N TYR A 139 -33.33 37.58 4.79
CA TYR A 139 -33.24 39.04 4.71
C TYR A 139 -33.67 39.59 6.06
N PHE A 140 -32.73 39.68 6.99
CA PHE A 140 -33.02 40.12 8.35
C PHE A 140 -32.19 41.37 8.60
N SER A 141 -32.77 42.53 8.32
CA SER A 141 -32.01 43.77 8.23
C SER A 141 -32.88 44.90 8.75
N ASN A 142 -32.47 46.14 8.47
CA ASN A 142 -33.22 47.31 8.89
C ASN A 142 -34.49 47.46 8.04
N ASN A 143 -35.43 48.25 8.56
CA ASN A 143 -36.75 48.39 7.92
C ASN A 143 -36.75 49.03 6.53
N PRO A 144 -35.97 50.08 6.20
CA PRO A 144 -35.93 50.52 4.80
C PRO A 144 -35.23 49.51 3.91
N ASN A 145 -35.84 49.24 2.76
CA ASN A 145 -35.48 48.08 1.95
C ASN A 145 -35.44 48.47 0.47
N GLY A 146 -34.97 47.54 -0.35
CA GLY A 146 -35.11 47.67 -1.79
C GLY A 146 -36.52 47.33 -2.23
N LEU A 147 -37.02 48.10 -3.21
CA LEU A 147 -38.43 48.09 -3.57
C LEU A 147 -38.90 46.77 -4.18
N GLU A 148 -38.45 46.47 -5.40
CA GLU A 148 -38.76 45.20 -6.04
C GLU A 148 -37.60 44.68 -6.88
N ASP A 149 -36.38 45.11 -6.56
CA ASP A 149 -35.27 44.96 -7.49
C ASP A 149 -34.73 43.52 -7.44
N ILE A 150 -33.89 43.20 -8.43
CA ILE A 150 -33.35 41.86 -8.66
C ILE A 150 -32.04 41.77 -7.88
N GLN A 151 -31.72 42.81 -7.11
CA GLN A 151 -30.53 42.78 -6.28
C GLN A 151 -30.69 41.80 -5.11
N LYS A 152 -31.89 41.71 -4.52
CA LYS A 152 -32.11 40.74 -3.46
C LYS A 152 -32.16 39.33 -4.02
N THR A 153 -32.78 39.17 -5.18
CA THR A 153 -32.88 37.87 -5.82
C THR A 153 -31.52 37.33 -6.24
N ARG A 154 -30.72 38.18 -6.89
CA ARG A 154 -29.37 37.77 -7.28
C ARG A 154 -28.44 37.68 -6.08
N ILE A 155 -28.77 38.35 -4.97
CA ILE A 155 -27.84 38.23 -3.84
C ILE A 155 -28.17 36.99 -3.01
N PHE A 156 -29.42 36.52 -2.97
CA PHE A 156 -29.64 35.22 -2.34
C PHE A 156 -29.24 34.10 -3.28
N THR A 157 -29.35 34.33 -4.58
CA THR A 157 -28.78 33.39 -5.55
C THR A 157 -27.26 33.31 -5.38
N PHE A 158 -26.63 34.44 -5.08
CA PHE A 158 -25.18 34.47 -4.90
C PHE A 158 -24.76 33.88 -3.56
N LEU A 159 -25.57 34.04 -2.51
CA LEU A 159 -25.19 33.49 -1.22
C LEU A 159 -25.51 32.02 -1.10
N SER A 160 -26.57 31.56 -1.77
CA SER A 160 -26.76 30.12 -1.91
C SER A 160 -25.72 29.52 -2.83
N PHE A 161 -25.28 30.30 -3.82
CA PHE A 161 -24.22 29.91 -4.75
C PHE A 161 -22.91 29.66 -4.00
N VAL A 162 -22.36 30.71 -3.38
CA VAL A 162 -21.11 30.60 -2.63
C VAL A 162 -21.30 29.69 -1.41
N SER A 163 -22.52 29.60 -0.88
CA SER A 163 -22.79 28.64 0.20
C SER A 163 -22.66 27.20 -0.28
N ASP A 164 -23.06 26.93 -1.53
CA ASP A 164 -22.80 25.62 -2.10
C ASP A 164 -21.32 25.41 -2.35
N GLU A 165 -20.59 26.49 -2.66
CA GLU A 165 -19.13 26.35 -2.74
C GLU A 165 -18.50 26.04 -1.39
N LEU A 166 -19.09 26.55 -0.30
CA LEU A 166 -18.63 26.17 1.02
C LEU A 166 -18.97 24.72 1.31
N ARG A 167 -20.12 24.26 0.80
CA ARG A 167 -20.51 22.86 0.98
C ARG A 167 -19.76 21.92 0.06
N LYS A 168 -19.05 22.42 -0.94
CA LYS A 168 -18.24 21.55 -1.79
C LYS A 168 -17.01 21.05 -1.05
N GLU A 169 -16.12 21.96 -0.67
CA GLU A 169 -14.78 21.60 -0.23
C GLU A 169 -14.61 21.70 1.29
N ASN A 170 -15.72 21.66 2.04
CA ASN A 170 -15.76 21.72 3.50
C ASN A 170 -15.09 23.00 4.02
N MET A 171 -15.75 24.12 3.75
CA MET A 171 -15.29 25.41 4.25
C MET A 171 -16.38 25.99 5.16
N PHE A 172 -16.31 25.61 6.44
CA PHE A 172 -17.21 26.11 7.47
C PHE A 172 -16.51 26.95 8.52
N THR A 173 -15.33 26.54 8.97
CA THR A 173 -14.50 27.39 9.82
C THR A 173 -13.52 28.21 8.98
N GLU A 174 -14.06 28.87 7.96
CA GLU A 174 -13.24 29.65 7.05
C GLU A 174 -13.85 31.00 6.71
N MET A 175 -15.15 31.21 6.95
CA MET A 175 -15.79 32.48 6.68
C MET A 175 -15.94 33.32 7.94
N TYR A 176 -15.09 33.09 8.94
CA TYR A 176 -15.19 33.76 10.22
C TYR A 176 -14.65 35.18 10.10
N VAL A 177 -15.49 36.17 10.43
CA VAL A 177 -15.01 37.53 10.62
C VAL A 177 -14.15 37.57 11.88
N THR A 178 -13.08 38.36 11.84
CA THR A 178 -12.14 38.43 12.96
C THR A 178 -12.80 38.96 14.22
N GLU A 179 -13.70 39.94 14.08
CA GLU A 179 -14.49 40.38 15.22
C GLU A 179 -15.63 39.42 15.53
N GLU A 180 -16.24 38.82 14.51
CA GLU A 180 -17.38 37.94 14.72
C GLU A 180 -17.58 36.97 13.56
N GLU A 184 -10.45 31.47 15.30
CA GLU A 184 -9.90 30.68 14.21
C GLU A 184 -8.37 30.68 14.23
N LEU A 185 -7.78 31.87 14.34
CA LEU A 185 -6.33 32.00 14.40
C LEU A 185 -5.79 31.90 15.82
N GLU A 186 -6.51 31.21 16.70
CA GLU A 186 -6.10 31.01 18.09
C GLU A 186 -6.27 29.54 18.44
N MET A 187 -5.17 28.88 18.78
CA MET A 187 -5.23 27.51 19.23
C MET A 187 -5.82 27.45 20.63
N TYR A 188 -6.51 26.34 20.92
CA TYR A 188 -7.13 26.13 22.23
C TYR A 188 -6.05 25.93 23.27
N LYS A 189 -5.75 26.99 24.02
CA LYS A 189 -4.70 27.00 25.02
C LYS A 189 -5.19 26.25 26.26
N SER A 190 -4.69 25.03 26.44
CA SER A 190 -5.15 24.17 27.52
C SER A 190 -4.38 24.48 28.81
N LYS A 191 -4.46 23.59 29.79
CA LYS A 191 -3.74 23.72 31.04
C LYS A 191 -2.52 22.80 31.12
N LEU A 192 -2.63 21.57 30.62
CA LEU A 192 -1.58 20.57 30.79
C LEU A 192 -0.58 20.56 29.65
N PHE A 193 -0.97 21.00 28.46
CA PHE A 193 -0.02 21.06 27.35
C PHE A 193 0.96 22.21 27.50
N ILE A 194 0.54 23.31 28.13
CA ILE A 194 1.39 24.48 28.21
C ILE A 194 2.54 24.26 29.19
N ALA A 195 2.39 23.36 30.15
CA ALA A 195 3.50 22.93 30.96
C ALA A 195 4.24 21.75 30.35
N MET A 196 3.64 21.09 29.36
CA MET A 196 4.29 20.03 28.61
C MET A 196 5.24 20.57 27.55
N ARG A 197 4.81 21.63 26.86
CA ARG A 197 5.65 22.21 25.82
C ARG A 197 6.83 22.96 26.44
N ASP A 198 6.66 23.56 27.61
CA ASP A 198 7.77 24.19 28.30
C ASP A 198 8.72 23.19 28.95
N GLU A 199 8.28 21.97 29.21
CA GLU A 199 9.13 20.99 29.89
C GLU A 199 10.09 20.29 28.92
N SER A 200 9.68 20.09 27.67
CA SER A 200 10.50 19.40 26.69
C SER A 200 11.31 20.36 25.83
N VAL A 201 11.67 21.52 26.37
CA VAL A 201 12.52 22.48 25.66
C VAL A 201 13.96 21.99 25.83
N PRO A 202 14.92 22.44 25.02
CA PRO A 202 16.32 22.06 25.25
C PRO A 202 16.86 22.64 26.55
N LEU A 203 17.99 22.09 26.97
CA LEU A 203 18.61 22.34 28.27
C LEU A 203 19.07 23.78 28.53
N PRO A 204 19.62 24.54 27.58
CA PRO A 204 19.91 25.96 27.89
C PRO A 204 18.70 26.88 27.87
N TYR A 205 17.48 26.36 27.84
CA TYR A 205 16.29 27.20 27.69
C TYR A 205 15.32 26.97 28.83
N ILE A 206 14.53 28.00 29.12
CA ILE A 206 13.62 28.01 30.25
C ILE A 206 12.21 27.60 29.82
N ASN A 207 11.65 28.30 28.85
CA ASN A 207 10.31 28.04 28.36
C ASN A 207 10.30 28.11 26.84
N TYR A 208 9.13 27.81 26.27
CA TYR A 208 8.95 27.87 24.83
C TYR A 208 8.95 29.31 24.32
N GLU A 209 8.64 30.28 25.19
CA GLU A 209 8.60 31.68 24.78
C GLU A 209 9.99 32.22 24.50
N HIS A 210 10.93 32.00 25.42
CA HIS A 210 12.30 32.46 25.23
C HIS A 210 12.98 31.74 24.07
N LEU A 211 12.65 30.46 23.90
CA LEU A 211 13.15 29.70 22.76
C LEU A 211 12.62 30.25 21.45
N ARG A 212 11.34 30.63 21.42
CA ARG A 212 10.74 31.13 20.19
C ARG A 212 11.26 32.53 19.86
N THR A 213 11.46 33.37 20.88
CA THR A 213 12.01 34.69 20.64
C THR A 213 13.48 34.63 20.23
N ARG A 214 14.21 33.62 20.69
CA ARG A 214 15.57 33.45 20.19
C ARG A 214 15.58 32.88 18.77
N CYS A 215 14.63 32.01 18.45
CA CYS A 215 14.57 31.45 17.10
C CYS A 215 14.12 32.50 16.08
N GLU A 216 13.29 33.46 16.50
CA GLU A 216 12.91 34.53 15.59
C GLU A 216 13.99 35.59 15.45
N THR A 217 14.95 35.64 16.38
CA THR A 217 16.01 36.64 16.35
C THR A 217 17.38 35.99 16.29
N PHE A 218 17.54 34.97 15.45
CA PHE A 218 18.82 34.29 15.30
C PHE A 218 19.48 34.68 13.98
N LYS A 219 20.78 34.97 14.05
CA LYS A 219 21.61 35.15 12.88
C LYS A 219 22.81 34.23 13.01
N ARG A 220 23.25 33.65 11.89
CA ARG A 220 24.38 32.74 11.92
C ARG A 220 25.68 33.50 12.13
N ASN A 221 26.70 32.78 12.57
CA ASN A 221 28.01 33.37 12.84
C ASN A 221 29.06 32.51 12.14
N GLN A 222 30.29 33.00 12.12
CA GLN A 222 31.41 32.29 11.53
C GLN A 222 32.20 31.50 12.56
N ALA A 223 31.66 31.34 13.77
CA ALA A 223 32.22 30.43 14.76
C ALA A 223 31.75 29.00 14.54
N GLU A 224 30.94 28.77 13.50
CA GLU A 224 30.54 27.43 13.11
C GLU A 224 31.73 26.59 12.68
N CYS A 225 32.64 27.18 11.91
CA CYS A 225 33.81 26.47 11.44
C CYS A 225 34.80 26.16 12.56
N GLU A 226 34.72 26.88 13.68
CA GLU A 226 35.53 26.53 14.84
C GLU A 226 35.06 25.21 15.44
N ALA A 227 33.74 24.99 15.48
CA ALA A 227 33.22 23.70 15.91
C ALA A 227 33.42 22.63 14.85
N LYS A 228 33.47 23.03 13.57
CA LYS A 228 33.65 22.06 12.49
C LYS A 228 35.07 21.51 12.47
N VAL A 229 36.07 22.41 12.45
CA VAL A 229 37.46 21.99 12.52
C VAL A 229 37.79 21.42 13.90
N ALA A 230 37.10 21.92 14.94
CA ALA A 230 37.19 21.31 16.26
C ALA A 230 36.63 19.90 16.29
N ASP A 231 35.76 19.55 15.35
CA ASP A 231 35.37 18.16 15.15
C ASP A 231 36.38 17.43 14.27
N VAL A 232 37.06 18.14 13.37
CA VAL A 232 38.08 17.53 12.52
C VAL A 232 39.27 17.05 13.34
N ALA A 233 39.63 17.77 14.41
CA ALA A 233 40.83 17.44 15.17
C ALA A 233 40.68 16.14 15.95
N SER A 234 39.55 15.93 16.61
CA SER A 234 39.34 14.72 17.41
C SER A 234 38.58 13.66 16.61
N ARG A 235 39.19 13.24 15.50
CA ARG A 235 38.53 12.30 14.59
C ARG A 235 39.25 10.97 14.49
N LEU A 236 40.53 10.97 14.10
CA LEU A 236 41.37 9.78 13.91
C LEU A 236 40.75 8.80 12.91
N LYS A 237 40.57 9.28 11.68
CA LYS A 237 39.96 8.49 10.61
C LYS A 237 40.65 8.77 9.30
N ILE A 238 41.02 7.71 8.57
CA ILE A 238 41.61 7.82 7.24
C ILE A 238 40.88 6.87 6.31
N LYS A 239 40.73 7.27 5.05
CA LYS A 239 40.25 6.36 4.03
C LYS A 239 41.34 5.34 3.69
N LEU A 240 40.92 4.19 3.17
CA LEU A 240 41.84 3.13 2.79
C LEU A 240 41.72 2.90 1.29
N GLU A 241 42.83 3.10 0.58
CA GLU A 241 42.84 2.89 -0.87
C GLU A 241 42.96 1.41 -1.20
N HIS A 242 43.05 1.12 -2.50
CA HIS A 242 43.07 -0.25 -2.98
C HIS A 242 44.26 -0.58 -3.86
N LEU A 243 44.95 0.41 -4.41
CA LEU A 243 46.09 0.11 -5.26
C LEU A 243 47.32 -0.30 -4.46
N GLU A 244 47.38 0.08 -3.18
CA GLU A 244 48.53 -0.18 -2.33
C GLU A 244 48.25 -1.11 -1.16
N GLU A 245 47.00 -1.23 -0.72
CA GLU A 245 46.65 -2.04 0.43
C GLU A 245 45.42 -2.90 0.12
N ASN A 246 45.49 -3.60 -1.02
CA ASN A 246 44.41 -4.46 -1.49
C ASN A 246 44.28 -5.73 -0.66
N LYS A 247 43.71 -5.57 0.54
CA LYS A 247 43.57 -6.63 1.51
C LYS A 247 42.27 -7.40 1.36
N LEU A 248 41.75 -7.51 0.13
CA LEU A 248 40.51 -8.25 -0.14
C LEU A 248 40.82 -9.75 0.00
N ARG A 249 40.82 -10.20 1.24
CA ARG A 249 41.25 -11.53 1.62
C ARG A 249 40.13 -12.54 1.39
N PRO A 250 40.47 -13.82 1.21
CA PRO A 250 39.43 -14.85 1.12
C PRO A 250 38.72 -15.05 2.45
N LEU A 251 37.50 -15.55 2.36
CA LEU A 251 36.62 -15.65 3.52
C LEU A 251 37.05 -16.82 4.40
N GLU A 252 36.59 -16.77 5.65
CA GLU A 252 36.90 -17.82 6.62
C GLU A 252 35.76 -18.83 6.60
N ILE A 253 35.89 -19.81 5.71
CA ILE A 253 35.00 -20.98 5.74
C ILE A 253 35.27 -21.77 7.01
N PRO A 254 34.23 -22.15 7.77
CA PRO A 254 34.48 -22.93 8.99
C PRO A 254 34.98 -24.33 8.66
N LYS A 255 36.10 -24.69 9.27
CA LYS A 255 36.69 -26.02 9.10
C LYS A 255 36.09 -26.93 10.17
N GLU A 256 34.88 -27.39 9.90
CA GLU A 256 34.10 -28.16 10.86
C GLU A 256 33.43 -29.31 10.12
N LYS A 257 32.43 -29.91 10.76
CA LYS A 257 31.70 -31.03 10.17
C LYS A 257 30.91 -30.56 8.95
N GLU A 258 30.91 -31.38 7.91
CA GLU A 258 30.30 -31.05 6.63
C GLU A 258 28.79 -30.91 6.76
N ALA A 259 28.23 -29.91 6.06
CA ALA A 259 26.80 -29.70 6.09
C ALA A 259 26.08 -30.82 5.34
N PRO A 260 25.02 -31.37 5.92
CA PRO A 260 24.36 -32.54 5.31
C PRO A 260 23.41 -32.13 4.21
N TYR A 261 22.86 -33.15 3.55
CA TYR A 261 21.85 -32.93 2.52
C TYR A 261 20.56 -32.49 3.20
N THR A 262 20.21 -31.21 3.00
CA THR A 262 19.21 -30.55 3.82
C THR A 262 17.90 -30.26 3.07
N HIS A 263 17.78 -30.72 1.83
CA HIS A 263 16.56 -30.47 1.08
C HIS A 263 15.43 -31.33 1.63
N LYS A 264 14.19 -30.83 1.49
CA LYS A 264 13.03 -31.54 2.00
C LYS A 264 12.80 -32.86 1.29
N PHE A 265 13.12 -32.92 0.00
CA PHE A 265 12.95 -34.10 -0.82
C PHE A 265 14.31 -34.58 -1.31
N LEU A 266 14.29 -35.58 -2.19
CA LEU A 266 15.48 -36.09 -2.84
C LEU A 266 15.47 -35.69 -4.30
N MET A 267 16.62 -35.24 -4.80
CA MET A 267 16.73 -34.86 -6.20
C MET A 267 17.40 -35.95 -7.03
N LYS A 268 18.64 -36.27 -6.72
CA LYS A 268 19.44 -37.16 -7.56
C LYS A 268 19.36 -38.61 -7.11
N ASP A 269 19.07 -38.86 -5.84
CA ASP A 269 19.09 -40.21 -5.29
C ASP A 269 17.71 -40.85 -5.30
N ALA A 270 16.89 -40.53 -6.28
CA ALA A 270 15.53 -41.04 -6.35
C ALA A 270 15.41 -42.15 -7.37
N TRP A 271 14.45 -43.05 -7.13
CA TRP A 271 14.07 -44.05 -8.10
C TRP A 271 12.55 -44.07 -8.18
N PHE A 272 12.03 -44.26 -9.39
CA PHE A 272 10.60 -44.11 -9.64
C PHE A 272 10.10 -45.29 -10.47
N PHE A 273 8.78 -45.40 -10.53
CA PHE A 273 8.09 -46.43 -11.29
C PHE A 273 7.06 -45.75 -12.19
N ALA A 274 6.96 -46.23 -13.42
CA ALA A 274 6.10 -45.60 -14.42
C ALA A 274 4.93 -46.52 -14.76
N LYS A 275 3.81 -45.89 -15.12
CA LYS A 275 2.68 -46.59 -15.71
C LYS A 275 1.98 -45.60 -16.62
N PRO A 276 1.20 -46.07 -17.60
CA PRO A 276 0.38 -45.15 -18.39
C PRO A 276 -0.73 -44.54 -17.55
N HIS A 277 -0.89 -43.22 -17.68
CA HIS A 277 -1.82 -42.47 -16.86
C HIS A 277 -3.23 -42.56 -17.42
N ASP A 278 -4.20 -42.69 -16.51
CA ASP A 278 -5.61 -42.76 -16.86
C ASP A 278 -6.29 -41.43 -16.57
N SER A 279 -7.27 -41.10 -17.40
CA SER A 279 -7.98 -39.84 -17.24
C SER A 279 -8.99 -39.88 -16.09
N GLU A 280 -9.66 -41.02 -15.89
CA GLU A 280 -10.62 -41.13 -14.81
C GLU A 280 -9.92 -41.30 -13.46
N ARG A 281 -8.92 -42.17 -13.42
CA ARG A 281 -8.15 -42.40 -12.20
C ARG A 281 -7.20 -41.21 -12.06
N ALA A 282 -7.60 -40.24 -11.25
CA ALA A 282 -6.90 -38.96 -11.19
C ALA A 282 -6.72 -38.39 -9.79
N GLN A 283 -7.55 -38.75 -8.81
CA GLN A 283 -7.36 -38.26 -7.45
C GLN A 283 -6.13 -38.93 -6.83
N PRO A 284 -5.48 -38.27 -5.86
CA PRO A 284 -4.21 -38.82 -5.34
C PRO A 284 -4.34 -40.13 -4.60
N GLN A 285 -5.49 -40.39 -3.98
CA GLN A 285 -5.73 -41.71 -3.41
C GLN A 285 -5.92 -42.74 -4.51
N GLN A 286 -6.51 -42.35 -5.65
CA GLN A 286 -6.67 -43.28 -6.76
C GLN A 286 -5.33 -43.61 -7.40
N ILE A 287 -4.43 -42.62 -7.50
CA ILE A 287 -3.09 -42.86 -8.04
C ILE A 287 -2.26 -43.65 -7.03
N LEU A 288 -2.51 -43.44 -5.74
CA LEU A 288 -1.85 -44.22 -4.70
C LEU A 288 -2.27 -45.69 -4.75
N TYR A 289 -3.52 -45.96 -5.10
CA TYR A 289 -3.98 -47.34 -5.16
C TYR A 289 -3.55 -48.00 -6.46
N ASP A 290 -3.66 -47.26 -7.58
CA ASP A 290 -3.23 -47.78 -8.88
C ASP A 290 -1.74 -48.05 -8.93
N PHE A 291 -0.93 -47.23 -8.26
CA PHE A 291 0.46 -47.59 -8.03
C PHE A 291 0.64 -48.56 -6.88
N PHE A 292 -0.37 -48.81 -6.06
CA PHE A 292 -0.22 -49.92 -5.13
C PHE A 292 -0.34 -51.26 -5.85
N GLU A 293 -1.20 -51.35 -6.87
CA GLU A 293 -1.16 -52.56 -7.69
C GLU A 293 -0.03 -52.52 -8.71
N ALA A 294 0.39 -51.32 -9.14
CA ALA A 294 1.43 -51.21 -10.16
C ALA A 294 2.82 -51.43 -9.56
N ALA A 295 3.21 -50.59 -8.60
CA ALA A 295 4.44 -50.84 -7.84
C ALA A 295 4.13 -51.90 -6.78
N ASN A 296 4.80 -53.04 -6.90
CA ASN A 296 4.49 -54.20 -6.08
C ASN A 296 5.02 -54.00 -4.65
N MET A 297 4.10 -53.79 -3.71
CA MET A 297 4.47 -53.72 -2.32
C MET A 297 4.51 -55.08 -1.64
N GLY A 298 4.08 -56.14 -2.33
CA GLY A 298 4.26 -57.47 -1.80
C GLY A 298 5.70 -57.91 -1.79
N PHE A 299 6.51 -57.34 -2.68
CA PHE A 299 7.95 -57.56 -2.69
C PHE A 299 8.71 -56.48 -1.94
N MET A 300 8.00 -55.71 -1.10
CA MET A 300 8.62 -54.63 -0.34
C MET A 300 8.85 -55.14 1.09
N THR A 301 9.87 -55.98 1.22
CA THR A 301 10.23 -56.60 2.49
C THR A 301 11.38 -55.82 3.13
N THR A 302 11.16 -55.33 4.34
CA THR A 302 12.13 -54.50 5.04
C THR A 302 12.66 -55.25 6.26
N SER A 303 13.97 -55.20 6.45
CA SER A 303 14.58 -55.80 7.63
C SER A 303 14.34 -54.91 8.85
N PRO A 304 14.18 -55.50 10.04
CA PRO A 304 13.98 -54.68 11.25
C PRO A 304 15.24 -54.00 11.74
N LYS A 305 16.42 -54.34 11.20
CA LYS A 305 17.66 -53.69 11.58
C LYS A 305 18.05 -52.69 10.50
N PRO A 306 18.10 -51.39 10.79
CA PRO A 306 18.54 -50.43 9.79
C PRO A 306 20.04 -50.49 9.57
N ILE A 307 20.47 -49.90 8.46
CA ILE A 307 21.90 -49.82 8.17
C ILE A 307 22.57 -48.83 9.13
N PHE A 308 22.02 -47.63 9.24
CA PHE A 308 22.45 -46.67 10.24
C PHE A 308 21.26 -45.79 10.60
N GLY A 309 21.45 -44.93 11.59
CA GLY A 309 20.37 -44.10 12.10
C GLY A 309 20.11 -44.29 13.58
N LYS A 310 18.93 -43.89 14.04
CA LYS A 310 18.57 -43.99 15.44
C LYS A 310 17.37 -44.90 15.69
N GLN A 311 16.26 -44.66 15.01
CA GLN A 311 15.00 -45.36 15.27
C GLN A 311 14.66 -46.26 14.10
N GLY A 312 14.68 -47.56 14.33
CA GLY A 312 14.39 -48.50 13.26
C GLY A 312 13.06 -49.20 13.38
N LEU A 313 12.64 -49.49 14.62
CA LEU A 313 11.45 -50.30 14.83
C LEU A 313 10.17 -49.54 14.52
N MET A 314 10.12 -48.26 14.88
CA MET A 314 8.93 -47.46 14.61
C MET A 314 8.75 -47.20 13.13
N TYR A 315 9.85 -47.08 12.38
CA TYR A 315 9.76 -46.97 10.94
C TYR A 315 9.35 -48.30 10.30
N HIS A 316 9.73 -49.41 10.93
CA HIS A 316 9.38 -50.72 10.40
C HIS A 316 7.88 -51.01 10.58
N SER A 317 7.39 -50.85 11.81
CA SER A 317 5.96 -51.05 12.07
C SER A 317 5.12 -49.97 11.43
N LEU A 318 5.67 -48.78 11.25
CA LEU A 318 4.97 -47.72 10.56
C LEU A 318 4.85 -48.02 9.07
N TRP A 319 5.91 -48.59 8.48
CA TRP A 319 5.87 -48.91 7.06
C TRP A 319 4.99 -50.12 6.78
N GLY A 320 5.03 -51.13 7.64
CA GLY A 320 4.11 -52.25 7.49
C GLY A 320 2.67 -51.85 7.77
N GLN A 321 2.48 -50.92 8.71
CA GLN A 321 1.14 -50.45 9.05
C GLN A 321 0.53 -49.63 7.91
N THR A 322 1.32 -48.75 7.29
CA THR A 322 0.79 -48.04 6.13
C THR A 322 0.72 -48.95 4.91
N LYS A 323 1.48 -50.04 4.89
CA LYS A 323 1.40 -50.99 3.78
C LYS A 323 0.09 -51.76 3.82
N ARG A 324 -0.31 -52.23 5.01
CA ARG A 324 -1.62 -52.84 5.13
C ARG A 324 -2.75 -51.79 5.13
N ALA A 325 -2.42 -50.52 5.36
CA ALA A 325 -3.44 -49.48 5.26
C ALA A 325 -3.80 -49.20 3.80
N ILE A 326 -2.78 -49.08 2.93
CA ILE A 326 -3.06 -48.88 1.51
C ILE A 326 -3.53 -50.19 0.89
N LYS A 327 -3.15 -51.32 1.48
CA LYS A 327 -3.68 -52.62 1.04
C LYS A 327 -5.19 -52.71 1.23
N ASP A 328 -5.71 -52.11 2.31
CA ASP A 328 -7.14 -52.03 2.51
C ASP A 328 -7.78 -50.87 1.78
N LYS A 329 -6.98 -50.11 1.01
CA LYS A 329 -7.43 -49.05 0.11
C LYS A 329 -8.18 -47.95 0.86
N ARG A 330 -7.65 -47.58 2.02
CA ARG A 330 -8.19 -46.46 2.78
C ARG A 330 -7.03 -45.72 3.42
N ASN A 331 -7.01 -44.41 3.24
CA ASN A 331 -5.86 -43.60 3.60
C ASN A 331 -6.10 -42.86 4.92
N GLU A 332 -6.12 -43.63 6.00
CA GLU A 332 -6.29 -43.06 7.34
C GLU A 332 -5.75 -44.06 8.35
N LEU A 333 -4.68 -43.69 9.05
CA LEU A 333 -4.03 -44.61 9.97
C LEU A 333 -4.77 -44.67 11.30
N GLU A 334 -5.02 -45.90 11.76
CA GLU A 334 -5.63 -46.13 13.07
C GLU A 334 -4.65 -45.73 14.17
N PRO A 335 -5.16 -45.18 15.28
CA PRO A 335 -4.26 -44.68 16.34
C PRO A 335 -3.55 -45.79 17.08
N SER A 336 -2.23 -45.81 16.96
CA SER A 336 -1.37 -46.68 17.73
C SER A 336 -0.17 -45.86 18.19
N GLU A 337 0.77 -46.51 18.89
CA GLU A 337 1.88 -45.80 19.51
C GLU A 337 2.89 -45.27 18.49
N GLN A 338 2.91 -45.84 17.29
CA GLN A 338 3.85 -45.39 16.26
C GLN A 338 3.49 -43.99 15.77
N ARG A 339 2.24 -43.78 15.35
CA ARG A 339 1.81 -42.44 14.98
C ARG A 339 1.64 -41.53 16.19
N ASP A 340 1.39 -42.09 17.38
CA ASP A 340 1.36 -41.28 18.59
C ASP A 340 2.76 -40.83 19.00
N PHE A 341 3.80 -41.46 18.48
CA PHE A 341 5.19 -41.09 18.77
C PHE A 341 5.84 -40.29 17.67
N LEU A 342 5.55 -40.59 16.39
CA LEU A 342 6.27 -39.95 15.30
C LEU A 342 5.74 -38.55 14.99
N CYS A 343 4.50 -38.45 14.52
CA CYS A 343 3.88 -37.14 14.37
C CYS A 343 3.44 -36.70 15.76
N GLY A 344 3.80 -35.48 16.13
CA GLY A 344 3.67 -35.00 17.50
C GLY A 344 2.27 -35.01 18.06
N ILE A 345 1.97 -36.05 18.83
CA ILE A 345 0.67 -36.23 19.46
C ILE A 345 0.89 -36.24 20.96
N GLY A 346 0.45 -35.19 21.63
CA GLY A 346 0.69 -35.03 23.05
C GLY A 346 2.05 -34.46 23.41
N ARG A 347 2.81 -34.01 22.42
CA ARG A 347 4.17 -33.50 22.63
C ARG A 347 4.11 -31.99 22.44
N ALA A 348 3.79 -31.29 23.53
CA ALA A 348 3.70 -29.83 23.52
C ALA A 348 3.85 -29.34 24.96
N SER A 349 4.21 -28.07 25.08
CA SER A 349 4.40 -27.48 26.40
C SER A 349 3.06 -27.07 27.00
N LYS A 350 2.92 -27.30 28.30
CA LYS A 350 1.71 -26.91 29.01
C LYS A 350 1.73 -25.40 29.23
N LYS A 351 0.97 -24.67 28.42
CA LYS A 351 0.96 -23.22 28.44
C LYS A 351 0.15 -22.76 29.64
N ILE A 352 0.84 -22.31 30.69
CA ILE A 352 0.22 -21.91 31.95
C ILE A 352 0.23 -20.39 32.03
N GLN A 353 -0.95 -19.80 32.19
CA GLN A 353 -1.07 -18.36 32.30
C GLN A 353 -0.70 -17.90 33.70
N GLU A 354 -0.68 -16.59 33.91
CA GLU A 354 -0.27 -16.02 35.19
C GLU A 354 -1.52 -15.75 36.03
N ASP A 355 -2.09 -16.85 36.51
CA ASP A 355 -3.19 -16.83 37.46
C ASP A 355 -2.89 -17.58 38.75
N LYS A 356 -2.24 -18.74 38.64
CA LYS A 356 -1.72 -19.48 39.77
C LYS A 356 -0.36 -20.03 39.38
N TRP A 357 0.53 -20.12 40.37
CA TRP A 357 1.88 -20.56 40.11
C TRP A 357 2.27 -21.81 40.91
N GLN A 358 1.51 -22.13 41.97
CA GLN A 358 1.73 -23.25 42.91
C GLN A 358 3.20 -23.35 43.35
N GLU A 359 3.58 -22.31 44.11
CA GLU A 359 4.95 -22.10 44.56
C GLU A 359 5.47 -23.28 45.39
N SER A 360 6.80 -23.45 45.33
CA SER A 360 7.45 -24.58 45.97
C SER A 360 8.87 -24.18 46.34
N ARG A 361 9.40 -24.82 47.37
CA ARG A 361 10.78 -24.61 47.81
C ARG A 361 11.69 -25.34 46.82
N GLU A 362 12.06 -24.63 45.75
CA GLU A 362 13.07 -25.06 44.76
C GLU A 362 12.68 -26.37 44.07
N GLU A 363 11.41 -26.51 43.71
CA GLU A 363 10.91 -27.66 42.98
C GLU A 363 10.32 -27.19 41.66
N GLU A 364 10.72 -27.84 40.57
CA GLU A 364 10.53 -27.38 39.19
C GLU A 364 11.02 -25.94 39.03
N PHE A 365 12.31 -25.74 39.27
CA PHE A 365 12.91 -24.43 39.12
C PHE A 365 12.98 -24.06 37.65
N LYS A 366 12.12 -23.14 37.23
CA LYS A 366 11.96 -22.81 35.82
C LYS A 366 12.75 -21.55 35.48
N GLN A 367 13.23 -21.51 34.24
CA GLN A 367 13.92 -20.36 33.69
C GLN A 367 13.85 -20.45 32.17
N GLU A 368 14.68 -19.66 31.49
CA GLU A 368 14.72 -19.66 30.03
C GLU A 368 16.16 -19.73 29.58
N GLU A 369 16.34 -20.23 28.35
CA GLU A 369 17.67 -20.43 27.78
C GLU A 369 17.57 -20.43 26.26
N THR A 370 18.46 -19.69 25.62
CA THR A 370 18.59 -19.71 24.17
C THR A 370 20.05 -20.00 23.80
N LYS A 371 20.24 -20.61 22.65
CA LYS A 371 21.57 -20.97 22.18
C LYS A 371 21.94 -20.29 20.86
N GLY A 372 21.11 -20.41 19.85
CA GLY A 372 21.44 -19.88 18.54
C GLY A 372 21.37 -20.93 17.46
N ALA A 373 22.36 -20.96 16.58
CA ALA A 373 22.40 -21.92 15.49
C ALA A 373 23.73 -22.67 15.51
N ALA A 374 23.68 -23.93 15.08
CA ALA A 374 24.88 -24.75 15.00
C ALA A 374 25.62 -24.48 13.69
N LYS A 375 26.94 -24.52 13.76
CA LYS A 375 27.81 -24.21 12.63
C LYS A 375 28.33 -25.48 11.99
N ARG A 376 28.44 -25.48 10.66
CA ARG A 376 28.93 -26.64 9.93
C ARG A 376 30.07 -26.27 8.97
N GLY A 377 30.43 -27.20 8.09
CA GLY A 377 31.54 -26.96 7.17
C GLY A 377 31.14 -27.04 5.70
N PHE A 378 32.13 -26.99 4.82
CA PHE A 378 31.90 -26.88 3.38
C PHE A 378 31.42 -28.21 2.80
N PRO A 379 30.31 -28.22 2.09
CA PRO A 379 29.85 -29.45 1.44
C PRO A 379 30.53 -29.67 0.10
N THR A 380 30.86 -30.94 -0.17
CA THR A 380 31.50 -31.33 -1.41
C THR A 380 30.59 -32.13 -2.34
N TRP A 381 29.41 -32.54 -1.87
CA TRP A 381 28.45 -33.28 -2.68
C TRP A 381 27.58 -32.38 -3.54
N PHE A 382 27.78 -31.07 -3.52
CA PHE A 382 26.85 -30.14 -4.13
C PHE A 382 27.13 -29.92 -5.61
N ASN A 383 28.39 -30.07 -6.03
CA ASN A 383 28.74 -29.88 -7.43
C ASN A 383 28.16 -30.99 -8.29
N GLU A 384 28.12 -32.22 -7.76
CA GLU A 384 27.57 -33.34 -8.53
C GLU A 384 26.07 -33.19 -8.72
N GLU A 385 25.37 -32.55 -7.78
CA GLU A 385 23.96 -32.29 -7.96
C GLU A 385 23.71 -31.05 -8.81
N TRP A 386 24.69 -30.14 -8.86
CA TRP A 386 24.59 -29.02 -9.79
C TRP A 386 24.71 -29.51 -11.23
N LEU A 387 25.76 -30.32 -11.49
CA LEU A 387 25.98 -30.84 -12.83
C LEU A 387 24.92 -31.86 -13.21
N TRP A 388 24.42 -32.62 -12.23
CA TRP A 388 23.28 -33.48 -12.48
C TRP A 388 22.04 -32.65 -12.78
N ALA A 389 21.93 -31.49 -12.14
CA ALA A 389 20.72 -30.69 -12.25
C ALA A 389 20.57 -29.99 -13.60
N MET A 390 21.66 -29.82 -14.35
CA MET A 390 21.57 -29.20 -15.66
C MET A 390 21.79 -30.19 -16.80
N ARG A 391 21.86 -31.48 -16.48
CA ARG A 391 21.98 -32.52 -17.49
C ARG A 391 20.60 -33.04 -17.85
N ASP A 392 20.39 -33.25 -19.14
CA ASP A 392 19.12 -33.84 -19.60
C ASP A 392 19.06 -35.31 -19.20
N SER A 393 17.85 -35.79 -18.96
CA SER A 393 17.62 -37.16 -18.53
C SER A 393 17.79 -38.14 -19.69
N LYS A 399 13.61 -41.89 -21.96
CA LYS A 399 13.57 -40.51 -22.40
C LYS A 399 12.19 -39.90 -22.20
N ILE A 400 12.07 -39.06 -21.19
CA ILE A 400 10.81 -38.44 -20.80
C ILE A 400 10.86 -36.98 -21.25
N GLY A 401 9.75 -36.48 -21.79
CA GLY A 401 9.74 -35.14 -22.35
C GLY A 401 9.32 -34.07 -21.35
N ASP A 402 8.13 -33.51 -21.54
CA ASP A 402 7.72 -32.35 -20.76
C ASP A 402 7.37 -32.74 -19.32
N TRP A 403 7.79 -31.91 -18.38
CA TRP A 403 7.46 -32.08 -16.97
C TRP A 403 6.48 -31.03 -16.48
N ILE A 404 6.76 -29.76 -16.75
CA ILE A 404 5.97 -28.67 -16.17
C ILE A 404 4.71 -28.49 -16.99
N PRO A 405 3.54 -28.49 -16.36
CA PRO A 405 2.33 -28.13 -17.09
C PRO A 405 2.28 -26.65 -17.40
N MET A 406 2.80 -26.24 -18.55
CA MET A 406 2.69 -24.85 -18.99
C MET A 406 1.51 -24.69 -19.96
N ALA A 407 0.99 -23.47 -20.02
CA ALA A 407 -0.15 -23.18 -20.87
C ALA A 407 0.28 -22.96 -22.32
N GLU A 408 -0.66 -22.50 -23.14
CA GLU A 408 -0.46 -22.41 -24.58
C GLU A 408 0.05 -21.04 -24.98
N MET A 409 0.31 -20.88 -26.27
CA MET A 409 0.76 -19.62 -26.82
C MET A 409 -0.41 -18.86 -27.40
N PRO A 410 -0.54 -17.56 -27.12
CA PRO A 410 -1.59 -16.76 -27.76
C PRO A 410 -1.26 -16.52 -29.23
N PRO A 411 -2.27 -16.23 -30.05
CA PRO A 411 -2.00 -15.93 -31.46
C PRO A 411 -1.30 -14.60 -31.62
N CYS A 412 -0.37 -14.55 -32.57
CA CYS A 412 0.53 -13.42 -32.74
C CYS A 412 0.10 -12.51 -33.87
N LYS A 413 0.44 -11.24 -33.74
CA LYS A 413 0.25 -10.25 -34.79
C LYS A 413 1.52 -10.13 -35.62
N ASN A 414 1.61 -9.09 -36.44
CA ASN A 414 2.83 -8.74 -37.15
C ASN A 414 3.78 -7.87 -36.33
N GLU A 415 3.61 -7.87 -35.01
CA GLU A 415 4.39 -7.09 -34.07
C GLU A 415 5.65 -7.85 -33.70
N MET A 416 6.29 -7.46 -32.59
CA MET A 416 7.36 -8.16 -31.92
C MET A 416 6.91 -9.45 -31.21
N GLU A 417 5.66 -9.89 -31.40
CA GLU A 417 5.19 -11.15 -30.85
C GLU A 417 5.86 -12.35 -31.50
N ASP A 418 6.44 -12.17 -32.68
CA ASP A 418 7.30 -13.20 -33.26
C ASP A 418 8.59 -13.32 -32.47
N TYR A 419 9.11 -12.20 -31.96
CA TYR A 419 10.32 -12.22 -31.15
C TYR A 419 10.05 -12.83 -29.78
N ALA A 420 9.05 -12.34 -29.07
CA ALA A 420 8.74 -12.86 -27.74
C ALA A 420 8.21 -14.28 -27.80
N LYS A 421 7.47 -14.61 -28.87
CA LYS A 421 7.08 -15.99 -29.11
C LYS A 421 8.30 -16.86 -29.38
N LYS A 422 9.29 -16.32 -30.11
CA LYS A 422 10.50 -17.09 -30.39
C LYS A 422 11.29 -17.35 -29.12
N MET A 423 11.36 -16.36 -28.23
CA MET A 423 12.09 -16.53 -26.98
C MET A 423 11.37 -17.49 -26.05
N CYS A 424 10.04 -17.41 -26.00
CA CYS A 424 9.28 -18.35 -25.18
C CYS A 424 9.35 -19.76 -25.72
N GLU A 425 9.36 -19.93 -27.05
CA GLU A 425 9.41 -21.27 -27.62
C GLU A 425 10.78 -21.89 -27.48
N GLU A 426 11.85 -21.11 -27.66
CA GLU A 426 13.18 -21.70 -27.53
C GLU A 426 13.54 -21.95 -26.08
N LEU A 427 13.30 -20.95 -25.21
CA LEU A 427 13.63 -21.12 -23.80
C LEU A 427 12.73 -22.18 -23.16
N GLU A 428 11.43 -22.15 -23.49
CA GLU A 428 10.51 -23.19 -23.03
C GLU A 428 10.90 -24.56 -23.56
N SER A 429 11.35 -24.63 -24.81
CA SER A 429 11.77 -25.90 -25.38
C SER A 429 13.05 -26.42 -24.74
N LYS A 430 13.86 -25.55 -24.15
CA LYS A 430 15.07 -26.03 -23.49
C LYS A 430 14.87 -26.35 -22.02
N ILE A 431 13.94 -25.68 -21.32
CA ILE A 431 13.82 -25.89 -19.88
C ILE A 431 12.97 -27.09 -19.50
N GLN A 432 12.17 -27.62 -20.44
CA GLN A 432 11.25 -28.69 -20.10
C GLN A 432 11.93 -30.04 -19.95
N GLY A 433 13.15 -30.21 -20.46
CA GLY A 433 13.76 -31.53 -20.46
C GLY A 433 14.65 -31.78 -19.28
N THR A 434 15.02 -30.71 -18.57
CA THR A 434 15.98 -30.83 -17.49
C THR A 434 15.35 -31.52 -16.29
N ASN A 435 16.22 -32.05 -15.43
CA ASN A 435 15.76 -32.71 -14.21
C ASN A 435 15.20 -31.71 -13.22
N CYS A 436 15.59 -30.44 -13.34
CA CYS A 436 15.00 -29.38 -12.53
C CYS A 436 13.51 -29.23 -12.80
N ALA A 437 13.08 -29.45 -14.05
CA ALA A 437 11.67 -29.44 -14.37
C ALA A 437 10.94 -30.60 -13.70
N ARG A 438 11.61 -31.75 -13.60
CA ARG A 438 11.06 -32.88 -12.87
C ARG A 438 10.95 -32.57 -11.38
N GLU A 439 11.95 -31.87 -10.83
CA GLU A 439 11.90 -31.54 -9.41
C GLU A 439 10.82 -30.50 -9.13
N MET A 440 10.65 -29.53 -10.02
CA MET A 440 9.61 -28.52 -9.81
C MET A 440 8.23 -29.13 -9.97
N SER A 441 8.08 -30.10 -10.88
CA SER A 441 6.82 -30.82 -10.98
C SER A 441 6.57 -31.66 -9.72
N LYS A 442 7.64 -32.21 -9.14
CA LYS A 442 7.54 -32.95 -7.88
C LYS A 442 7.06 -32.06 -6.75
N LEU A 443 7.61 -30.85 -6.66
CA LEU A 443 7.24 -29.94 -5.58
C LEU A 443 5.83 -29.39 -5.78
N ILE A 444 5.45 -29.07 -7.01
CA ILE A 444 4.13 -28.50 -7.26
C ILE A 444 3.03 -29.55 -7.04
N HIS A 445 3.23 -30.76 -7.58
CA HIS A 445 2.21 -31.81 -7.41
C HIS A 445 2.15 -32.30 -5.97
N THR A 446 3.31 -32.60 -5.37
CA THR A 446 3.29 -33.19 -4.02
C THR A 446 2.93 -32.16 -2.97
N ILE A 447 3.56 -30.97 -3.04
CA ILE A 447 3.26 -29.91 -2.09
C ILE A 447 1.86 -29.35 -2.32
N GLY A 448 1.36 -29.39 -3.55
CA GLY A 448 -0.04 -29.01 -3.78
C GLY A 448 -1.02 -29.97 -3.15
N SER A 449 -0.79 -31.28 -3.33
CA SER A 449 -1.70 -32.28 -2.78
C SER A 449 -1.63 -32.31 -1.25
N LEU A 450 -0.43 -32.19 -0.68
CA LEU A 450 -0.30 -32.06 0.77
C LEU A 450 -0.90 -30.76 1.28
N HIS A 451 -0.92 -29.71 0.47
CA HIS A 451 -1.52 -28.45 0.88
C HIS A 451 -3.04 -28.58 0.96
N THR A 452 -3.65 -29.15 -0.09
CA THR A 452 -5.09 -29.35 -0.09
C THR A 452 -5.53 -30.37 0.95
N GLU A 453 -4.67 -31.34 1.27
CA GLU A 453 -4.97 -32.22 2.40
C GLU A 453 -4.78 -31.50 3.73
N CYS A 454 -3.89 -30.51 3.80
CA CYS A 454 -3.80 -29.69 5.00
C CYS A 454 -4.99 -28.77 5.16
N ARG A 455 -5.73 -28.48 4.09
CA ARG A 455 -6.97 -27.74 4.25
C ARG A 455 -8.16 -28.64 4.56
N ASN A 456 -8.39 -29.65 3.72
CA ASN A 456 -9.65 -30.38 3.75
C ASN A 456 -9.80 -31.30 4.95
N PHE A 457 -8.69 -31.72 5.57
CA PHE A 457 -8.76 -32.61 6.72
C PHE A 457 -7.70 -32.26 7.76
N PRO A 458 -7.99 -31.32 8.66
CA PRO A 458 -7.19 -31.20 9.87
C PRO A 458 -7.53 -32.31 10.85
N GLY A 459 -6.56 -32.64 11.70
CA GLY A 459 -6.76 -33.63 12.73
C GLY A 459 -6.77 -35.07 12.25
N LYS A 460 -6.56 -35.33 10.97
CA LYS A 460 -6.64 -36.67 10.41
C LYS A 460 -5.34 -36.96 9.67
N VAL A 461 -4.65 -38.02 10.08
CA VAL A 461 -3.39 -38.40 9.46
C VAL A 461 -3.68 -39.08 8.14
N LYS A 462 -3.24 -38.47 7.05
CA LYS A 462 -3.49 -38.95 5.70
C LYS A 462 -2.20 -39.50 5.10
N ILE A 463 -2.34 -40.17 3.96
CA ILE A 463 -1.22 -40.77 3.24
C ILE A 463 -1.21 -40.15 1.86
N VAL A 464 -0.26 -39.26 1.60
CA VAL A 464 -0.22 -38.50 0.37
C VAL A 464 1.03 -38.92 -0.41
N PRO A 465 0.88 -39.42 -1.63
CA PRO A 465 2.03 -39.94 -2.36
C PRO A 465 2.90 -38.83 -2.94
N ILE A 466 4.09 -39.21 -3.36
CA ILE A 466 5.10 -38.32 -3.91
C ILE A 466 5.39 -38.80 -5.32
N TYR A 467 4.95 -38.02 -6.32
CA TYR A 467 4.86 -38.52 -7.69
C TYR A 467 5.17 -37.38 -8.67
N CYS A 468 5.10 -37.71 -9.96
CA CYS A 468 5.21 -36.74 -11.03
C CYS A 468 4.28 -37.14 -12.17
N ARG A 469 4.40 -36.45 -13.29
CA ARG A 469 3.61 -36.72 -14.49
C ARG A 469 4.36 -36.17 -15.69
N GLY A 470 4.69 -37.03 -16.65
CA GLY A 470 5.47 -36.61 -17.79
C GLY A 470 5.13 -37.39 -19.04
N THR A 471 5.54 -36.84 -20.18
CA THR A 471 5.31 -37.48 -21.47
C THR A 471 6.41 -38.50 -21.73
N LEU A 472 6.02 -39.76 -21.95
CA LEU A 472 6.95 -40.84 -22.26
C LEU A 472 6.58 -41.44 -23.61
N ARG A 473 7.49 -41.32 -24.58
CA ARG A 473 7.28 -41.74 -25.98
C ARG A 473 6.02 -41.12 -26.56
N GLY A 474 5.75 -39.87 -26.21
CA GLY A 474 4.54 -39.18 -26.61
C GLY A 474 3.32 -39.48 -25.75
N GLU A 475 3.30 -40.59 -25.04
CA GLU A 475 2.14 -41.00 -24.26
C GLU A 475 2.24 -40.44 -22.84
N SER A 476 1.16 -39.84 -22.37
CA SER A 476 1.14 -39.15 -21.09
C SER A 476 1.14 -40.16 -19.94
N THR A 477 2.24 -40.24 -19.21
CA THR A 477 2.43 -41.17 -18.12
C THR A 477 2.64 -40.43 -16.80
N ASP A 478 2.71 -41.20 -15.72
CA ASP A 478 2.95 -40.64 -14.40
C ASP A 478 4.01 -41.48 -13.68
N CYS A 479 4.52 -40.94 -12.58
CA CYS A 479 5.59 -41.57 -11.84
C CYS A 479 5.15 -41.81 -10.39
N LEU A 480 6.09 -42.29 -9.59
CA LEU A 480 5.89 -42.47 -8.15
C LEU A 480 7.25 -42.51 -7.49
N PHE A 481 7.53 -41.53 -6.63
CA PHE A 481 8.84 -41.41 -6.00
C PHE A 481 8.83 -41.79 -4.53
N GLY A 482 7.84 -41.35 -3.76
CA GLY A 482 7.90 -41.62 -2.34
C GLY A 482 6.53 -41.60 -1.70
N ILE A 483 6.53 -41.71 -0.38
CA ILE A 483 5.32 -41.73 0.44
C ILE A 483 5.45 -40.63 1.47
N ALA A 484 4.46 -39.74 1.51
CA ALA A 484 4.38 -38.67 2.49
C ALA A 484 3.26 -38.94 3.47
N ILE A 485 3.51 -38.60 4.74
CA ILE A 485 2.53 -38.79 5.81
C ILE A 485 2.36 -37.46 6.54
N LYS A 486 1.12 -36.98 6.60
CA LYS A 486 0.76 -35.71 7.19
C LYS A 486 0.60 -35.87 8.70
N GLY A 487 0.84 -34.79 9.44
CA GLY A 487 0.90 -34.83 10.89
C GLY A 487 -0.18 -34.06 11.63
N LYS A 488 -1.44 -34.20 11.18
CA LYS A 488 -2.66 -33.62 11.76
C LYS A 488 -2.52 -32.12 12.02
N SER A 489 -2.34 -31.41 10.91
CA SER A 489 -2.05 -29.98 10.93
C SER A 489 -3.26 -29.17 11.39
N HIS A 490 -3.05 -28.34 12.41
CA HIS A 490 -4.04 -27.35 12.85
C HIS A 490 -3.37 -25.99 12.65
N LEU A 491 -3.47 -25.47 11.44
CA LEU A 491 -2.72 -24.28 11.03
C LEU A 491 -3.59 -23.05 11.28
N ASN A 492 -3.40 -22.43 12.45
CA ASN A 492 -4.14 -21.22 12.78
C ASN A 492 -3.53 -20.01 12.08
N LYS A 493 -2.27 -19.72 12.40
CA LYS A 493 -1.52 -18.63 11.81
C LYS A 493 -0.69 -19.16 10.65
N ASP A 494 0.26 -18.34 10.19
CA ASP A 494 1.17 -18.76 9.12
C ASP A 494 2.15 -19.84 9.56
N ASP A 495 2.44 -19.95 10.85
CA ASP A 495 3.32 -20.97 11.40
C ASP A 495 2.49 -22.18 11.83
N GLY A 496 3.12 -23.07 12.60
CA GLY A 496 2.47 -24.25 13.12
C GLY A 496 3.36 -25.48 13.07
N MET A 497 4.18 -25.57 12.01
CA MET A 497 5.26 -26.55 11.87
C MET A 497 4.77 -28.00 12.00
N TYR A 498 3.88 -28.37 11.09
CA TYR A 498 3.31 -29.70 11.08
C TYR A 498 4.34 -30.70 10.56
N THR A 499 4.32 -31.91 11.12
CA THR A 499 5.37 -32.89 10.88
C THR A 499 5.00 -33.78 9.69
N VAL A 500 5.90 -33.88 8.71
CA VAL A 500 5.73 -34.77 7.57
C VAL A 500 6.72 -35.92 7.73
N VAL A 501 6.25 -37.15 7.57
CA VAL A 501 7.12 -38.32 7.55
C VAL A 501 7.29 -38.76 6.11
N THR A 502 8.54 -38.87 5.66
CA THR A 502 8.85 -39.19 4.27
C THR A 502 9.54 -40.54 4.18
N PHE A 503 8.96 -41.45 3.40
CA PHE A 503 9.57 -42.73 3.05
C PHE A 503 9.94 -42.67 1.57
N GLU A 504 11.23 -42.74 1.27
CA GLU A 504 11.70 -42.50 -0.08
C GLU A 504 12.26 -43.78 -0.69
N PHE A 505 12.34 -43.79 -2.02
CA PHE A 505 12.83 -44.92 -2.78
C PHE A 505 14.13 -44.52 -3.49
N SER A 506 15.17 -45.31 -3.27
CA SER A 506 16.49 -45.02 -3.82
C SER A 506 17.07 -46.26 -4.48
N THR A 507 17.91 -46.03 -5.50
CA THR A 507 18.56 -47.11 -6.22
C THR A 507 20.08 -47.02 -6.08
N GLU A 508 20.57 -46.21 -5.15
CA GLU A 508 22.00 -46.04 -4.95
C GLU A 508 22.35 -46.26 -3.48
N GLU A 509 23.62 -46.56 -3.24
CA GLU A 509 24.07 -46.91 -1.90
C GLU A 509 24.10 -45.67 -1.01
N PRO A 510 23.86 -45.82 0.31
CA PRO A 510 23.82 -44.65 1.19
C PRO A 510 25.19 -44.04 1.48
N ASN A 511 25.20 -42.98 2.28
CA ASN A 511 26.39 -42.24 2.64
C ASN A 511 26.20 -41.67 4.04
N PRO A 512 27.02 -42.10 5.02
CA PRO A 512 26.88 -41.56 6.37
C PRO A 512 27.40 -40.14 6.52
N SER A 513 28.10 -39.60 5.51
CA SER A 513 28.53 -38.21 5.54
C SER A 513 27.51 -37.29 4.90
N LYS A 514 26.99 -37.65 3.73
CA LYS A 514 25.98 -36.84 3.07
C LYS A 514 24.61 -37.04 3.70
N HIS A 515 24.15 -38.29 3.77
CA HIS A 515 22.81 -38.60 4.26
C HIS A 515 22.88 -38.77 5.77
N GLU A 516 22.98 -37.64 6.46
CA GLU A 516 23.09 -37.64 7.91
C GLU A 516 21.73 -37.75 8.59
N LYS A 517 20.68 -37.23 7.96
CA LYS A 517 19.36 -37.19 8.58
C LYS A 517 18.47 -38.34 8.14
N TYR A 518 19.07 -39.50 7.85
CA TYR A 518 18.32 -40.62 7.30
C TYR A 518 18.56 -41.88 8.13
N THR A 519 17.69 -42.86 7.89
CA THR A 519 17.63 -44.09 8.68
C THR A 519 17.51 -45.25 7.67
N VAL A 520 18.48 -45.30 6.76
CA VAL A 520 18.44 -46.11 5.55
C VAL A 520 18.25 -47.60 5.85
N PHE A 521 17.21 -48.18 5.26
CA PHE A 521 16.97 -49.61 5.24
C PHE A 521 17.36 -50.18 3.88
N GLU A 522 17.09 -51.47 3.69
CA GLU A 522 17.21 -52.14 2.40
C GLU A 522 15.86 -52.72 2.03
N ALA A 523 15.45 -52.50 0.78
CA ALA A 523 14.14 -52.93 0.31
C ALA A 523 14.21 -54.17 -0.57
N GLY A 524 15.03 -54.16 -1.61
CA GLY A 524 15.09 -55.33 -2.49
C GLY A 524 15.91 -55.17 -3.75
N THR A 525 15.35 -55.56 -4.89
CA THR A 525 16.03 -55.51 -6.18
C THR A 525 15.16 -54.80 -7.20
N VAL A 526 15.80 -54.15 -8.16
CA VAL A 526 15.12 -53.45 -9.24
C VAL A 526 15.66 -53.94 -10.58
N PRO A 527 14.82 -54.43 -11.50
CA PRO A 527 15.29 -54.77 -12.84
C PRO A 527 15.50 -53.51 -13.67
N VAL A 528 16.68 -53.40 -14.29
CA VAL A 528 17.06 -52.23 -15.06
C VAL A 528 17.47 -52.68 -16.45
N GLU A 529 16.80 -52.13 -17.47
CA GLU A 529 17.12 -52.44 -18.85
C GLU A 529 18.25 -51.55 -19.35
N ALA A 530 18.98 -52.03 -20.36
CA ALA A 530 20.08 -51.28 -20.93
C ALA A 530 20.01 -51.30 -22.46
N LYS A 542 22.38 -55.41 -13.88
CA LYS A 542 21.25 -56.00 -14.61
C LYS A 542 19.98 -55.87 -13.78
N GLU A 543 19.99 -56.50 -12.61
CA GLU A 543 18.93 -56.32 -11.61
C GLU A 543 19.62 -55.85 -10.33
N LYS A 544 19.66 -54.54 -10.12
CA LYS A 544 20.41 -53.96 -9.02
C LYS A 544 19.60 -53.98 -7.73
N LYS A 545 20.09 -53.28 -6.72
CA LYS A 545 19.47 -53.27 -5.41
C LYS A 545 18.38 -52.19 -5.34
N LEU A 546 17.82 -52.02 -4.14
CA LEU A 546 16.73 -51.07 -3.90
C LEU A 546 16.72 -50.76 -2.41
N PHE A 547 16.84 -49.47 -2.09
CA PHE A 547 16.88 -49.02 -0.71
C PHE A 547 15.68 -48.14 -0.40
N LEU A 548 15.25 -48.18 0.84
CA LEU A 548 14.15 -47.36 1.34
C LEU A 548 14.72 -46.38 2.37
N TYR A 549 14.41 -45.10 2.20
CA TYR A 549 14.90 -44.04 3.07
C TYR A 549 13.79 -43.56 3.98
N CYS A 550 14.19 -43.01 5.12
CA CYS A 550 13.26 -42.50 6.11
C CYS A 550 13.75 -41.15 6.61
N ARG A 551 12.85 -40.18 6.63
CA ARG A 551 13.19 -38.86 7.15
C ARG A 551 11.94 -38.15 7.63
N THR A 552 11.94 -37.77 8.90
CA THR A 552 10.89 -36.93 9.44
C THR A 552 11.31 -35.47 9.38
N THR A 553 10.34 -34.60 9.10
CA THR A 553 10.62 -33.20 8.81
C THR A 553 9.39 -32.37 9.17
N GLY A 554 9.44 -31.08 8.87
CA GLY A 554 8.32 -30.21 9.12
C GLY A 554 8.20 -29.04 8.17
N MET A 555 7.04 -28.90 7.56
CA MET A 555 6.80 -27.79 6.64
C MET A 555 6.07 -26.67 7.37
N SER A 556 5.62 -25.67 6.63
CA SER A 556 4.82 -24.59 7.18
C SER A 556 3.79 -24.19 6.14
N LYS A 557 2.78 -23.43 6.57
CA LYS A 557 1.73 -22.99 5.66
C LYS A 557 2.27 -21.97 4.66
N LEU A 558 3.04 -20.99 5.14
CA LEU A 558 3.67 -20.04 4.25
C LEU A 558 4.73 -20.70 3.39
N LYS A 559 5.37 -21.76 3.92
CA LYS A 559 6.29 -22.56 3.15
C LYS A 559 5.58 -23.44 2.13
N ASN A 560 4.32 -23.81 2.40
CA ASN A 560 3.53 -24.48 1.38
C ASN A 560 3.09 -23.52 0.30
N ASP A 561 2.83 -22.26 0.68
CA ASP A 561 2.42 -21.27 -0.30
C ASP A 561 3.57 -20.86 -1.20
N TRP A 562 4.79 -20.80 -0.66
CA TRP A 562 5.90 -20.38 -1.49
C TRP A 562 6.58 -21.52 -2.22
N PHE A 563 6.52 -22.74 -1.70
CA PHE A 563 7.05 -23.86 -2.46
C PHE A 563 6.04 -24.45 -3.42
N SER A 564 4.75 -24.29 -3.13
CA SER A 564 3.72 -24.75 -4.05
C SER A 564 3.62 -23.87 -5.29
N LYS A 565 4.18 -22.67 -5.25
CA LYS A 565 4.18 -21.75 -6.39
C LYS A 565 5.59 -21.48 -6.87
N CYS A 566 6.40 -22.54 -6.97
CA CYS A 566 7.78 -22.42 -7.41
C CYS A 566 7.93 -22.43 -8.92
N ARG A 567 6.82 -22.38 -9.67
CA ARG A 567 6.91 -22.36 -11.12
C ARG A 567 7.41 -21.02 -11.63
N ARG A 568 7.23 -19.95 -10.87
CA ARG A 568 7.59 -18.60 -11.29
C ARG A 568 9.07 -18.29 -11.09
N CYS A 569 9.93 -19.21 -11.52
CA CYS A 569 11.36 -18.99 -11.54
C CYS A 569 11.86 -18.63 -12.93
N LEU A 570 11.00 -18.76 -13.95
CA LEU A 570 11.38 -18.44 -15.32
C LEU A 570 11.56 -16.95 -15.54
N ILE A 571 10.99 -16.12 -14.67
CA ILE A 571 10.96 -14.67 -14.85
C ILE A 571 12.33 -14.04 -14.65
N PRO A 572 13.13 -14.34 -13.60
CA PRO A 572 14.47 -13.73 -13.58
C PRO A 572 15.43 -14.36 -14.59
N THR A 573 15.22 -15.64 -14.93
CA THR A 573 16.07 -16.30 -15.91
C THR A 573 15.90 -15.68 -17.29
N MET A 574 14.67 -15.66 -17.78
CA MET A 574 14.37 -15.06 -19.07
C MET A 574 14.54 -13.55 -19.04
N GLU A 575 14.36 -12.93 -17.86
CA GLU A 575 14.70 -11.52 -17.69
C GLU A 575 16.19 -11.28 -17.93
N THR A 576 17.02 -12.19 -17.41
CA THR A 576 18.47 -12.05 -17.54
C THR A 576 18.90 -12.27 -18.97
N VAL A 577 18.43 -13.37 -19.59
CA VAL A 577 18.82 -13.69 -20.96
C VAL A 577 18.32 -12.63 -21.92
N GLU A 578 17.10 -12.16 -21.73
CA GLU A 578 16.56 -11.13 -22.62
C GLU A 578 17.23 -9.78 -22.40
N GLN A 579 17.73 -9.50 -21.19
CA GLN A 579 18.57 -8.31 -21.03
C GLN A 579 19.92 -8.46 -21.72
N ILE A 580 20.45 -9.69 -21.77
CA ILE A 580 21.71 -9.91 -22.49
C ILE A 580 21.50 -9.68 -23.98
N VAL A 581 20.42 -10.25 -24.53
CA VAL A 581 20.19 -10.15 -25.97
C VAL A 581 19.82 -8.73 -26.36
N LEU A 582 18.96 -8.08 -25.57
CA LEU A 582 18.56 -6.71 -25.90
C LEU A 582 19.67 -5.71 -25.63
N LYS A 583 20.55 -5.99 -24.67
CA LYS A 583 21.74 -5.15 -24.51
C LYS A 583 22.68 -5.33 -25.70
N GLU A 584 22.81 -6.56 -26.19
CA GLU A 584 23.74 -6.83 -27.28
C GLU A 584 23.26 -6.21 -28.59
N CYS A 585 22.03 -6.51 -28.99
CA CYS A 585 21.50 -5.91 -30.21
C CYS A 585 21.17 -4.44 -30.05
N ALA A 586 21.03 -3.97 -28.81
CA ALA A 586 20.94 -2.54 -28.57
C ALA A 586 22.28 -1.85 -28.77
N LEU A 587 23.39 -2.58 -28.56
CA LEU A 587 24.70 -2.04 -28.86
C LEU A 587 25.15 -2.30 -30.29
N LYS A 588 24.49 -3.22 -30.99
CA LYS A 588 24.85 -3.52 -32.37
C LYS A 588 23.96 -2.84 -33.39
N GLU A 589 22.77 -2.39 -32.98
CA GLU A 589 21.84 -1.59 -33.79
C GLU A 589 21.41 -2.30 -35.07
N GLU A 590 21.23 -3.62 -35.00
CA GLU A 590 20.85 -4.41 -36.16
C GLU A 590 20.14 -5.66 -35.68
N ASN A 591 19.15 -6.13 -36.44
CA ASN A 591 18.34 -7.29 -36.06
C ASN A 591 19.19 -8.55 -36.22
N ARG A 592 20.01 -8.82 -35.22
CA ARG A 592 20.86 -10.00 -35.16
C ARG A 592 20.50 -10.73 -33.87
N VAL A 593 19.54 -11.65 -33.96
CA VAL A 593 19.04 -12.39 -32.81
C VAL A 593 19.28 -13.88 -32.96
N SER A 594 18.83 -14.47 -34.07
CA SER A 594 18.86 -15.92 -34.24
C SER A 594 20.27 -16.47 -34.37
N GLU A 595 21.21 -15.67 -34.86
CA GLU A 595 22.61 -16.05 -34.83
C GLU A 595 23.29 -15.65 -33.53
N MET A 596 22.77 -14.63 -32.85
CA MET A 596 23.29 -14.24 -31.55
C MET A 596 22.93 -15.28 -30.49
N LEU A 597 21.81 -15.96 -30.65
CA LEU A 597 21.41 -17.06 -29.77
C LEU A 597 22.22 -18.32 -30.00
N GLU A 598 23.05 -18.36 -31.05
CA GLU A 598 23.84 -19.53 -31.37
C GLU A 598 25.34 -19.27 -31.38
N ASN A 599 25.77 -18.11 -31.89
CA ASN A 599 27.19 -17.81 -32.06
C ASN A 599 27.72 -16.92 -30.95
N LYS A 600 27.28 -17.16 -29.72
CA LYS A 600 27.75 -16.39 -28.57
C LYS A 600 28.19 -17.35 -27.47
N ARG A 601 29.37 -17.10 -26.93
CA ARG A 601 29.92 -17.92 -25.87
C ARG A 601 29.65 -17.30 -24.50
N ALA A 602 29.67 -18.16 -23.49
CA ALA A 602 29.54 -17.73 -22.11
C ALA A 602 30.54 -18.49 -21.27
N TRP A 603 31.39 -17.77 -20.54
CA TRP A 603 32.46 -18.39 -19.78
C TRP A 603 31.90 -18.88 -18.45
N ILE A 604 31.80 -20.20 -18.30
CA ILE A 604 31.40 -20.83 -17.05
C ILE A 604 32.29 -22.04 -16.80
N ALA A 605 32.18 -22.58 -15.59
CA ALA A 605 32.64 -23.92 -15.23
C ALA A 605 34.15 -24.10 -15.43
N HIS A 606 34.92 -23.40 -14.60
CA HIS A 606 36.35 -23.67 -14.53
C HIS A 606 36.59 -25.08 -13.98
N GLU A 607 37.68 -25.69 -14.43
CA GLU A 607 37.97 -27.07 -14.05
C GLU A 607 38.52 -27.14 -12.63
N ASN A 608 38.70 -28.35 -12.13
CA ASN A 608 39.05 -28.55 -10.73
C ASN A 608 40.54 -28.44 -10.45
N GLY A 609 41.38 -29.00 -11.33
CA GLY A 609 42.80 -29.05 -11.08
C GLY A 609 43.49 -27.70 -11.26
N GLU A 610 43.12 -26.99 -12.32
CA GLU A 610 43.66 -25.67 -12.59
C GLU A 610 42.53 -24.66 -12.71
N ASN A 611 42.84 -23.42 -12.39
CA ASN A 611 41.86 -22.34 -12.41
C ASN A 611 42.35 -21.09 -13.13
N LEU A 612 43.64 -20.96 -13.38
CA LEU A 612 44.23 -19.73 -13.90
C LEU A 612 43.91 -19.60 -15.39
N THR A 613 42.92 -18.75 -15.69
CA THR A 613 42.44 -18.45 -17.05
C THR A 613 42.00 -19.69 -17.81
N ARG A 614 41.41 -20.64 -17.08
CA ARG A 614 40.98 -21.92 -17.66
C ARG A 614 39.48 -22.05 -17.44
N LEU A 615 38.72 -21.51 -18.37
CA LEU A 615 37.27 -21.48 -18.31
C LEU A 615 36.68 -22.23 -19.49
N VAL A 616 35.39 -22.52 -19.41
CA VAL A 616 34.68 -23.27 -20.45
C VAL A 616 33.65 -22.34 -21.07
N SER A 617 33.87 -21.98 -22.33
CA SER A 617 32.87 -21.23 -23.08
C SER A 617 31.79 -22.19 -23.56
N THR A 618 30.55 -21.94 -23.15
CA THR A 618 29.42 -22.74 -23.59
C THR A 618 28.45 -21.88 -24.38
N LYS A 619 27.44 -22.54 -24.94
CA LYS A 619 26.40 -21.83 -25.65
C LYS A 619 25.39 -21.23 -24.66
N LEU A 620 24.42 -20.50 -25.22
CA LEU A 620 23.53 -19.68 -24.42
C LEU A 620 22.38 -20.48 -23.84
N LYS A 621 22.00 -21.58 -24.49
CA LYS A 621 20.92 -22.43 -23.97
C LYS A 621 21.35 -23.16 -22.71
N ASP A 622 22.61 -23.61 -22.65
CA ASP A 622 23.11 -24.19 -21.42
C ASP A 622 23.27 -23.14 -20.33
N LEU A 623 23.48 -21.90 -20.74
CA LEU A 623 23.52 -20.80 -19.78
C LEU A 623 22.15 -20.57 -19.15
N CYS A 624 21.08 -20.60 -19.94
CA CYS A 624 19.77 -20.44 -19.31
C CYS A 624 19.35 -21.69 -18.55
N ARG A 625 19.91 -22.86 -18.90
CA ARG A 625 19.78 -24.03 -18.04
C ARG A 625 20.37 -23.76 -16.65
N MET A 626 21.61 -23.25 -16.61
CA MET A 626 22.23 -23.00 -15.31
C MET A 626 21.55 -21.85 -14.57
N LEU A 627 20.96 -20.90 -15.31
CA LEU A 627 20.22 -19.81 -14.67
C LEU A 627 18.94 -20.32 -14.02
N ILE A 628 18.23 -21.25 -14.65
CA ILE A 628 17.07 -21.80 -13.98
C ILE A 628 17.49 -22.74 -12.85
N VAL A 629 18.71 -23.28 -12.91
CA VAL A 629 19.25 -24.04 -11.79
C VAL A 629 19.45 -23.14 -10.57
N THR A 630 20.11 -22.00 -10.75
CA THR A 630 20.41 -21.17 -9.59
C THR A 630 19.20 -20.39 -9.11
N GLN A 631 18.23 -20.09 -9.99
CA GLN A 631 16.98 -19.54 -9.52
C GLN A 631 16.18 -20.57 -8.74
N PHE A 632 16.27 -21.84 -9.13
CA PHE A 632 15.59 -22.90 -8.39
C PHE A 632 16.22 -23.12 -7.03
N TYR A 633 17.56 -23.11 -6.96
CA TYR A 633 18.23 -23.23 -5.68
C TYR A 633 18.04 -21.99 -4.81
N TYR A 634 17.81 -20.83 -5.42
CA TYR A 634 17.36 -19.69 -4.61
C TYR A 634 15.94 -19.91 -4.10
N CYS A 635 15.09 -20.59 -4.87
CA CYS A 635 13.74 -20.84 -4.41
C CYS A 635 13.70 -21.89 -3.30
N ILE A 636 14.71 -22.74 -3.22
CA ILE A 636 14.74 -23.73 -2.15
C ILE A 636 15.24 -23.11 -0.86
N TYR A 637 16.45 -22.54 -0.88
CA TYR A 637 17.22 -22.32 0.33
C TYR A 637 17.08 -20.89 0.87
N ASN A 638 15.90 -20.29 0.76
CA ASN A 638 15.72 -18.88 1.11
C ASN A 638 15.71 -18.71 2.63
N ASP A 639 16.80 -18.18 3.18
CA ASP A 639 16.91 -17.88 4.61
C ASP A 639 17.47 -16.49 4.88
N ASN A 640 17.72 -16.16 6.16
CA ASN A 640 18.29 -14.87 6.53
C ASN A 640 19.73 -14.75 6.07
N GLN A 641 20.49 -15.83 6.23
CA GLN A 641 21.89 -15.87 5.84
C GLN A 641 22.04 -15.68 4.34
N LEU A 642 21.07 -16.22 3.58
CA LEU A 642 21.04 -15.98 2.14
C LEU A 642 20.80 -14.51 1.82
N GLU A 643 19.95 -13.83 2.60
CA GLU A 643 19.61 -12.45 2.27
C GLU A 643 20.76 -11.50 2.58
N GLY A 644 21.32 -11.61 3.79
CA GLY A 644 22.49 -10.80 4.13
C GLY A 644 23.70 -11.14 3.28
N PHE A 645 23.85 -12.42 2.96
CA PHE A 645 24.93 -12.85 2.08
C PHE A 645 24.75 -12.32 0.66
N CYS A 646 23.51 -12.19 0.19
CA CYS A 646 23.27 -11.63 -1.13
C CYS A 646 23.51 -10.13 -1.15
N ASN A 647 23.19 -9.43 -0.06
CA ASN A 647 23.48 -8.00 0.00
C ASN A 647 24.98 -7.73 0.01
N GLU A 648 25.71 -8.48 0.84
CA GLU A 648 27.15 -8.27 0.91
C GLU A 648 27.86 -8.73 -0.36
N GLN A 649 27.34 -9.75 -1.03
CA GLN A 649 27.94 -10.09 -2.31
C GLN A 649 27.54 -9.11 -3.39
N LYS A 650 26.43 -8.36 -3.22
CA LYS A 650 26.24 -7.22 -4.12
C LYS A 650 27.30 -6.16 -3.89
N LYS A 651 27.74 -5.99 -2.64
CA LYS A 651 28.84 -5.06 -2.38
C LYS A 651 30.13 -5.54 -3.03
N PHE A 652 30.41 -6.84 -2.95
CA PHE A 652 31.62 -7.35 -3.59
C PHE A 652 31.55 -7.32 -5.11
N LEU A 653 30.35 -7.48 -5.68
CA LEU A 653 30.20 -7.29 -7.12
C LEU A 653 30.41 -5.83 -7.51
N MET A 654 30.03 -4.90 -6.65
CA MET A 654 30.35 -3.50 -6.91
C MET A 654 31.85 -3.26 -6.83
N PHE A 655 32.55 -3.95 -5.91
CA PHE A 655 34.00 -3.82 -5.87
C PHE A 655 34.65 -4.43 -7.11
N LEU A 656 34.11 -5.54 -7.60
CA LEU A 656 34.68 -6.19 -8.77
C LEU A 656 34.40 -5.39 -10.04
N GLN A 657 33.22 -4.77 -10.11
CA GLN A 657 32.94 -3.86 -11.22
C GLN A 657 33.82 -2.63 -11.15
N ALA A 658 34.13 -2.17 -9.94
CA ALA A 658 35.12 -1.12 -9.78
C ALA A 658 36.51 -1.59 -10.17
N ASP A 659 36.78 -2.89 -10.10
CA ASP A 659 38.05 -3.41 -10.58
C ASP A 659 38.07 -3.53 -12.10
N LYS A 660 36.92 -3.73 -12.73
CA LYS A 660 36.88 -3.98 -14.17
C LYS A 660 37.24 -2.77 -15.02
N ASP A 661 37.26 -1.58 -14.44
CA ASP A 661 37.64 -0.39 -15.18
C ASP A 661 38.78 0.37 -14.51
N SER A 662 39.29 -0.15 -13.38
CA SER A 662 40.39 0.45 -12.60
C SER A 662 40.06 1.88 -12.16
N LYS A 663 38.93 2.03 -11.48
CA LYS A 663 38.43 3.34 -11.08
C LYS A 663 38.97 3.79 -9.73
N SER A 664 39.86 3.01 -9.11
CA SER A 664 40.49 3.29 -7.81
C SER A 664 39.44 3.49 -6.71
N ALA A 665 38.75 2.40 -6.40
CA ALA A 665 37.76 2.43 -5.33
C ALA A 665 38.46 2.46 -3.96
N PHE A 666 37.66 2.70 -2.93
CA PHE A 666 38.20 2.86 -1.59
C PHE A 666 37.12 2.50 -0.57
N THR A 667 37.57 2.12 0.62
CA THR A 667 36.69 1.66 1.69
C THR A 667 37.17 2.30 2.98
N PHE A 668 36.24 2.63 3.88
CA PHE A 668 36.62 3.24 5.14
C PHE A 668 37.04 2.23 6.20
N ASN A 669 36.44 1.05 6.20
CA ASN A 669 36.76 0.05 7.20
C ASN A 669 36.62 -1.32 6.56
N GLN A 670 37.73 -2.04 6.42
CA GLN A 670 37.72 -3.39 5.91
C GLN A 670 37.77 -4.42 7.01
N LYS A 671 37.56 -4.03 8.26
CA LYS A 671 37.61 -4.97 9.37
C LYS A 671 36.21 -5.51 9.70
N GLY A 672 35.28 -4.63 10.04
CA GLY A 672 33.94 -5.04 10.40
C GLY A 672 33.11 -5.54 9.24
N LEU A 673 33.54 -5.27 8.01
CA LEU A 673 32.83 -5.78 6.84
C LEU A 673 32.87 -7.30 6.78
N TYR A 674 34.06 -7.87 6.95
CA TYR A 674 34.20 -9.31 7.05
C TYR A 674 33.59 -9.86 8.33
N GLU A 675 33.45 -9.05 9.37
CA GLU A 675 32.72 -9.47 10.55
C GLU A 675 31.24 -9.62 10.25
N LYS A 676 30.69 -8.73 9.42
CA LYS A 676 29.29 -8.83 9.03
C LYS A 676 29.06 -9.96 8.03
N ILE A 677 30.02 -10.20 7.15
CA ILE A 677 29.86 -11.28 6.18
C ILE A 677 30.01 -12.63 6.87
N GLU A 678 31.09 -12.80 7.65
CA GLU A 678 31.33 -14.04 8.37
C GLU A 678 30.37 -14.24 9.54
N GLU A 679 29.66 -13.20 9.97
CA GLU A 679 28.65 -13.38 11.00
C GLU A 679 27.45 -14.14 10.47
N CYS A 680 27.04 -13.86 9.23
CA CYS A 680 25.86 -14.46 8.63
C CYS A 680 26.21 -15.64 7.73
N ILE A 681 27.31 -16.32 8.01
CA ILE A 681 27.67 -17.58 7.33
C ILE A 681 27.83 -18.61 8.44
N VAL A 682 26.80 -19.43 8.65
CA VAL A 682 26.84 -20.38 9.75
C VAL A 682 26.67 -21.81 9.22
N SER A 683 25.51 -22.10 8.61
CA SER A 683 25.22 -23.48 8.24
C SER A 683 24.50 -23.65 6.90
N ASN A 684 24.27 -22.58 6.14
CA ASN A 684 23.58 -22.72 4.87
C ASN A 684 24.55 -23.18 3.81
N PRO A 685 24.36 -24.37 3.21
CA PRO A 685 25.37 -24.90 2.28
C PRO A 685 25.43 -24.13 0.97
N LEU A 686 24.31 -23.56 0.52
CA LEU A 686 24.34 -22.71 -0.66
C LEU A 686 25.14 -21.44 -0.41
N CYS A 687 25.02 -20.88 0.81
CA CYS A 687 25.79 -19.71 1.18
C CYS A 687 27.28 -20.01 1.23
N ILE A 688 27.65 -21.15 1.82
CA ILE A 688 29.04 -21.55 1.93
C ILE A 688 29.61 -21.85 0.55
N PHE A 689 28.80 -22.46 -0.31
CA PHE A 689 29.23 -22.79 -1.66
C PHE A 689 29.44 -21.54 -2.50
N LEU A 690 28.52 -20.58 -2.43
CA LEU A 690 28.69 -19.37 -3.22
C LEU A 690 29.78 -18.48 -2.65
N ALA A 691 30.07 -18.62 -1.34
CA ALA A 691 31.24 -17.94 -0.80
C ALA A 691 32.53 -18.56 -1.31
N ASP A 692 32.57 -19.89 -1.43
CA ASP A 692 33.74 -20.57 -1.94
C ASP A 692 33.97 -20.25 -3.41
N ARG A 693 32.89 -20.28 -4.20
CA ARG A 693 32.98 -19.89 -5.60
C ARG A 693 33.23 -18.41 -5.77
N LEU A 694 32.88 -17.60 -4.77
CA LEU A 694 33.21 -16.19 -4.82
C LEU A 694 34.70 -15.98 -4.58
N ASN A 695 35.29 -16.79 -3.70
CA ASN A 695 36.74 -16.73 -3.52
C ASN A 695 37.48 -17.20 -4.75
N LYS A 696 36.94 -18.22 -5.43
CA LYS A 696 37.54 -18.64 -6.69
C LYS A 696 37.35 -17.60 -7.78
N LEU A 697 36.23 -16.88 -7.74
CA LEU A 697 36.04 -15.74 -8.63
C LEU A 697 37.07 -14.65 -8.35
N PHE A 698 37.44 -14.48 -7.08
CA PHE A 698 38.51 -13.56 -6.75
C PHE A 698 39.86 -14.09 -7.21
N LEU A 699 40.01 -15.41 -7.34
CA LEU A 699 41.23 -15.95 -7.92
C LEU A 699 41.30 -15.67 -9.41
N VAL A 700 40.17 -15.80 -10.13
CA VAL A 700 40.19 -15.57 -11.57
C VAL A 700 40.31 -14.07 -11.87
N ALA A 701 39.67 -13.23 -11.06
CA ALA A 701 39.87 -11.80 -11.20
C ALA A 701 41.28 -11.38 -10.80
N LYS A 702 41.89 -12.13 -9.87
CA LYS A 702 43.29 -11.91 -9.52
C LYS A 702 44.22 -12.42 -10.61
N SER A 703 43.75 -13.32 -11.47
CA SER A 703 44.55 -13.79 -12.60
C SER A 703 44.75 -12.69 -13.64
N ASN A 704 43.89 -11.67 -13.64
CA ASN A 704 44.06 -10.54 -14.55
C ASN A 704 44.17 -9.21 -13.82
N GLY A 705 43.22 -8.90 -12.92
CA GLY A 705 43.18 -7.62 -12.26
C GLY A 705 43.91 -7.63 -10.93
N ALA A 706 44.29 -6.43 -10.46
CA ALA A 706 45.15 -6.29 -9.29
C ALA A 706 44.43 -5.54 -8.17
N LYS A 707 43.58 -6.27 -7.44
CA LYS A 707 43.00 -5.79 -6.19
C LYS A 707 42.86 -6.91 -5.15
N TYR A 708 43.45 -8.08 -5.36
CA TYR A 708 43.04 -9.24 -4.58
C TYR A 708 44.21 -10.07 -4.07
N PHE A 709 43.91 -11.23 -3.49
CA PHE A 709 44.87 -12.12 -2.87
C PHE A 709 44.81 -13.50 -3.53
N GLU A 710 45.54 -14.45 -2.93
CA GLU A 710 45.58 -15.83 -3.40
C GLU A 710 44.72 -16.73 -2.54
N MET B 1 34.61 -31.57 -12.83
CA MET B 1 34.57 -30.19 -13.34
C MET B 1 33.79 -29.28 -12.39
N GLU B 2 34.45 -28.24 -11.90
CA GLU B 2 33.78 -27.28 -11.03
C GLU B 2 32.93 -26.32 -11.86
N ILE B 3 32.13 -25.51 -11.18
CA ILE B 3 31.26 -24.55 -11.85
C ILE B 3 30.98 -23.37 -10.92
N ASN B 4 30.92 -22.17 -11.50
CA ASN B 4 30.71 -20.91 -10.79
C ASN B 4 29.75 -20.07 -11.61
N PRO B 5 28.59 -19.70 -11.07
CA PRO B 5 27.61 -18.93 -11.87
C PRO B 5 28.03 -17.51 -12.15
N TYR B 6 28.89 -16.96 -11.29
CA TYR B 6 29.23 -15.55 -11.34
C TYR B 6 30.21 -15.20 -12.44
N LEU B 7 30.75 -16.19 -13.16
CA LEU B 7 31.82 -15.96 -14.12
C LEU B 7 31.36 -15.13 -15.32
N LEU B 8 30.05 -15.04 -15.55
CA LEU B 8 29.46 -14.13 -16.53
C LEU B 8 29.81 -12.67 -16.27
N MET B 9 30.18 -12.34 -15.04
CA MET B 9 30.56 -11.00 -14.65
C MET B 9 31.99 -10.68 -15.02
N LEU B 10 32.71 -11.62 -15.62
CA LEU B 10 34.06 -11.33 -16.10
C LEU B 10 34.09 -10.58 -17.40
N ASN B 11 32.96 -10.50 -18.12
CA ASN B 11 32.97 -9.86 -19.43
C ASN B 11 31.71 -9.04 -19.70
N ASN B 12 30.92 -8.74 -18.68
CA ASN B 12 29.67 -8.00 -18.85
C ASN B 12 29.59 -6.91 -17.79
N ASP B 13 28.54 -6.10 -17.86
CA ASP B 13 28.33 -5.04 -16.89
C ASP B 13 27.62 -5.60 -15.67
N ILE B 14 27.27 -4.73 -14.73
CA ILE B 14 26.48 -5.10 -13.57
C ILE B 14 25.04 -4.67 -13.70
N THR B 15 24.69 -3.99 -14.78
CA THR B 15 23.31 -3.58 -14.99
C THR B 15 22.40 -4.74 -15.34
N SER B 16 22.95 -5.84 -15.88
CA SER B 16 22.18 -7.03 -16.19
C SER B 16 22.50 -8.20 -15.29
N MET B 17 23.70 -8.26 -14.70
CA MET B 17 24.12 -9.39 -13.88
C MET B 17 23.88 -9.13 -12.42
N ILE B 18 22.82 -8.40 -12.09
CA ILE B 18 22.50 -8.11 -10.70
C ILE B 18 21.14 -8.68 -10.29
N SER B 19 20.22 -8.90 -11.24
CA SER B 19 18.99 -9.59 -10.90
C SER B 19 19.24 -11.07 -10.65
N LEU B 20 20.39 -11.58 -11.09
CA LEU B 20 20.84 -12.91 -10.70
C LEU B 20 21.07 -12.99 -9.20
N THR B 21 21.49 -11.88 -8.58
CA THR B 21 21.87 -11.89 -7.18
C THR B 21 20.75 -11.37 -6.28
N TYR B 22 19.50 -11.47 -6.74
CA TYR B 22 18.37 -11.22 -5.86
C TYR B 22 17.60 -12.52 -5.66
N PRO B 23 17.52 -13.01 -4.42
CA PRO B 23 16.74 -14.23 -4.13
C PRO B 23 15.28 -13.92 -3.81
N TYR B 24 14.59 -13.28 -4.76
CA TYR B 24 13.23 -12.80 -4.55
C TYR B 24 12.17 -13.81 -4.98
N THR B 25 12.50 -15.11 -5.01
CA THR B 25 11.58 -16.13 -5.48
C THR B 25 11.03 -17.03 -4.38
N GLY B 26 11.71 -17.12 -3.24
CA GLY B 26 11.27 -17.97 -2.16
C GLY B 26 10.56 -17.20 -1.07
N ALA B 27 10.37 -17.87 0.05
CA ALA B 27 9.57 -17.36 1.15
C ALA B 27 10.32 -16.26 1.90
N PRO B 28 9.63 -15.19 2.32
CA PRO B 28 10.29 -14.19 3.15
C PRO B 28 10.50 -14.73 4.55
N PRO B 29 11.50 -14.22 5.26
CA PRO B 29 11.68 -14.64 6.66
C PRO B 29 10.64 -14.00 7.57
N MET B 30 10.18 -14.77 8.54
CA MET B 30 9.15 -14.33 9.47
C MET B 30 9.64 -14.46 10.91
N SER B 31 8.94 -13.78 11.80
CA SER B 31 9.33 -13.70 13.20
C SER B 31 8.59 -14.75 14.03
N HIS B 32 9.14 -15.02 15.21
CA HIS B 32 8.63 -16.06 16.10
C HIS B 32 8.80 -15.61 17.53
N GLY B 33 7.91 -16.10 18.40
CA GLY B 33 7.98 -15.73 19.81
C GLY B 33 7.47 -14.33 20.04
N THR B 34 8.24 -13.54 20.79
CA THR B 34 7.87 -12.18 21.12
C THR B 34 8.79 -11.19 20.43
N SER B 35 8.37 -9.93 20.44
CA SER B 35 9.15 -8.81 19.92
C SER B 35 9.56 -7.89 21.05
N THR B 36 9.98 -8.49 22.17
CA THR B 36 10.31 -7.76 23.39
C THR B 36 11.77 -7.35 23.41
N LYS B 37 12.67 -8.30 23.14
CA LYS B 37 14.11 -8.05 23.18
C LYS B 37 14.54 -7.06 22.11
N TYR B 38 13.82 -7.01 20.98
CA TYR B 38 14.12 -6.06 19.93
C TYR B 38 13.84 -4.63 20.39
N SER B 39 12.73 -4.44 21.10
CA SER B 39 12.40 -3.12 21.63
C SER B 39 13.32 -2.76 22.79
N MET B 40 13.72 -3.77 23.59
CA MET B 40 14.67 -3.51 24.68
C MET B 40 16.03 -3.09 24.15
N GLU B 41 16.47 -3.72 23.05
CA GLU B 41 17.71 -3.31 22.40
C GLU B 41 17.56 -1.97 21.71
N THR B 42 16.37 -1.66 21.21
CA THR B 42 16.15 -0.38 20.54
C THR B 42 16.18 0.77 21.52
N VAL B 43 15.47 0.63 22.64
CA VAL B 43 15.39 1.71 23.63
C VAL B 43 16.70 1.80 24.41
N SER B 44 17.22 0.66 24.86
CA SER B 44 18.48 0.66 25.60
C SER B 44 19.65 1.08 24.73
N ARG B 45 19.59 0.77 23.43
CA ARG B 45 20.60 1.23 22.50
C ARG B 45 20.46 2.71 22.21
N THR B 46 19.23 3.23 22.21
CA THR B 46 19.01 4.64 21.96
C THR B 46 19.48 5.49 23.15
N TYR B 47 19.16 5.06 24.37
CA TYR B 47 19.72 5.71 25.55
C TYR B 47 21.22 5.45 25.68
N SER B 48 21.70 4.34 25.13
CA SER B 48 23.13 4.07 25.09
C SER B 48 23.85 4.89 24.03
N TYR B 49 23.11 5.55 23.14
CA TYR B 49 23.69 6.47 22.16
C TYR B 49 23.50 7.92 22.58
N SER B 50 23.07 8.17 23.82
CA SER B 50 22.72 9.52 24.24
C SER B 50 23.93 10.39 24.52
N ARG B 51 25.07 9.79 24.90
CA ARG B 51 26.32 10.48 25.24
C ARG B 51 26.14 11.51 26.35
N THR B 52 25.27 11.18 27.32
CA THR B 52 24.95 12.12 28.39
C THR B 52 24.47 11.39 29.62
N LYS B 53 24.39 12.14 30.72
CA LYS B 53 23.88 11.66 31.98
C LYS B 53 22.98 12.69 32.67
N LYS B 54 22.96 13.93 32.17
CA LYS B 54 22.20 15.03 32.77
C LYS B 54 20.70 14.77 32.66
N GLU B 55 20.06 14.58 33.81
CA GLU B 55 18.64 14.26 33.88
C GLU B 55 17.84 15.44 34.41
N VAL B 56 16.60 15.54 33.94
CA VAL B 56 15.64 16.52 34.43
C VAL B 56 14.44 15.76 34.98
N PRO B 57 14.10 15.92 36.26
CA PRO B 57 12.93 15.23 36.79
C PRO B 57 11.63 15.85 36.29
N SER B 58 10.63 15.01 36.12
CA SER B 58 9.34 15.43 35.59
C SER B 58 8.35 15.60 36.73
N GLY B 59 7.55 16.66 36.65
CA GLY B 59 6.51 16.91 37.63
C GLY B 59 5.15 16.49 37.10
N ILE B 60 5.09 16.24 35.78
CA ILE B 60 3.87 15.77 35.14
C ILE B 60 3.84 14.26 35.20
N PHE B 61 4.87 13.62 34.65
CA PHE B 61 4.95 12.18 34.57
C PHE B 61 5.73 11.62 35.76
N PRO B 62 5.37 10.44 36.26
CA PRO B 62 6.11 9.84 37.38
C PRO B 62 7.42 9.18 37.01
N ILE B 63 7.99 9.44 35.84
CA ILE B 63 9.26 8.88 35.44
C ILE B 63 10.23 10.01 35.14
N GLU B 64 11.53 9.71 35.22
CA GLU B 64 12.58 10.68 34.96
C GLU B 64 12.71 10.94 33.46
N ARG B 65 13.43 12.01 33.15
CA ARG B 65 13.68 12.43 31.77
C ARG B 65 15.16 12.75 31.61
N ARG B 66 15.76 12.28 30.51
CA ARG B 66 17.14 12.57 30.18
C ARG B 66 17.17 13.46 28.95
N LYS B 67 17.80 14.63 29.07
CA LYS B 67 17.91 15.55 27.94
C LYS B 67 18.88 15.04 26.89
N PHE B 68 18.70 15.50 25.65
CA PHE B 68 19.49 15.04 24.53
C PHE B 68 20.19 16.14 23.75
N CYS B 69 19.76 17.39 23.85
CA CYS B 69 20.38 18.49 23.12
C CYS B 69 21.35 19.24 24.02
N ASN B 70 22.52 19.57 23.45
CA ASN B 70 23.56 20.40 24.06
C ASN B 70 24.14 19.79 25.34
N THR B 71 24.02 18.47 25.50
CA THR B 71 24.55 17.75 26.66
C THR B 71 25.45 16.64 26.11
N ILE B 72 26.70 16.98 25.84
CA ILE B 72 27.64 16.03 25.24
C ILE B 72 28.73 15.71 26.24
N GLU B 73 29.15 14.44 26.26
CA GLU B 73 30.35 14.00 26.95
C GLU B 73 31.20 13.34 25.87
N ASP B 74 32.20 14.07 25.38
CA ASP B 74 32.97 13.69 24.20
C ASP B 74 33.83 12.47 24.53
N LYS B 75 33.31 11.29 24.18
CA LYS B 75 34.08 10.08 24.32
C LYS B 75 35.15 10.01 23.23
N GLU B 76 36.15 9.16 23.46
CA GLU B 76 37.25 9.03 22.50
C GLU B 76 36.80 8.31 21.25
N ASN B 77 35.89 7.34 21.36
CA ASN B 77 35.39 6.61 20.20
C ASN B 77 34.26 7.44 19.59
N LEU B 78 34.66 8.46 18.83
CA LEU B 78 33.68 9.32 18.17
C LEU B 78 33.12 8.66 16.91
N GLU B 79 33.79 7.61 16.41
CA GLU B 79 33.24 6.84 15.30
C GLU B 79 32.02 6.02 15.73
N LYS B 80 31.84 5.81 17.02
CA LYS B 80 30.59 5.28 17.54
C LYS B 80 29.47 6.31 17.31
N PRO B 81 28.24 5.88 17.04
CA PRO B 81 27.17 6.84 16.75
C PRO B 81 26.73 7.59 17.99
N ASN B 82 26.49 8.90 17.81
CA ASN B 82 26.06 9.79 18.88
C ASN B 82 24.63 10.27 18.66
N GLY B 83 23.98 10.67 19.76
CA GLY B 83 22.61 11.12 19.70
C GLY B 83 22.42 12.54 20.17
N ASN B 84 23.34 13.44 19.79
CA ASN B 84 23.33 14.81 20.27
C ASN B 84 23.29 15.77 19.09
N VAL B 85 22.46 16.80 19.18
CA VAL B 85 22.28 17.80 18.15
C VAL B 85 22.64 19.17 18.71
N ASP B 86 23.47 19.93 17.99
CA ASP B 86 23.77 21.31 18.33
C ASP B 86 22.74 22.20 17.63
N ILE B 87 21.96 22.94 18.41
CA ILE B 87 20.81 23.64 17.84
C ILE B 87 21.21 24.90 17.09
N ASN B 88 22.23 25.63 17.55
CA ASN B 88 22.68 26.81 16.83
C ASN B 88 23.37 26.42 15.54
N PHE B 89 23.95 25.23 15.51
CA PHE B 89 24.58 24.70 14.31
C PHE B 89 23.55 24.43 13.23
N MET B 90 22.43 23.78 13.59
CA MET B 90 21.42 23.45 12.60
C MET B 90 20.56 24.66 12.25
N LEU B 91 20.40 25.62 13.16
CA LEU B 91 19.78 26.87 12.77
C LEU B 91 20.67 27.66 11.81
N SER B 92 21.98 27.58 12.01
CA SER B 92 22.91 28.15 11.04
C SER B 92 22.83 27.42 9.71
N LEU B 93 22.52 26.12 9.73
CA LEU B 93 22.25 25.41 8.49
C LEU B 93 20.90 25.77 7.91
N ALA B 94 19.98 26.29 8.72
CA ALA B 94 18.70 26.74 8.18
C ALA B 94 18.82 28.09 7.50
N GLU B 95 19.54 29.02 8.13
CA GLU B 95 19.84 30.30 7.49
C GLU B 95 20.73 30.11 6.28
N MET B 96 21.66 29.15 6.35
CA MET B 96 22.48 28.81 5.19
C MET B 96 21.64 28.11 4.13
N LEU B 97 20.55 27.45 4.53
CA LEU B 97 19.66 26.84 3.56
C LEU B 97 18.85 27.88 2.80
N GLU B 98 18.18 28.78 3.53
CA GLU B 98 17.29 29.72 2.88
C GLU B 98 18.03 30.82 2.13
N GLU B 99 19.32 31.03 2.39
CA GLU B 99 20.08 32.04 1.68
C GLU B 99 20.51 31.58 0.29
N LYS B 100 20.30 30.30 -0.05
CA LYS B 100 20.67 29.80 -1.36
C LYS B 100 19.59 30.08 -2.40
N MET B 101 18.33 29.87 -2.05
CA MET B 101 17.21 30.10 -2.95
C MET B 101 16.12 30.92 -2.25
N GLY B 102 15.79 32.06 -2.84
CA GLY B 102 14.72 32.91 -2.34
C GLY B 102 15.02 33.58 -1.01
N LYS B 103 14.08 34.43 -0.59
CA LYS B 103 14.12 35.01 0.74
C LYS B 103 12.85 34.72 1.53
N GLY B 104 11.68 34.92 0.93
CA GLY B 104 10.44 34.53 1.56
C GLY B 104 10.10 33.09 1.23
N PHE B 105 10.91 32.17 1.74
CA PHE B 105 10.78 30.76 1.40
C PHE B 105 9.85 30.02 2.35
N PHE B 106 10.16 30.06 3.66
CA PHE B 106 9.30 29.44 4.65
C PHE B 106 7.99 30.20 4.82
N LYS B 107 7.97 31.49 4.45
CA LYS B 107 6.71 32.23 4.48
C LYS B 107 5.81 31.81 3.32
N PHE B 108 6.38 31.58 2.14
CA PHE B 108 5.56 31.16 1.01
C PHE B 108 5.13 29.71 1.14
N CYS B 109 6.03 28.83 1.56
CA CYS B 109 5.67 27.43 1.78
C CYS B 109 4.75 27.29 2.98
N ALA B 110 4.91 28.17 3.98
CA ALA B 110 4.00 28.18 5.11
C ALA B 110 2.65 28.79 4.75
N ASN B 111 2.59 29.62 3.70
CA ASN B 111 1.30 30.10 3.21
C ASN B 111 0.60 29.04 2.35
N GLU B 112 1.37 28.21 1.64
CA GLU B 112 0.72 27.12 0.93
C GLU B 112 0.26 26.03 1.89
N ALA B 113 1.11 25.66 2.84
CA ALA B 113 0.75 24.62 3.82
C ALA B 113 -0.33 25.11 4.76
N GLU B 114 -0.26 26.37 5.17
CA GLU B 114 -1.34 26.99 5.92
C GLU B 114 -2.60 27.10 5.06
N ALA B 115 -2.43 27.28 3.75
CA ALA B 115 -3.56 27.41 2.85
C ALA B 115 -4.25 26.08 2.60
N GLU B 116 -3.57 24.95 2.84
CA GLU B 116 -4.16 23.64 2.56
C GLU B 116 -4.35 22.77 3.79
N ILE B 117 -4.54 23.34 4.97
CA ILE B 117 -4.93 22.59 6.15
C ILE B 117 -6.39 22.82 6.51
N LEU B 118 -6.84 24.07 6.41
CA LEU B 118 -8.18 24.45 6.83
C LEU B 118 -9.27 23.88 5.93
N LYS B 119 -8.93 23.47 4.72
CA LYS B 119 -9.86 22.86 3.78
C LYS B 119 -9.70 21.35 3.73
N MET B 120 -9.35 20.74 4.85
CA MET B 120 -9.15 19.31 4.94
C MET B 120 -10.16 18.73 5.93
N HIS B 121 -10.84 17.67 5.53
CA HIS B 121 -11.77 16.99 6.42
C HIS B 121 -11.02 15.96 7.24
N PHE B 122 -11.56 15.62 8.41
CA PHE B 122 -10.84 14.71 9.30
C PHE B 122 -11.02 13.24 8.90
N SER B 123 -11.84 12.95 7.90
CA SER B 123 -11.95 11.59 7.38
C SER B 123 -10.68 11.12 6.69
N LYS B 124 -9.79 12.06 6.33
CA LYS B 124 -8.44 11.72 5.89
C LYS B 124 -7.66 10.97 6.95
N LEU B 125 -8.03 11.11 8.23
CA LEU B 125 -7.42 10.31 9.28
C LEU B 125 -7.78 8.83 9.19
N THR B 126 -8.82 8.46 8.44
CA THR B 126 -9.19 7.07 8.28
C THR B 126 -8.50 6.40 7.10
N GLU B 127 -7.79 7.16 6.27
CA GLU B 127 -7.14 6.62 5.08
C GLU B 127 -5.67 6.32 5.35
N GLY B 128 -5.44 5.33 6.22
CA GLY B 128 -4.09 5.01 6.60
C GLY B 128 -3.82 3.53 6.78
N ARG B 129 -2.68 3.20 7.38
CA ARG B 129 -2.29 1.83 7.66
C ARG B 129 -2.91 1.37 8.98
N GLN B 130 -2.43 0.25 9.51
CA GLN B 130 -2.96 -0.28 10.76
C GLN B 130 -2.51 0.60 11.94
N THR B 131 -3.46 0.90 12.82
CA THR B 131 -3.20 1.78 13.97
C THR B 131 -3.44 1.00 15.27
N TYR B 132 -3.23 1.70 16.38
CA TYR B 132 -3.34 1.13 17.72
C TYR B 132 -4.52 1.79 18.44
N ASP B 133 -5.63 1.06 18.52
CA ASP B 133 -6.78 1.51 19.29
C ASP B 133 -6.51 1.29 20.77
N TRP B 134 -6.79 2.31 21.58
CA TRP B 134 -6.52 2.27 23.01
C TRP B 134 -7.72 1.85 23.84
N THR B 135 -8.88 1.60 23.23
CA THR B 135 -10.06 1.21 24.00
C THR B 135 -9.91 -0.20 24.54
N SER B 136 -9.66 -1.17 23.65
CA SER B 136 -9.28 -2.51 24.05
C SER B 136 -7.77 -2.71 24.00
N GLU B 137 -7.04 -1.65 23.65
CA GLU B 137 -5.58 -1.60 23.61
C GLU B 137 -5.00 -2.67 22.67
N ARG B 138 -5.48 -2.63 21.43
CA ARG B 138 -5.09 -3.58 20.39
C ARG B 138 -4.80 -2.82 19.11
N ASN B 139 -4.57 -3.57 18.03
CA ASN B 139 -4.24 -3.00 16.73
C ASN B 139 -5.44 -3.18 15.80
N MET B 140 -6.00 -2.06 15.35
CA MET B 140 -7.19 -2.01 14.51
C MET B 140 -6.95 -1.04 13.37
N PRO B 141 -7.70 -1.16 12.27
CA PRO B 141 -7.63 -0.14 11.23
C PRO B 141 -8.21 1.19 11.68
N ALA B 142 -7.88 2.23 10.93
CA ALA B 142 -8.08 3.61 11.38
C ALA B 142 -9.54 4.00 11.47
N ALA B 143 -10.41 3.34 10.69
CA ALA B 143 -11.84 3.62 10.78
C ALA B 143 -12.41 3.17 12.11
N THR B 144 -11.91 2.05 12.63
CA THR B 144 -12.39 1.55 13.92
C THR B 144 -11.86 2.41 15.06
N ALA B 145 -10.60 2.84 14.99
CA ALA B 145 -10.02 3.64 16.05
C ALA B 145 -10.62 5.05 16.08
N LEU B 146 -10.85 5.64 14.91
CA LEU B 146 -11.54 6.93 14.88
C LEU B 146 -13.00 6.78 15.28
N GLN B 147 -13.60 5.61 15.00
CA GLN B 147 -14.97 5.37 15.42
C GLN B 147 -15.09 5.31 16.93
N LEU B 148 -14.17 4.59 17.57
CA LEU B 148 -14.19 4.49 19.03
C LEU B 148 -13.74 5.79 19.69
N THR B 149 -12.92 6.59 19.01
CA THR B 149 -12.50 7.87 19.57
C THR B 149 -13.65 8.87 19.55
N VAL B 150 -14.32 9.00 18.39
CA VAL B 150 -15.48 9.89 18.28
C VAL B 150 -16.62 9.39 19.16
N ASP B 151 -16.76 8.06 19.29
CA ASP B 151 -17.74 7.48 20.20
C ASP B 151 -17.40 7.79 21.65
N ALA B 152 -16.11 7.89 21.98
CA ALA B 152 -15.73 8.29 23.33
C ALA B 152 -15.99 9.77 23.54
N ILE B 153 -15.86 10.58 22.48
CA ILE B 153 -16.15 12.01 22.57
C ILE B 153 -17.63 12.24 22.84
N GLN B 154 -18.50 11.64 22.02
CA GLN B 154 -19.93 11.83 22.22
C GLN B 154 -20.46 11.02 23.40
N GLU B 155 -19.67 10.08 23.91
CA GLU B 155 -20.05 9.31 25.09
C GLU B 155 -19.71 10.03 26.38
N THR B 156 -18.56 10.69 26.46
CA THR B 156 -18.14 11.31 27.72
C THR B 156 -18.88 12.61 27.97
N GLN B 157 -18.68 13.61 27.12
CA GLN B 157 -19.27 14.93 27.33
C GLN B 157 -19.69 15.50 25.98
N GLY B 158 -20.97 15.82 25.84
CA GLY B 158 -21.45 16.55 24.69
C GLY B 158 -21.50 15.69 23.44
N THR B 159 -21.65 16.37 22.31
CA THR B 159 -21.60 15.76 20.99
C THR B 159 -20.40 16.30 20.22
N PHE B 160 -20.30 15.92 18.95
CA PHE B 160 -19.26 16.40 18.05
C PHE B 160 -19.92 17.18 16.93
N LYS B 161 -19.52 18.44 16.77
CA LYS B 161 -19.99 19.29 15.68
C LYS B 161 -18.83 19.91 14.92
N GLY B 162 -17.65 19.30 15.01
CA GLY B 162 -16.47 19.86 14.41
C GLY B 162 -16.42 19.80 12.90
N THR B 163 -16.37 18.58 12.36
CA THR B 163 -16.25 18.26 10.93
C THR B 163 -15.02 18.89 10.26
N THR B 164 -13.99 19.24 11.04
CA THR B 164 -12.77 19.84 10.54
C THR B 164 -11.58 19.16 11.20
N MET B 165 -10.39 19.54 10.75
CA MET B 165 -9.17 19.16 11.45
C MET B 165 -9.04 19.93 12.76
N VAL B 166 -9.27 21.24 12.69
CA VAL B 166 -8.82 22.15 13.73
C VAL B 166 -9.71 22.05 14.97
N GLU B 167 -11.03 22.02 14.78
CA GLU B 167 -11.93 21.85 15.91
C GLU B 167 -11.87 20.45 16.49
N TYR B 168 -11.45 19.47 15.70
CA TYR B 168 -11.25 18.14 16.24
C TYR B 168 -9.99 18.05 17.09
N CYS B 169 -8.92 18.73 16.67
CA CYS B 169 -7.71 18.75 17.48
C CYS B 169 -7.89 19.60 18.73
N ASN B 170 -8.65 20.70 18.61
CA ASN B 170 -9.04 21.46 19.79
C ASN B 170 -9.97 20.65 20.69
N LYS B 171 -10.74 19.74 20.09
CA LYS B 171 -11.53 18.81 20.88
C LYS B 171 -10.64 17.80 21.60
N ILE B 172 -9.52 17.42 20.98
CA ILE B 172 -8.58 16.52 21.65
C ILE B 172 -7.90 17.24 22.81
N LEU B 173 -7.55 18.51 22.62
CA LEU B 173 -7.01 19.31 23.71
C LEU B 173 -8.05 19.55 24.80
N GLU B 174 -9.32 19.63 24.41
CA GLU B 174 -10.40 19.67 25.40
C GLU B 174 -10.49 18.36 26.17
N MET B 175 -10.23 17.23 25.50
CA MET B 175 -10.18 15.95 26.19
C MET B 175 -8.98 15.87 27.13
N MET B 176 -7.88 16.53 26.78
CA MET B 176 -6.76 16.62 27.69
C MET B 176 -7.06 17.53 28.87
N ASP B 177 -7.95 18.49 28.70
CA ASP B 177 -8.42 19.28 29.84
C ASP B 177 -9.54 18.61 30.62
N TRP B 178 -10.07 17.51 30.11
CA TRP B 178 -11.13 16.84 30.85
C TRP B 178 -10.54 16.00 31.99
N PRO B 179 -11.16 16.03 33.17
CA PRO B 179 -10.63 15.26 34.30
C PRO B 179 -11.02 13.80 34.29
N GLU B 180 -12.04 13.41 33.55
CA GLU B 180 -12.54 12.04 33.61
C GLU B 180 -13.23 11.71 32.28
N VAL B 181 -12.84 10.58 31.68
CA VAL B 181 -13.33 10.15 30.39
C VAL B 181 -14.02 8.79 30.55
N LYS B 182 -15.25 8.69 30.05
CA LYS B 182 -16.03 7.47 30.13
C LYS B 182 -16.09 6.82 28.75
N PHE B 183 -15.67 5.56 28.67
CA PHE B 183 -15.81 4.80 27.42
C PHE B 183 -16.42 3.44 27.71
N LYS B 184 -16.44 2.55 26.72
CA LYS B 184 -17.11 1.26 26.85
C LYS B 184 -16.11 0.12 26.90
N LYS B 185 -16.45 -0.89 27.69
CA LYS B 185 -15.70 -2.13 27.85
C LYS B 185 -16.71 -3.27 27.93
N VAL B 186 -16.23 -4.47 28.24
CA VAL B 186 -17.12 -5.60 28.46
C VAL B 186 -17.00 -6.09 29.90
N THR B 208 -23.49 -6.27 26.20
CA THR B 208 -22.20 -6.41 26.85
C THR B 208 -21.32 -5.20 26.58
N LEU B 209 -21.82 -4.01 26.92
CA LEU B 209 -21.07 -2.76 26.80
C LEU B 209 -21.25 -1.98 28.10
N MET B 210 -20.37 -2.23 29.07
CA MET B 210 -20.37 -1.49 30.32
C MET B 210 -19.51 -0.25 30.18
N ILE B 211 -20.04 0.89 30.60
CA ILE B 211 -19.36 2.17 30.45
C ILE B 211 -18.53 2.41 31.70
N THR B 212 -17.21 2.32 31.55
CA THR B 212 -16.28 2.60 32.63
C THR B 212 -15.72 4.01 32.49
N LYS B 213 -15.14 4.49 33.58
CA LYS B 213 -14.55 5.81 33.63
C LYS B 213 -13.04 5.69 33.85
N ILE B 214 -12.33 6.75 33.51
CA ILE B 214 -10.89 6.80 33.68
C ILE B 214 -10.54 8.24 34.02
N GLY B 215 -9.44 8.42 34.76
CA GLY B 215 -9.10 9.72 35.28
C GLY B 215 -8.45 10.66 34.28
N ARG B 216 -7.53 11.48 34.76
CA ARG B 216 -6.84 12.46 33.94
C ARG B 216 -5.45 11.98 33.55
N GLU B 217 -4.70 11.41 34.50
CA GLU B 217 -3.32 11.01 34.22
C GLU B 217 -3.25 9.74 33.38
N GLU B 218 -4.23 8.85 33.50
CA GLU B 218 -4.18 7.61 32.72
C GLU B 218 -4.55 7.87 31.27
N PHE B 219 -5.40 8.87 31.03
CA PHE B 219 -5.67 9.31 29.67
C PHE B 219 -4.43 9.92 29.03
N ILE B 220 -3.60 10.60 29.82
CA ILE B 220 -2.33 11.13 29.33
C ILE B 220 -1.36 10.00 29.03
N LYS B 221 -1.28 9.01 29.94
CA LYS B 221 -0.38 7.89 29.74
C LYS B 221 -0.83 6.96 28.64
N ARG B 222 -2.10 7.02 28.26
CA ARG B 222 -2.63 6.14 27.22
C ARG B 222 -2.64 6.78 25.85
N ILE B 223 -2.85 8.11 25.77
CA ILE B 223 -2.86 8.75 24.46
C ILE B 223 -1.44 8.89 23.91
N CYS B 224 -0.41 8.81 24.75
CA CYS B 224 0.98 8.89 24.32
C CYS B 224 1.64 7.52 24.35
N THR B 225 0.90 6.49 23.97
CA THR B 225 1.38 5.11 23.97
C THR B 225 1.55 4.63 22.54
N ILE B 226 2.71 4.05 22.25
CA ILE B 226 3.06 3.59 20.90
C ILE B 226 3.33 2.10 20.97
N ASN B 227 2.66 1.32 20.13
CA ASN B 227 2.77 -0.12 20.16
C ASN B 227 3.94 -0.58 19.29
N THR B 228 4.64 -1.61 19.76
CA THR B 228 5.78 -2.18 19.06
C THR B 228 5.48 -3.63 18.70
N MET B 229 5.68 -3.96 17.42
CA MET B 229 5.61 -5.34 16.95
C MET B 229 6.84 -5.64 16.11
N ALA B 230 6.89 -6.84 15.53
CA ALA B 230 7.99 -7.24 14.66
C ALA B 230 7.61 -6.99 13.21
N LYS B 231 8.55 -6.42 12.46
CA LYS B 231 8.34 -6.14 11.04
C LYS B 231 8.40 -7.45 10.26
N ASP B 232 7.28 -7.85 9.68
CA ASP B 232 7.16 -9.14 9.01
C ASP B 232 7.29 -8.94 7.50
N GLY B 233 7.99 -9.87 6.85
CA GLY B 233 8.17 -9.81 5.42
C GLY B 233 9.17 -8.76 4.98
N GLU B 234 10.28 -8.61 5.69
CA GLU B 234 11.32 -7.65 5.35
C GLU B 234 12.51 -8.40 4.77
N ARG B 235 12.77 -8.21 3.49
CA ARG B 235 13.86 -8.88 2.80
C ARG B 235 15.16 -8.11 3.02
N GLY B 236 16.16 -8.76 3.60
CA GLY B 236 17.50 -8.21 3.57
C GLY B 236 18.23 -8.04 4.89
N LYS B 237 17.72 -8.63 5.98
CA LYS B 237 18.37 -8.52 7.28
C LYS B 237 18.40 -9.86 7.98
N TYR B 238 19.55 -10.15 8.61
CA TYR B 238 19.68 -11.36 9.43
C TYR B 238 18.90 -11.20 10.74
N LYS B 239 19.12 -10.11 11.45
CA LYS B 239 18.36 -9.81 12.65
C LYS B 239 17.10 -9.03 12.29
N ARG B 240 16.01 -9.35 12.98
CA ARG B 240 14.76 -8.67 12.73
C ARG B 240 14.75 -7.31 13.43
N ARG B 241 14.01 -6.38 12.85
CA ARG B 241 13.88 -5.03 13.38
C ARG B 241 12.42 -4.78 13.75
N ALA B 242 12.20 -4.12 14.87
CA ALA B 242 10.85 -3.91 15.38
C ALA B 242 10.26 -2.63 14.79
N ILE B 243 9.01 -2.74 14.34
CA ILE B 243 8.28 -1.60 13.78
C ILE B 243 7.23 -1.19 14.81
N ALA B 244 6.90 0.10 14.83
CA ALA B 244 6.01 0.66 15.84
C ALA B 244 4.86 1.40 15.16
N THR B 245 3.65 1.19 15.69
CA THR B 245 2.46 1.85 15.23
C THR B 245 1.86 2.69 16.35
N PRO B 246 1.49 3.93 16.10
CA PRO B 246 0.95 4.80 17.15
C PRO B 246 -0.56 4.65 17.27
N GLY B 247 -1.13 5.45 18.15
CA GLY B 247 -2.58 5.54 18.31
C GLY B 247 -3.23 6.42 17.26
N MET B 248 -4.26 7.15 17.66
CA MET B 248 -4.97 8.03 16.76
C MET B 248 -4.76 9.52 17.05
N GLY B 249 -4.64 9.89 18.33
CA GLY B 249 -4.56 11.30 18.67
C GLY B 249 -3.21 11.95 18.45
N ILE B 250 -2.31 11.26 17.78
CA ILE B 250 -1.03 11.82 17.36
C ILE B 250 -0.91 11.88 15.84
N ARG B 251 -1.68 11.06 15.13
CA ARG B 251 -1.67 11.02 13.66
C ARG B 251 -1.97 12.33 12.93
N PRO B 252 -3.00 13.14 13.27
CA PRO B 252 -3.30 14.29 12.40
C PRO B 252 -2.26 15.40 12.45
N PHE B 253 -1.58 15.56 13.59
CA PHE B 253 -0.52 16.56 13.64
C PHE B 253 0.67 16.12 12.80
N SER B 254 0.95 14.81 12.81
CA SER B 254 1.94 14.25 11.90
C SER B 254 1.52 14.40 10.44
N LYS B 255 0.22 14.37 10.17
CA LYS B 255 -0.26 14.64 8.81
C LYS B 255 -0.01 16.09 8.43
N ILE B 256 -0.17 17.01 9.38
CA ILE B 256 0.14 18.43 9.16
C ILE B 256 1.62 18.62 8.85
N VAL B 257 2.47 17.95 9.62
CA VAL B 257 3.92 18.03 9.42
C VAL B 257 4.31 17.44 8.08
N GLU B 258 3.64 16.35 7.68
CA GLU B 258 3.93 15.77 6.38
C GLU B 258 3.41 16.61 5.22
N THR B 259 2.38 17.43 5.45
CA THR B 259 1.98 18.37 4.41
C THR B 259 3.01 19.49 4.28
N LEU B 260 3.48 20.02 5.41
CA LEU B 260 4.46 21.10 5.38
C LEU B 260 5.77 20.66 4.76
N ALA B 261 6.37 19.60 5.29
CA ALA B 261 7.61 19.06 4.74
C ALA B 261 7.40 18.44 3.37
N GLN B 262 6.18 18.04 3.04
CA GLN B 262 5.89 17.56 1.70
C GLN B 262 5.99 18.69 0.69
N LYS B 263 5.42 19.85 1.01
CA LYS B 263 5.55 21.01 0.12
C LYS B 263 6.98 21.54 0.11
N ILE B 264 7.70 21.40 1.22
CA ILE B 264 9.11 21.78 1.26
C ILE B 264 9.93 20.89 0.33
N CYS B 265 9.72 19.58 0.38
CA CYS B 265 10.49 18.67 -0.47
C CYS B 265 10.06 18.76 -1.93
N GLU B 266 8.80 19.09 -2.20
CA GLU B 266 8.40 19.30 -3.59
C GLU B 266 8.93 20.61 -4.13
N ARG B 267 9.10 21.62 -3.28
CA ARG B 267 9.64 22.89 -3.73
C ARG B 267 11.14 22.80 -3.99
N LEU B 268 11.82 21.89 -3.32
CA LEU B 268 13.27 21.72 -3.49
C LEU B 268 13.58 21.08 -4.84
N ALA B 269 14.86 21.06 -5.17
CA ALA B 269 15.37 20.42 -6.37
C ALA B 269 16.43 19.37 -6.07
N GLU B 270 16.75 19.13 -4.81
CA GLU B 270 17.72 18.10 -4.40
C GLU B 270 17.07 17.13 -3.44
N SER B 271 15.88 16.65 -3.79
CA SER B 271 15.20 15.62 -3.02
C SER B 271 14.51 14.67 -3.99
N GLY B 272 14.25 13.45 -3.53
CA GLY B 272 13.67 12.44 -4.39
C GLY B 272 12.54 11.64 -3.76
N LEU B 273 11.77 12.27 -2.89
CA LEU B 273 10.67 11.60 -2.22
C LEU B 273 9.44 11.41 -3.11
N PRO B 274 9.04 12.39 -3.97
CA PRO B 274 8.03 11.94 -4.92
C PRO B 274 8.60 11.07 -6.04
N GLU B 279 11.06 11.85 -9.30
CA GLU B 279 11.32 11.13 -10.55
C GLU B 279 12.56 10.27 -10.38
N LYS B 280 13.51 10.79 -9.57
CA LYS B 280 14.62 10.05 -8.95
C LYS B 280 15.71 9.65 -9.96
N LYS B 281 15.51 9.97 -11.23
CA LYS B 281 16.42 9.56 -12.30
C LYS B 281 17.06 10.72 -13.02
N ALA B 282 16.27 11.69 -13.49
CA ALA B 282 16.81 12.80 -14.28
C ALA B 282 17.53 13.81 -13.40
N LYS B 283 17.22 13.85 -12.10
CA LYS B 283 17.93 14.75 -11.19
C LYS B 283 19.40 14.38 -11.07
N LEU B 284 19.71 13.07 -11.08
CA LEU B 284 21.09 12.64 -11.09
C LEU B 284 21.77 12.99 -12.40
N LYS B 285 21.03 12.93 -13.51
CA LYS B 285 21.56 13.34 -14.81
C LYS B 285 21.90 14.82 -14.82
N THR B 286 21.04 15.65 -14.22
CA THR B 286 21.28 17.09 -14.20
C THR B 286 22.37 17.48 -13.22
N THR B 287 22.51 16.76 -12.10
CA THR B 287 23.57 17.16 -11.18
C THR B 287 24.93 16.62 -11.63
N VAL B 288 24.96 15.48 -12.32
CA VAL B 288 26.21 14.98 -12.86
C VAL B 288 26.65 15.82 -14.06
N SER B 289 25.72 16.08 -14.99
CA SER B 289 26.05 16.87 -16.16
C SER B 289 26.31 18.32 -15.81
N SER B 290 25.63 18.84 -14.77
CA SER B 290 25.81 20.23 -14.39
C SER B 290 27.09 20.43 -13.60
N THR B 291 27.33 19.57 -12.59
CA THR B 291 28.51 19.76 -11.76
C THR B 291 29.78 19.25 -12.44
N ASN B 292 29.67 18.47 -13.51
CA ASN B 292 30.84 18.22 -14.33
C ASN B 292 31.15 19.37 -15.28
N SER B 293 30.22 20.30 -15.47
CA SER B 293 30.44 21.47 -16.29
C SER B 293 31.07 22.63 -15.52
N LYS B 294 31.41 22.42 -14.25
CA LYS B 294 31.93 23.49 -13.40
C LYS B 294 33.19 23.05 -12.67
N LEU B 295 34.11 22.43 -13.40
CA LEU B 295 35.39 22.00 -12.85
C LEU B 295 36.50 22.91 -13.34
N GLN B 296 37.59 22.96 -12.57
CA GLN B 296 38.75 23.73 -12.97
C GLN B 296 39.69 22.86 -13.79
N GLU B 297 40.88 23.38 -14.10
CA GLU B 297 41.87 22.64 -14.87
C GLU B 297 42.62 21.62 -14.03
N GLY B 298 42.44 21.62 -12.72
CA GLY B 298 43.08 20.64 -11.86
C GLY B 298 42.08 19.96 -10.94
N GLN B 299 40.87 20.50 -10.86
CA GLN B 299 39.87 19.93 -9.98
C GLN B 299 39.17 18.74 -10.65
N PHE B 300 38.60 17.88 -9.82
CA PHE B 300 37.94 16.68 -10.30
C PHE B 300 36.88 16.28 -9.28
N MET B 301 36.21 15.16 -9.57
CA MET B 301 35.02 14.72 -8.86
C MET B 301 35.14 13.26 -8.45
N VAL B 302 34.77 12.97 -7.20
CA VAL B 302 34.69 11.60 -6.69
C VAL B 302 33.33 11.45 -6.03
N ASN B 303 32.57 10.43 -6.42
CA ASN B 303 31.29 10.17 -5.78
C ASN B 303 31.37 9.00 -4.81
N ILE B 304 30.62 9.11 -3.73
CA ILE B 304 30.57 8.10 -2.67
C ILE B 304 29.14 7.66 -2.48
N THR B 305 28.92 6.35 -2.64
CA THR B 305 27.73 5.67 -2.17
C THR B 305 27.82 5.49 -0.66
N GLY B 306 26.81 6.00 0.04
CA GLY B 306 26.77 5.89 1.48
C GLY B 306 25.40 5.46 1.96
N ASP B 307 25.40 4.81 3.12
CA ASP B 307 24.18 4.31 3.76
C ASP B 307 24.26 4.64 5.24
N ASN B 308 23.37 5.51 5.70
CA ASN B 308 23.31 5.85 7.12
C ASN B 308 22.74 4.70 7.92
N SER B 309 23.51 4.22 8.90
CA SER B 309 23.06 3.18 9.79
C SER B 309 22.51 3.78 11.07
N LYS B 310 21.59 3.04 11.70
CA LYS B 310 20.89 3.45 12.93
C LYS B 310 20.17 4.78 12.72
N TRP B 311 19.52 4.92 11.57
CA TRP B 311 18.90 6.17 11.16
C TRP B 311 17.70 6.54 12.01
N ASN B 312 17.01 5.56 12.58
CA ASN B 312 15.79 5.78 13.32
C ASN B 312 16.02 5.90 14.82
N GLU B 313 17.27 6.07 15.25
CA GLU B 313 17.58 6.17 16.68
C GLU B 313 18.44 7.38 17.02
N CYS B 314 18.65 8.29 16.07
CA CYS B 314 19.45 9.48 16.33
C CYS B 314 18.79 10.72 15.74
N GLN B 315 17.46 10.75 15.71
CA GLN B 315 16.70 11.91 15.23
C GLN B 315 15.77 12.33 16.36
N GLN B 316 16.27 13.16 17.26
CA GLN B 316 15.48 13.58 18.41
C GLN B 316 14.44 14.62 17.97
N PRO B 317 13.21 14.51 18.48
CA PRO B 317 12.16 15.46 18.08
C PRO B 317 12.32 16.84 18.70
N GLU B 318 13.29 17.03 19.60
CA GLU B 318 13.57 18.38 20.10
C GLU B 318 14.09 19.28 18.99
N ALA B 319 14.86 18.71 18.06
CA ALA B 319 15.29 19.47 16.89
C ALA B 319 14.13 19.75 15.95
N TYR B 320 13.13 18.87 15.92
CA TYR B 320 11.91 19.16 15.16
C TYR B 320 11.12 20.29 15.81
N LEU B 321 11.13 20.34 17.14
CA LEU B 321 10.53 21.46 17.86
C LEU B 321 11.28 22.75 17.58
N ALA B 322 12.61 22.68 17.46
CA ALA B 322 13.40 23.88 17.25
C ALA B 322 13.25 24.40 15.82
N MET B 323 13.39 23.51 14.83
CA MET B 323 13.31 23.96 13.44
C MET B 323 11.89 24.33 13.06
N LEU B 324 10.91 23.58 13.57
CA LEU B 324 9.53 23.97 13.32
C LEU B 324 9.11 25.22 14.08
N ALA B 325 9.91 25.68 15.03
CA ALA B 325 9.77 27.03 15.57
C ALA B 325 10.49 28.07 14.75
N TYR B 326 11.37 27.66 13.83
CA TYR B 326 12.05 28.59 12.95
C TYR B 326 11.41 28.68 11.58
N ILE B 327 10.81 27.59 11.09
CA ILE B 327 10.07 27.64 9.83
C ILE B 327 8.84 28.51 9.98
N THR B 328 8.20 28.46 11.14
CA THR B 328 6.96 29.19 11.40
C THR B 328 7.21 30.49 12.16
N LYS B 329 8.33 31.16 11.90
CA LYS B 329 8.65 32.37 12.66
C LYS B 329 7.78 33.54 12.23
N ASP B 330 7.45 33.64 10.94
CA ASP B 330 6.44 34.59 10.44
C ASP B 330 5.50 33.79 9.56
N SER B 331 4.55 33.09 10.20
CA SER B 331 3.51 32.39 9.45
C SER B 331 2.11 32.84 9.83
N SER B 332 1.76 32.71 11.12
CA SER B 332 0.41 32.95 11.63
C SER B 332 0.51 32.92 13.16
N ASN B 333 -0.65 32.93 13.81
CA ASN B 333 -0.73 32.58 15.22
C ASN B 333 -1.27 31.18 15.44
N LEU B 334 -2.15 30.71 14.56
CA LEU B 334 -2.67 29.35 14.67
C LEU B 334 -1.62 28.33 14.23
N MET B 335 -0.98 28.59 13.09
CA MET B 335 0.02 27.66 12.58
C MET B 335 1.28 27.64 13.44
N LYS B 336 1.63 28.80 14.02
CA LYS B 336 2.81 28.89 14.87
C LYS B 336 2.66 28.05 16.14
N ASP B 337 1.45 27.96 16.67
CA ASP B 337 1.19 27.08 17.80
C ASP B 337 0.81 25.67 17.38
N LEU B 338 0.42 25.48 16.12
CA LEU B 338 -0.14 24.23 15.64
C LEU B 338 0.93 23.24 15.19
N CYS B 339 2.10 23.73 14.80
CA CYS B 339 3.20 22.86 14.40
C CYS B 339 4.17 22.67 15.55
N SER B 340 3.66 22.72 16.78
CA SER B 340 4.47 22.61 17.99
C SER B 340 3.79 21.69 18.98
N VAL B 341 3.22 20.59 18.49
CA VAL B 341 2.55 19.64 19.37
C VAL B 341 3.02 18.20 19.12
N ALA B 342 3.14 17.79 17.85
CA ALA B 342 3.58 16.42 17.54
C ALA B 342 5.02 16.11 17.95
N PRO B 343 6.02 17.01 17.81
CA PRO B 343 7.31 16.70 18.44
C PRO B 343 7.25 16.73 19.96
N THR B 344 6.34 17.52 20.55
CA THR B 344 6.18 17.49 22.01
C THR B 344 5.56 16.17 22.45
N LEU B 345 4.65 15.64 21.63
CA LEU B 345 4.10 14.32 21.92
C LEU B 345 5.13 13.22 21.71
N PHE B 346 6.10 13.45 20.82
CA PHE B 346 7.19 12.50 20.65
C PHE B 346 8.25 12.60 21.73
N CYS B 347 8.40 13.76 22.39
CA CYS B 347 9.43 13.92 23.41
C CYS B 347 9.06 13.25 24.73
N ASN B 348 7.87 12.68 24.84
CA ASN B 348 7.44 12.01 26.05
C ASN B 348 6.64 10.76 25.71
N LYS B 349 7.10 10.02 24.71
CA LYS B 349 6.32 8.91 24.19
C LYS B 349 6.60 7.62 24.97
N TYR B 350 5.58 6.79 25.10
CA TYR B 350 5.69 5.50 25.76
C TYR B 350 5.84 4.39 24.74
N VAL B 351 6.56 3.34 25.13
CA VAL B 351 6.93 2.24 24.25
C VAL B 351 6.34 0.96 24.84
N LYS B 352 5.56 0.25 24.03
CA LYS B 352 5.03 -1.02 24.51
C LYS B 352 6.12 -2.09 24.56
N MET B 353 5.93 -3.05 25.45
CA MET B 353 6.93 -4.07 25.74
C MET B 353 6.55 -5.43 25.17
N GLY B 354 5.69 -5.47 24.17
CA GLY B 354 5.32 -6.73 23.55
C GLY B 354 4.30 -7.47 24.39
N GLN B 355 4.58 -8.75 24.66
CA GLN B 355 3.66 -9.55 25.46
C GLN B 355 4.40 -10.42 26.47
N GLY B 356 5.66 -10.14 26.75
CA GLY B 356 6.38 -10.85 27.78
C GLY B 356 7.37 -11.86 27.27
N PHE B 357 7.49 -12.99 27.98
CA PHE B 357 8.43 -14.05 27.65
C PHE B 357 7.96 -15.34 28.31
N ARG B 358 8.76 -16.38 28.17
CA ARG B 358 8.39 -17.71 28.61
C ARG B 358 9.49 -18.29 29.49
N ALA B 359 9.10 -19.22 30.37
CA ALA B 359 10.03 -19.85 31.30
C ALA B 359 9.65 -21.31 31.50
N LYS B 360 10.66 -22.18 31.51
CA LYS B 360 10.41 -23.62 31.58
C LYS B 360 11.43 -24.30 32.47
N ASN B 361 11.08 -25.49 32.94
CA ASN B 361 11.91 -26.23 33.87
C ASN B 361 13.04 -26.97 33.14
N LYS B 362 13.78 -27.80 33.89
CA LYS B 362 14.87 -28.57 33.30
C LYS B 362 14.34 -29.69 32.41
N ARG B 363 13.19 -30.26 32.76
CA ARG B 363 12.59 -31.32 31.97
C ARG B 363 11.96 -30.81 30.70
N LYS B 364 11.76 -29.49 30.58
CA LYS B 364 11.23 -28.81 29.40
C LYS B 364 9.82 -29.30 29.04
N THR B 365 8.96 -29.34 30.04
CA THR B 365 7.56 -29.73 29.86
C THR B 365 6.59 -28.62 30.22
N LYS B 366 6.74 -28.04 31.41
CA LYS B 366 5.87 -26.97 31.88
C LYS B 366 6.54 -25.63 31.65
N GLU B 367 5.82 -24.72 31.00
CA GLU B 367 6.39 -23.44 30.57
C GLU B 367 5.38 -22.34 30.87
N ILE B 368 5.62 -21.58 31.93
CA ILE B 368 4.74 -20.45 32.26
C ILE B 368 5.09 -19.26 31.38
N VAL B 369 4.11 -18.40 31.18
CA VAL B 369 4.22 -17.22 30.33
C VAL B 369 4.11 -16.00 31.23
N ILE B 370 5.18 -15.23 31.31
CA ILE B 370 5.22 -14.02 32.14
C ILE B 370 5.04 -12.82 31.21
N PRO B 371 4.02 -12.00 31.40
CA PRO B 371 3.78 -10.88 30.49
C PRO B 371 4.72 -9.72 30.80
N ALA B 372 4.46 -8.60 30.11
CA ALA B 372 5.19 -7.37 30.38
C ALA B 372 4.79 -6.71 31.68
N LYS B 373 3.64 -7.10 32.25
CA LYS B 373 3.20 -6.50 33.51
C LYS B 373 4.02 -7.04 34.68
N LYS B 374 4.18 -8.35 34.76
CA LYS B 374 4.88 -9.00 35.87
C LYS B 374 6.37 -9.17 35.60
N MET B 375 6.92 -8.42 34.66
CA MET B 375 8.34 -8.56 34.33
C MET B 375 9.22 -7.96 35.41
N LYS B 376 8.71 -6.98 36.15
CA LYS B 376 9.47 -6.36 37.23
C LYS B 376 9.65 -7.30 38.40
N GLU B 377 8.59 -8.00 38.80
CA GLU B 377 8.67 -8.95 39.91
C GLU B 377 9.41 -10.22 39.52
N ARG B 378 9.25 -10.66 38.28
CA ARG B 378 9.85 -11.90 37.79
C ARG B 378 11.15 -11.64 37.06
N LYS B 379 11.92 -10.67 37.55
CA LYS B 379 13.20 -10.30 36.95
C LYS B 379 14.22 -11.43 37.02
N GLU B 380 14.14 -12.27 38.06
CA GLU B 380 15.19 -13.24 38.37
C GLU B 380 15.11 -14.52 37.55
N LEU B 381 14.33 -14.55 36.48
CA LEU B 381 14.16 -15.76 35.66
C LEU B 381 14.55 -15.48 34.22
N MET B 382 15.57 -14.66 34.03
CA MET B 382 15.95 -14.15 32.72
C MET B 382 17.37 -14.54 32.39
N ASN B 383 17.70 -14.47 31.10
CA ASN B 383 19.05 -14.79 30.65
C ASN B 383 20.00 -13.62 30.91
N ALA B 384 21.27 -13.79 30.51
CA ALA B 384 22.26 -12.75 30.74
C ALA B 384 22.04 -11.56 29.81
N GLU B 385 21.67 -11.82 28.55
CA GLU B 385 21.45 -10.74 27.60
C GLU B 385 20.17 -9.98 27.92
N TRP B 386 19.15 -10.69 28.38
CA TRP B 386 17.90 -10.06 28.81
C TRP B 386 18.11 -9.19 30.05
N ARG B 387 18.95 -9.65 30.98
CA ARG B 387 19.23 -8.85 32.16
C ARG B 387 20.21 -7.72 31.88
N ASP B 388 21.05 -7.85 30.86
CA ASP B 388 21.91 -6.74 30.48
C ASP B 388 21.09 -5.66 29.76
N LEU B 389 20.12 -6.06 28.94
CA LEU B 389 19.22 -5.07 28.36
C LEU B 389 18.19 -4.57 29.36
N PHE B 390 17.97 -5.29 30.46
CA PHE B 390 16.90 -4.93 31.40
C PHE B 390 17.39 -4.10 32.57
N GLU B 391 18.59 -4.38 33.08
CA GLU B 391 19.16 -3.58 34.15
C GLU B 391 19.60 -2.20 33.66
N THR B 392 19.81 -2.06 32.36
CA THR B 392 20.12 -0.77 31.76
C THR B 392 18.87 -0.07 31.22
N ILE B 393 17.68 -0.65 31.43
CA ILE B 393 16.45 -0.02 30.99
C ILE B 393 15.48 0.20 32.15
N GLU B 394 15.75 -0.39 33.33
CA GLU B 394 14.82 -0.35 34.47
C GLU B 394 14.43 1.04 34.97
N PRO B 395 15.36 2.03 35.19
CA PRO B 395 14.88 3.32 35.72
C PRO B 395 14.16 4.21 34.70
N TYR B 396 13.91 3.70 33.50
CA TYR B 396 13.06 4.40 32.53
C TYR B 396 11.83 3.57 32.14
N MET B 397 11.44 2.61 32.98
CA MET B 397 10.30 1.75 32.70
C MET B 397 9.04 2.29 33.34
N ASP B 398 7.92 2.04 32.68
CA ASP B 398 6.61 2.16 33.31
C ASP B 398 6.24 0.78 33.87
N GLY B 399 5.09 0.69 34.54
CA GLY B 399 4.64 -0.59 35.07
C GLY B 399 4.24 -1.56 33.98
N GLU B 400 3.79 -1.05 32.84
CA GLU B 400 3.45 -1.86 31.67
C GLU B 400 4.13 -1.39 30.40
N CYS B 401 4.71 -0.19 30.38
CA CYS B 401 5.31 0.37 29.18
C CYS B 401 6.72 0.84 29.48
N CYS B 402 7.28 1.66 28.59
CA CYS B 402 8.59 2.28 28.78
C CYS B 402 8.50 3.74 28.35
N PHE B 403 9.53 4.49 28.68
CA PHE B 403 9.59 5.92 28.38
C PHE B 403 10.70 6.18 27.37
N LEU B 404 10.42 7.03 26.38
CA LEU B 404 11.40 7.46 25.40
C LEU B 404 11.11 8.90 25.02
N GLY B 405 12.18 9.68 24.90
CA GLY B 405 12.04 11.09 24.58
C GLY B 405 12.94 11.59 23.46
N GLY B 406 13.70 10.69 22.86
CA GLY B 406 14.64 11.11 21.82
C GLY B 406 14.65 10.22 20.60
N GLY B 407 13.81 9.19 20.59
CA GLY B 407 13.75 8.28 19.47
C GLY B 407 12.82 8.74 18.38
N MET B 408 12.96 8.11 17.21
CA MET B 408 12.04 8.36 16.10
C MET B 408 11.96 7.06 15.30
N LEU B 409 11.01 6.20 15.66
CA LEU B 409 10.96 4.86 15.10
C LEU B 409 10.31 4.89 13.72
N MET B 410 10.14 3.70 13.14
CA MET B 410 9.48 3.61 11.84
C MET B 410 7.99 3.85 12.00
N GLY B 411 7.40 4.42 10.95
CA GLY B 411 6.04 4.92 11.05
C GLY B 411 5.95 6.33 11.56
N MET B 412 6.95 7.15 11.28
CA MET B 412 7.07 8.49 11.83
C MET B 412 7.66 9.38 10.74
N PHE B 413 8.20 10.53 11.14
CA PHE B 413 8.58 11.61 10.25
C PHE B 413 9.65 11.21 9.25
N ASN B 414 9.24 11.07 8.00
CA ASN B 414 10.10 10.61 6.92
C ASN B 414 10.38 11.70 5.89
N MET B 415 9.40 12.57 5.65
CA MET B 415 9.58 13.69 4.72
C MET B 415 10.31 14.86 5.36
N LEU B 416 10.68 14.76 6.63
CA LEU B 416 11.27 15.87 7.36
C LEU B 416 12.76 15.67 7.65
N SER B 417 13.20 14.41 7.79
CA SER B 417 14.62 14.13 7.91
C SER B 417 15.34 14.28 6.58
N THR B 418 14.61 14.17 5.47
CA THR B 418 15.17 14.47 4.15
C THR B 418 15.59 15.93 4.04
N VAL B 419 14.84 16.82 4.71
CA VAL B 419 15.21 18.23 4.78
C VAL B 419 16.53 18.38 5.52
N PHE B 420 16.75 17.57 6.57
CA PHE B 420 18.06 17.52 7.21
C PHE B 420 19.12 17.00 6.27
N GLY B 421 18.75 16.11 5.36
CA GLY B 421 19.69 15.66 4.35
C GLY B 421 20.11 16.78 3.41
N VAL B 422 19.16 17.61 2.99
CA VAL B 422 19.48 18.71 2.10
C VAL B 422 20.25 19.79 2.85
N MET B 423 19.95 19.97 4.14
CA MET B 423 20.69 20.94 4.96
C MET B 423 22.12 20.49 5.20
N THR B 424 22.36 19.19 5.31
CA THR B 424 23.74 18.72 5.30
C THR B 424 24.34 18.82 3.90
N LEU B 425 23.53 18.80 2.86
CA LEU B 425 24.01 18.82 1.49
C LEU B 425 23.92 20.20 0.83
N ASN B 426 23.85 21.28 1.60
CA ASN B 426 24.02 22.64 1.08
C ASN B 426 24.86 23.48 2.03
N TYR B 427 25.99 22.93 2.45
CA TYR B 427 26.88 23.62 3.38
C TYR B 427 27.91 24.44 2.64
N ARG B 428 28.26 25.60 3.22
CA ARG B 428 29.35 26.44 2.74
C ARG B 428 30.39 26.53 3.84
N GLU B 429 31.65 26.25 3.50
CA GLU B 429 32.74 26.33 4.47
C GLU B 429 33.52 27.64 4.40
N GLU B 430 33.38 28.40 3.32
CA GLU B 430 34.20 29.59 3.12
C GLU B 430 33.34 30.84 3.00
N ARG B 435 41.95 26.78 -3.65
CA ARG B 435 40.90 26.10 -2.91
C ARG B 435 39.73 25.74 -3.83
N ASN B 436 38.55 26.26 -3.49
CA ASN B 436 37.30 26.07 -4.24
C ASN B 436 36.96 24.59 -4.38
N CYS B 437 36.85 23.93 -3.22
CA CYS B 437 36.51 22.52 -3.15
C CYS B 437 35.24 22.38 -2.33
N TYR B 438 34.29 21.59 -2.83
CA TYR B 438 32.96 21.54 -2.22
C TYR B 438 32.30 20.23 -2.58
N TRP B 439 31.00 20.12 -2.27
CA TRP B 439 30.26 18.92 -2.59
C TRP B 439 28.80 19.27 -2.88
N THR B 440 28.09 18.27 -3.39
CA THR B 440 26.64 18.29 -3.58
C THR B 440 26.17 16.85 -3.53
N GLY B 441 24.93 16.60 -3.92
CA GLY B 441 24.54 15.21 -4.05
C GLY B 441 23.04 15.02 -4.02
N LEU B 442 22.63 13.88 -3.47
CA LEU B 442 21.24 13.50 -3.42
C LEU B 442 21.01 12.60 -2.22
N GLN B 443 19.88 12.81 -1.55
CA GLN B 443 19.53 12.14 -0.31
C GLN B 443 18.28 11.29 -0.53
N SER B 444 18.16 10.23 0.27
CA SER B 444 16.95 9.41 0.33
C SER B 444 16.66 9.21 1.80
N SER B 445 15.79 8.23 2.11
CA SER B 445 15.40 7.98 3.49
C SER B 445 16.60 7.51 4.33
N ASP B 446 17.39 6.60 3.79
CA ASP B 446 18.64 6.21 4.44
C ASP B 446 19.76 5.92 3.46
N ASP B 447 19.63 6.32 2.19
CA ASP B 447 20.67 6.18 1.19
C ASP B 447 21.10 7.58 0.75
N PHE B 448 22.40 7.76 0.52
CA PHE B 448 22.84 9.05 0.00
C PHE B 448 23.99 8.87 -0.98
N VAL B 449 23.96 9.70 -2.01
CA VAL B 449 25.00 9.75 -3.03
C VAL B 449 25.63 11.12 -2.96
N LEU B 450 26.91 11.17 -2.62
CA LEU B 450 27.61 12.43 -2.43
C LEU B 450 28.62 12.65 -3.54
N PHE B 451 28.64 13.86 -4.10
CA PHE B 451 29.52 14.25 -5.18
C PHE B 451 30.52 15.27 -4.66
N CYS B 452 31.79 14.87 -4.56
CA CYS B 452 32.84 15.75 -4.07
C CYS B 452 33.67 16.28 -5.23
N ILE B 453 34.05 17.55 -5.13
CA ILE B 453 34.90 18.22 -6.11
C ILE B 453 36.08 18.82 -5.35
N SER B 454 37.30 18.41 -5.72
CA SER B 454 38.51 18.87 -5.04
C SER B 454 39.69 18.73 -5.99
N ARG B 455 40.90 18.85 -5.43
CA ARG B 455 42.13 18.90 -6.22
C ARG B 455 43.06 17.72 -5.95
N THR B 456 43.31 17.40 -4.68
CA THR B 456 44.19 16.28 -4.33
C THR B 456 43.48 15.35 -3.35
N TRP B 457 44.03 14.16 -3.23
CA TRP B 457 43.57 13.11 -2.33
C TRP B 457 43.68 13.40 -0.83
N PRO B 458 44.74 14.05 -0.30
CA PRO B 458 44.63 14.50 1.10
C PRO B 458 43.61 15.60 1.28
N GLU B 459 43.40 16.44 0.27
CA GLU B 459 42.31 17.40 0.33
C GLU B 459 40.96 16.71 0.19
N MET B 460 40.92 15.57 -0.50
CA MET B 460 39.72 14.74 -0.48
C MET B 460 39.47 14.17 0.91
N GLU B 461 40.54 13.81 1.63
CA GLU B 461 40.38 13.40 3.02
C GLU B 461 39.87 14.56 3.87
N MET B 462 40.31 15.78 3.55
CA MET B 462 39.83 16.95 4.27
C MET B 462 38.35 17.21 4.02
N THR B 463 37.91 17.14 2.76
CA THR B 463 36.51 17.42 2.45
C THR B 463 35.58 16.31 2.94
N ILE B 464 36.00 15.04 2.81
CA ILE B 464 35.18 13.94 3.28
C ILE B 464 35.10 13.96 4.80
N LEU B 465 36.22 14.18 5.48
CA LEU B 465 36.19 14.27 6.94
C LEU B 465 35.46 15.52 7.43
N LYS B 466 35.38 16.57 6.63
CA LYS B 466 34.48 17.67 6.97
C LYS B 466 33.03 17.32 6.74
N PHE B 467 32.73 16.43 5.79
CA PHE B 467 31.35 16.00 5.63
C PHE B 467 30.93 15.09 6.78
N ILE B 468 31.84 14.24 7.23
CA ILE B 468 31.61 13.45 8.44
C ILE B 468 31.55 14.36 9.65
N ALA B 469 32.24 15.50 9.59
CA ALA B 469 32.17 16.46 10.69
C ALA B 469 30.81 17.12 10.76
N VAL B 470 30.26 17.54 9.61
CA VAL B 470 28.96 18.23 9.66
C VAL B 470 27.83 17.24 9.92
N CYS B 471 27.94 16.01 9.41
CA CYS B 471 26.91 15.02 9.68
C CYS B 471 26.98 14.52 11.12
N LYS B 472 28.19 14.36 11.64
CA LYS B 472 28.35 13.88 13.01
C LYS B 472 27.99 14.95 14.02
N LEU B 473 28.31 16.21 13.73
CA LEU B 473 27.90 17.31 14.61
C LEU B 473 26.40 17.52 14.55
N MET B 474 25.79 17.34 13.38
CA MET B 474 24.35 17.51 13.32
C MET B 474 23.62 16.30 13.89
N GLY B 475 24.15 15.10 13.69
CA GLY B 475 23.54 13.93 14.29
C GLY B 475 23.20 12.82 13.30
N ILE B 476 23.81 12.88 12.13
CA ILE B 476 23.62 11.86 11.10
C ILE B 476 24.85 10.96 11.13
N ASN B 477 24.64 9.70 11.51
CA ASN B 477 25.73 8.76 11.74
C ASN B 477 25.89 7.87 10.53
N MET B 478 26.89 8.16 9.71
CA MET B 478 27.18 7.35 8.53
C MET B 478 27.87 6.06 8.94
N SER B 479 27.43 4.95 8.35
CA SER B 479 28.11 3.68 8.54
C SER B 479 29.44 3.68 7.78
N LEU B 480 30.50 3.23 8.43
CA LEU B 480 31.82 3.19 7.82
C LEU B 480 32.07 1.91 7.05
N GLU B 481 31.31 0.85 7.34
CA GLU B 481 31.51 -0.41 6.65
C GLU B 481 30.73 -0.49 5.34
N LYS B 482 29.60 0.20 5.25
CA LYS B 482 28.71 0.09 4.10
C LYS B 482 28.75 1.34 3.22
N SER B 483 29.95 1.86 2.98
CA SER B 483 30.10 3.03 2.13
C SER B 483 31.39 2.92 1.34
N TYR B 484 31.36 3.38 0.10
CA TYR B 484 32.53 3.32 -0.78
C TYR B 484 32.36 4.39 -1.85
N GLY B 485 33.29 4.46 -2.80
CA GLY B 485 33.16 5.46 -3.84
C GLY B 485 34.19 5.26 -4.92
N CYS B 486 33.95 5.92 -6.05
CA CYS B 486 34.83 5.87 -7.21
C CYS B 486 34.86 7.26 -7.85
N LEU B 487 35.60 7.38 -8.95
CA LEU B 487 35.63 8.69 -9.60
C LEU B 487 34.41 8.92 -10.49
N PRO B 488 34.08 8.05 -11.51
CA PRO B 488 32.85 8.35 -12.28
C PRO B 488 31.62 7.73 -11.65
N GLU B 489 30.50 7.82 -12.35
CA GLU B 489 29.22 7.30 -11.88
C GLU B 489 29.21 5.77 -11.86
N LEU B 490 29.37 5.20 -10.67
CA LEU B 490 29.28 3.75 -10.46
C LEU B 490 28.60 3.49 -9.11
N PHE B 491 27.46 4.13 -8.89
CA PHE B 491 26.92 4.26 -7.54
C PHE B 491 25.58 3.57 -7.37
N GLU B 492 25.20 3.40 -6.10
CA GLU B 492 23.95 2.80 -5.67
C GLU B 492 23.02 3.88 -5.16
N PHE B 493 21.75 3.83 -5.57
CA PHE B 493 20.75 4.72 -4.99
C PHE B 493 19.40 4.01 -5.03
N THR B 494 18.84 3.73 -3.84
CA THR B 494 17.54 3.08 -3.64
C THR B 494 17.45 1.74 -4.36
N SER B 495 18.51 0.93 -4.18
CA SER B 495 18.66 -0.39 -4.79
C SER B 495 18.61 -0.32 -6.32
N MET B 496 19.17 0.75 -6.89
CA MET B 496 19.28 0.88 -8.34
C MET B 496 20.75 1.14 -8.66
N PHE B 497 21.45 0.10 -9.14
CA PHE B 497 22.86 0.20 -9.42
C PHE B 497 23.08 0.88 -10.76
N PHE B 498 23.77 2.02 -10.74
CA PHE B 498 23.91 2.87 -11.91
C PHE B 498 25.33 2.76 -12.46
N SER B 499 25.44 2.52 -13.76
CA SER B 499 26.73 2.37 -14.43
C SER B 499 27.24 3.71 -14.93
N GLY B 500 28.32 3.67 -15.71
CA GLY B 500 28.84 4.87 -16.34
C GLY B 500 27.97 5.38 -17.46
N ASP B 501 27.21 4.49 -18.09
CA ASP B 501 26.27 4.88 -19.14
C ASP B 501 24.92 4.24 -18.89
N PHE B 502 24.92 3.02 -18.38
CA PHE B 502 23.71 2.21 -18.34
C PHE B 502 23.07 2.25 -16.97
N VAL B 503 21.80 1.83 -16.94
CA VAL B 503 20.94 1.99 -15.77
C VAL B 503 20.23 0.67 -15.53
N SER B 504 20.38 0.15 -14.31
CA SER B 504 19.64 -1.04 -13.91
C SER B 504 18.28 -0.64 -13.35
N ASN B 505 17.40 -1.63 -13.22
CA ASN B 505 16.02 -1.37 -12.82
C ASN B 505 15.76 -1.87 -11.41
N ILE B 506 14.60 -1.44 -10.88
CA ILE B 506 14.18 -1.87 -9.56
C ILE B 506 13.77 -3.33 -9.62
N ALA B 507 14.29 -4.14 -8.69
CA ALA B 507 13.93 -5.54 -8.64
C ALA B 507 12.46 -5.69 -8.23
N LEU B 508 11.66 -6.25 -9.13
CA LEU B 508 10.22 -6.30 -8.97
C LEU B 508 9.80 -7.41 -8.02
N GLU B 509 8.70 -7.17 -7.30
CA GLU B 509 8.13 -8.17 -6.40
C GLU B 509 7.37 -9.21 -7.20
N LEU B 510 7.76 -10.47 -7.05
CA LEU B 510 6.99 -11.56 -7.64
C LEU B 510 5.59 -11.77 -7.04
N PRO B 511 5.38 -11.86 -5.71
CA PRO B 511 4.03 -12.21 -5.23
C PRO B 511 3.00 -11.11 -5.40
N ALA B 512 3.37 -9.92 -5.87
CA ALA B 512 2.39 -8.88 -6.15
C ALA B 512 1.58 -9.15 -7.41
N PHE B 513 1.89 -10.21 -8.15
CA PHE B 513 1.21 -10.47 -9.41
C PHE B 513 -0.16 -11.08 -9.19
N THR B 514 -0.25 -12.08 -8.31
CA THR B 514 -1.50 -12.80 -8.07
C THR B 514 -1.86 -12.68 -6.60
N THR B 515 -2.47 -11.55 -6.24
CA THR B 515 -3.09 -11.32 -4.94
C THR B 515 -4.43 -10.60 -5.10
N ALA B 516 -5.15 -10.91 -6.19
CA ALA B 516 -6.49 -10.36 -6.34
C ALA B 516 -7.50 -11.18 -5.55
N GLY B 517 -7.70 -12.44 -5.95
CA GLY B 517 -8.53 -13.42 -5.25
C GLY B 517 -9.95 -13.02 -4.94
N MET B 518 -10.74 -12.61 -5.94
CA MET B 518 -12.07 -12.11 -5.66
C MET B 518 -13.15 -12.78 -6.51
N ASN B 519 -12.81 -13.12 -7.75
CA ASN B 519 -13.83 -13.47 -8.73
C ASN B 519 -13.16 -14.26 -9.85
N GLU B 520 -13.98 -14.94 -10.65
CA GLU B 520 -13.52 -15.59 -11.87
C GLU B 520 -13.26 -14.61 -13.01
N GLY B 521 -13.53 -13.32 -12.81
CA GLY B 521 -13.25 -12.33 -13.82
C GLY B 521 -12.23 -11.30 -13.39
N THR B 522 -12.06 -11.13 -12.08
CA THR B 522 -11.21 -10.07 -11.54
C THR B 522 -9.84 -10.57 -11.12
N ASP B 523 -9.49 -11.80 -11.48
CA ASP B 523 -8.17 -12.31 -11.17
C ASP B 523 -7.22 -12.28 -12.36
N PHE B 524 -7.74 -12.36 -13.58
CA PHE B 524 -6.90 -12.33 -14.77
C PHE B 524 -6.72 -10.93 -15.32
N THR B 525 -7.81 -10.14 -15.39
CA THR B 525 -7.71 -8.79 -15.90
C THR B 525 -6.96 -7.88 -14.95
N ALA B 526 -7.09 -8.13 -13.65
CA ALA B 526 -6.26 -7.42 -12.67
C ALA B 526 -4.81 -7.81 -12.79
N ALA B 527 -4.53 -9.07 -13.15
CA ALA B 527 -3.16 -9.47 -13.42
C ALA B 527 -2.61 -8.78 -14.68
N MET B 528 -3.48 -8.55 -15.67
CA MET B 528 -3.06 -7.77 -16.83
C MET B 528 -2.82 -6.32 -16.45
N SER B 529 -3.53 -5.81 -15.43
CA SER B 529 -3.23 -4.46 -14.95
C SER B 529 -1.89 -4.43 -14.22
N VAL B 530 -1.57 -5.48 -13.46
CA VAL B 530 -0.31 -5.47 -12.70
C VAL B 530 0.88 -5.62 -13.64
N ILE B 531 0.79 -6.53 -14.62
CA ILE B 531 1.86 -6.70 -15.60
C ILE B 531 1.95 -5.46 -16.50
N ARG B 532 0.82 -4.78 -16.73
CA ARG B 532 0.84 -3.54 -17.50
C ARG B 532 1.56 -2.43 -16.73
N THR B 533 1.28 -2.30 -15.43
CA THR B 533 1.92 -1.26 -14.62
C THR B 533 3.40 -1.55 -14.39
N ASN B 534 3.78 -2.82 -14.27
CA ASN B 534 5.20 -3.13 -14.20
C ASN B 534 5.88 -3.04 -15.55
N MET B 535 5.11 -3.07 -16.63
CA MET B 535 5.71 -2.85 -17.95
C MET B 535 5.97 -1.37 -18.19
N ILE B 536 5.06 -0.51 -17.73
CA ILE B 536 5.25 0.92 -17.93
C ILE B 536 6.28 1.49 -16.96
N ASN B 537 6.13 1.17 -15.67
CA ASN B 537 6.99 1.77 -14.65
C ASN B 537 8.40 1.19 -14.69
N ASN B 538 8.51 -0.14 -14.65
CA ASN B 538 9.82 -0.77 -14.71
C ASN B 538 10.23 -0.96 -16.17
N GLY B 539 11.38 -1.60 -16.39
CA GLY B 539 11.79 -1.93 -17.74
C GLY B 539 10.94 -3.02 -18.33
N LEU B 540 11.10 -4.23 -17.80
CA LEU B 540 10.22 -5.40 -18.00
C LEU B 540 10.06 -5.72 -19.49
N SER B 541 11.16 -6.23 -20.05
CA SER B 541 11.33 -6.75 -21.40
C SER B 541 10.16 -7.62 -21.87
N PRO B 542 9.83 -7.61 -23.17
CA PRO B 542 8.52 -8.14 -23.61
C PRO B 542 8.34 -9.64 -23.43
N GLY B 543 9.36 -10.43 -23.73
CA GLY B 543 9.24 -11.88 -23.60
C GLY B 543 9.11 -12.32 -22.16
N THR B 544 9.74 -11.57 -21.25
CA THR B 544 9.59 -11.84 -19.82
C THR B 544 8.15 -11.60 -19.38
N ALA B 545 7.52 -10.57 -19.93
CA ALA B 545 6.13 -10.28 -19.59
C ALA B 545 5.19 -11.28 -20.24
N LEU B 546 5.54 -11.79 -21.41
CA LEU B 546 4.76 -12.87 -22.02
C LEU B 546 4.87 -14.14 -21.20
N MET B 547 6.05 -14.41 -20.66
CA MET B 547 6.24 -15.61 -19.84
C MET B 547 5.50 -15.50 -18.52
N ALA B 548 5.58 -14.34 -17.88
CA ALA B 548 4.83 -14.12 -16.64
C ALA B 548 3.33 -14.11 -16.89
N LEU B 549 2.93 -13.67 -18.08
CA LEU B 549 1.53 -13.72 -18.48
C LEU B 549 1.04 -15.16 -18.60
N ARG B 550 1.86 -16.03 -19.19
CA ARG B 550 1.44 -17.42 -19.32
C ARG B 550 1.50 -18.14 -17.98
N ILE B 551 2.41 -17.73 -17.09
CA ILE B 551 2.46 -18.30 -15.75
C ILE B 551 1.23 -17.91 -14.94
N CYS B 552 0.85 -16.64 -14.99
CA CYS B 552 -0.35 -16.19 -14.28
C CYS B 552 -1.62 -16.79 -14.87
N LEU B 553 -1.63 -17.01 -16.19
CA LEU B 553 -2.70 -17.76 -16.82
C LEU B 553 -2.75 -19.20 -16.31
N GLN B 554 -1.56 -19.79 -16.08
CA GLN B 554 -1.48 -21.17 -15.61
C GLN B 554 -1.98 -21.28 -14.18
N GLU B 555 -1.64 -20.32 -13.32
CA GLU B 555 -2.14 -20.36 -11.96
C GLU B 555 -3.62 -19.99 -11.90
N PHE B 556 -4.10 -19.20 -12.86
CA PHE B 556 -5.53 -18.96 -12.94
C PHE B 556 -6.30 -20.22 -13.30
N ARG B 557 -5.82 -20.97 -14.30
CA ARG B 557 -6.48 -22.23 -14.65
C ARG B 557 -6.26 -23.31 -13.59
N ALA B 558 -5.22 -23.17 -12.76
CA ALA B 558 -5.00 -24.10 -11.66
C ALA B 558 -5.85 -23.75 -10.44
N THR B 559 -6.26 -22.50 -10.30
CA THR B 559 -7.04 -22.10 -9.14
C THR B 559 -8.49 -22.56 -9.26
N TYR B 560 -9.13 -22.27 -10.39
CA TYR B 560 -10.55 -22.50 -10.57
C TYR B 560 -10.87 -23.76 -11.35
N ARG B 561 -9.84 -24.58 -11.65
CA ARG B 561 -9.99 -25.95 -12.18
C ARG B 561 -10.63 -25.94 -13.56
N VAL B 562 -10.25 -24.99 -14.41
CA VAL B 562 -10.79 -24.85 -15.75
C VAL B 562 -9.71 -25.22 -16.76
N HIS B 563 -10.07 -26.07 -17.71
CA HIS B 563 -9.16 -26.59 -18.71
C HIS B 563 -9.72 -26.34 -20.11
N PRO B 564 -8.85 -26.26 -21.11
CA PRO B 564 -9.35 -26.19 -22.49
C PRO B 564 -10.03 -27.49 -22.90
N TYR B 565 -10.90 -27.35 -23.90
CA TYR B 565 -11.78 -28.46 -24.30
C TYR B 565 -11.00 -29.60 -24.96
N ASP B 566 -9.91 -29.29 -25.64
CA ASP B 566 -9.10 -30.33 -26.26
C ASP B 566 -8.26 -31.10 -25.23
N SER B 567 -8.05 -30.53 -24.05
CA SER B 567 -7.33 -31.23 -22.99
C SER B 567 -8.19 -32.31 -22.37
N GLY B 568 -7.56 -33.42 -22.03
CA GLY B 568 -8.27 -34.59 -21.56
C GLY B 568 -8.44 -34.66 -20.06
N VAL B 569 -8.50 -33.50 -19.42
CA VAL B 569 -8.71 -33.45 -17.97
C VAL B 569 -10.19 -33.68 -17.68
N LYS B 570 -10.48 -34.66 -16.83
CA LYS B 570 -11.86 -35.10 -16.55
C LYS B 570 -12.13 -34.96 -15.06
N ASN B 571 -12.67 -33.81 -14.68
CA ASN B 571 -13.15 -33.55 -13.33
C ASN B 571 -14.65 -33.21 -13.37
N HIS B 572 -15.16 -32.73 -12.24
CA HIS B 572 -16.57 -32.44 -12.03
C HIS B 572 -17.08 -31.24 -12.81
N ARG B 573 -16.24 -30.48 -13.49
CA ARG B 573 -16.69 -29.35 -14.29
C ARG B 573 -16.41 -29.47 -15.78
N MET B 574 -15.34 -30.18 -16.17
CA MET B 574 -15.07 -30.43 -17.58
C MET B 574 -15.99 -31.48 -18.19
N LYS B 575 -16.76 -32.17 -17.36
CA LYS B 575 -17.73 -33.14 -17.86
C LYS B 575 -18.90 -32.43 -18.53
N ILE B 576 -19.34 -31.32 -17.96
CA ILE B 576 -20.45 -30.56 -18.53
C ILE B 576 -20.01 -29.86 -19.81
N ILE B 577 -18.80 -29.31 -19.79
CA ILE B 577 -18.28 -28.57 -20.93
C ILE B 577 -17.98 -29.52 -22.09
N ARG B 578 -17.36 -30.67 -21.78
CA ARG B 578 -17.08 -31.68 -22.78
C ARG B 578 -18.36 -32.33 -23.28
N LYS B 579 -19.38 -32.39 -22.44
CA LYS B 579 -20.66 -32.94 -22.85
C LYS B 579 -21.40 -32.00 -23.79
N PHE B 580 -21.30 -30.69 -23.55
CA PHE B 580 -22.09 -29.70 -24.27
C PHE B 580 -21.25 -28.92 -25.28
N ILE B 581 -20.12 -29.49 -25.71
CA ILE B 581 -19.24 -28.78 -26.63
C ILE B 581 -19.76 -28.83 -28.06
N GLU B 582 -20.61 -29.81 -28.40
CA GLU B 582 -21.22 -29.83 -29.72
C GLU B 582 -22.33 -28.80 -29.86
N THR B 583 -22.78 -28.21 -28.76
CA THR B 583 -23.75 -27.13 -28.83
C THR B 583 -23.13 -25.84 -29.31
N ILE B 584 -21.84 -25.64 -29.08
CA ILE B 584 -21.13 -24.44 -29.51
C ILE B 584 -20.64 -24.64 -30.93
N GLU B 585 -21.01 -23.71 -31.82
CA GLU B 585 -20.58 -23.80 -33.21
C GLU B 585 -19.17 -23.25 -33.39
N ASN B 586 -18.94 -22.02 -32.95
CA ASN B 586 -17.64 -21.37 -33.10
C ASN B 586 -16.91 -21.50 -31.77
N LYS B 587 -15.87 -22.35 -31.76
CA LYS B 587 -15.30 -22.85 -30.51
C LYS B 587 -14.47 -21.82 -29.77
N ASP B 588 -13.96 -20.80 -30.45
CA ASP B 588 -13.12 -19.79 -29.81
C ASP B 588 -13.93 -18.70 -29.11
N GLY B 589 -15.25 -18.80 -29.13
CA GLY B 589 -16.12 -17.91 -28.39
C GLY B 589 -16.28 -18.24 -26.93
N LEU B 590 -15.58 -19.25 -26.44
CA LEU B 590 -15.59 -19.59 -25.02
C LEU B 590 -14.68 -18.66 -24.25
N LEU B 591 -14.89 -18.58 -22.94
CA LEU B 591 -14.03 -17.80 -22.07
C LEU B 591 -12.96 -18.67 -21.44
N ILE B 592 -11.88 -18.03 -20.99
CA ILE B 592 -10.84 -18.75 -20.27
C ILE B 592 -11.36 -19.25 -18.94
N SER B 593 -12.18 -18.44 -18.27
CA SER B 593 -12.90 -18.93 -17.11
C SER B 593 -14.05 -19.86 -17.48
N ASP B 594 -14.39 -19.99 -18.75
CA ASP B 594 -15.47 -20.88 -19.18
C ASP B 594 -15.00 -21.98 -20.13
N GLY B 595 -13.69 -22.19 -20.23
CA GLY B 595 -13.19 -23.32 -21.00
C GLY B 595 -12.63 -22.96 -22.35
N GLY B 596 -11.91 -21.84 -22.44
CA GLY B 596 -11.31 -21.42 -23.69
C GLY B 596 -9.84 -21.14 -23.52
N LYS B 597 -9.15 -21.07 -24.65
CA LYS B 597 -7.73 -20.80 -24.68
C LYS B 597 -7.48 -19.29 -24.66
N LEU B 598 -6.21 -18.90 -24.63
CA LEU B 598 -5.87 -17.50 -24.51
C LEU B 598 -6.00 -16.79 -25.86
N MET B 599 -6.61 -15.62 -25.85
CA MET B 599 -6.59 -14.72 -26.98
C MET B 599 -6.04 -13.35 -26.65
N ASN B 600 -5.88 -13.03 -25.36
CA ASN B 600 -5.20 -11.81 -24.97
C ASN B 600 -3.72 -11.91 -25.29
N ASN B 601 -3.10 -10.76 -25.53
CA ASN B 601 -1.70 -10.72 -25.90
C ASN B 601 -1.07 -9.54 -25.19
N ILE B 602 0.20 -9.24 -25.51
CA ILE B 602 0.88 -8.11 -24.89
C ILE B 602 0.29 -6.80 -25.38
N SER B 603 -0.15 -6.76 -26.64
CA SER B 603 -0.88 -5.62 -27.18
C SER B 603 -2.35 -5.63 -26.80
N SER B 604 -2.76 -6.51 -25.89
CA SER B 604 -4.14 -6.59 -25.42
C SER B 604 -4.19 -6.76 -23.90
N LEU B 605 -3.23 -6.19 -23.18
CA LEU B 605 -3.27 -6.26 -21.73
C LEU B 605 -4.27 -5.28 -21.12
N HIS B 606 -4.47 -4.13 -21.76
CA HIS B 606 -5.43 -3.16 -21.28
C HIS B 606 -6.87 -3.50 -21.66
N ILE B 607 -7.08 -4.51 -22.48
CA ILE B 607 -8.41 -4.93 -22.92
C ILE B 607 -8.72 -6.27 -22.25
N PRO B 608 -9.85 -6.41 -21.57
CA PRO B 608 -10.22 -7.70 -20.99
C PRO B 608 -10.59 -8.71 -22.06
N GLU B 609 -10.73 -9.96 -21.61
CA GLU B 609 -11.00 -11.07 -22.52
C GLU B 609 -12.42 -11.02 -23.08
N GLU B 610 -13.38 -10.52 -22.31
CA GLU B 610 -14.77 -10.57 -22.73
C GLU B 610 -15.02 -9.58 -23.86
N ILE B 611 -14.44 -8.39 -23.77
CA ILE B 611 -14.61 -7.36 -24.79
C ILE B 611 -13.90 -7.79 -26.07
N LEU B 612 -12.82 -8.55 -25.96
CA LEU B 612 -12.20 -9.12 -27.15
C LEU B 612 -13.03 -10.25 -27.73
N LYS B 613 -13.78 -10.96 -26.89
CA LYS B 613 -14.41 -12.20 -27.31
C LYS B 613 -15.91 -12.12 -27.56
N GLU B 614 -16.58 -11.01 -27.20
CA GLU B 614 -18.01 -10.92 -27.49
C GLU B 614 -18.32 -10.75 -28.97
N ASP B 615 -17.33 -10.44 -29.80
CA ASP B 615 -17.53 -10.33 -31.24
C ASP B 615 -17.43 -11.67 -31.94
N LEU B 616 -17.16 -12.75 -31.21
CA LEU B 616 -17.12 -14.09 -31.76
C LEU B 616 -18.01 -15.07 -31.00
N MET B 617 -18.82 -14.57 -30.06
CA MET B 617 -19.67 -15.44 -29.28
C MET B 617 -20.86 -15.93 -30.09
N ASP B 618 -21.40 -17.05 -29.66
CA ASP B 618 -22.68 -17.50 -30.17
C ASP B 618 -23.80 -16.73 -29.46
N PRO B 619 -24.89 -16.43 -30.17
CA PRO B 619 -25.94 -15.60 -29.55
C PRO B 619 -26.69 -16.30 -28.43
N SER B 620 -26.80 -17.62 -28.48
CA SER B 620 -27.33 -18.36 -27.33
C SER B 620 -26.35 -18.34 -26.17
N TYR B 621 -25.04 -18.36 -26.48
CA TYR B 621 -24.03 -18.27 -25.44
C TYR B 621 -23.98 -16.87 -24.85
N ARG B 622 -24.07 -15.85 -25.70
CA ARG B 622 -24.02 -14.47 -25.24
C ARG B 622 -25.27 -14.09 -24.45
N ASN B 623 -26.44 -14.49 -24.94
CA ASN B 623 -27.66 -14.23 -24.18
C ASN B 623 -27.79 -15.13 -22.96
N ARG B 624 -27.11 -16.27 -22.97
CA ARG B 624 -27.21 -17.21 -21.84
C ARG B 624 -26.30 -16.83 -20.69
N VAL B 625 -25.06 -16.41 -20.99
CA VAL B 625 -24.11 -16.09 -19.92
C VAL B 625 -24.41 -14.72 -19.33
N PHE B 626 -24.77 -13.75 -20.16
CA PHE B 626 -24.91 -12.36 -19.74
C PHE B 626 -26.31 -12.02 -19.24
N ASN B 627 -27.00 -12.99 -18.66
CA ASN B 627 -28.27 -12.71 -18.01
C ASN B 627 -28.02 -12.05 -16.65
N PRO B 628 -28.54 -10.85 -16.41
CA PRO B 628 -28.49 -10.30 -15.05
C PRO B 628 -29.49 -10.97 -14.11
N ARG B 629 -30.46 -11.71 -14.64
CA ARG B 629 -31.29 -12.60 -13.83
C ARG B 629 -30.50 -13.88 -13.62
N ASN B 630 -29.58 -13.82 -12.66
CA ASN B 630 -28.81 -14.97 -12.24
C ASN B 630 -28.85 -15.12 -10.72
N PRO B 631 -28.85 -16.35 -10.22
CA PRO B 631 -28.87 -16.55 -8.77
C PRO B 631 -27.51 -16.47 -8.09
N PHE B 632 -26.45 -16.07 -8.82
CA PHE B 632 -25.12 -15.95 -8.24
C PHE B 632 -24.71 -14.51 -7.99
N THR B 633 -25.03 -13.59 -8.90
CA THR B 633 -24.67 -12.19 -8.70
C THR B 633 -25.67 -11.46 -7.82
N GLN B 634 -26.95 -11.80 -7.93
CA GLN B 634 -27.96 -11.22 -7.06
C GLN B 634 -28.02 -11.98 -5.75
N PHE B 635 -28.87 -11.52 -4.84
CA PHE B 635 -28.99 -12.11 -3.52
C PHE B 635 -30.45 -12.17 -3.07
N ALA B 655 -12.91 -3.44 -11.60
CA ALA B 655 -13.67 -2.52 -12.43
C ALA B 655 -13.86 -3.09 -13.84
N VAL B 656 -14.47 -4.27 -13.92
CA VAL B 656 -14.60 -4.99 -15.19
C VAL B 656 -16.06 -5.38 -15.43
N VAL B 657 -16.29 -6.09 -16.52
CA VAL B 657 -17.62 -6.61 -16.81
C VAL B 657 -17.93 -7.75 -15.84
N SER B 658 -19.06 -7.65 -15.17
CA SER B 658 -19.44 -8.58 -14.11
C SER B 658 -20.47 -9.56 -14.66
N THR B 659 -20.04 -10.78 -14.93
CA THR B 659 -20.95 -11.86 -15.31
C THR B 659 -20.70 -13.15 -14.57
N HIS B 660 -19.61 -13.27 -13.80
CA HIS B 660 -19.34 -14.45 -13.00
C HIS B 660 -19.23 -14.13 -11.52
N SER B 661 -19.68 -12.96 -11.09
CA SER B 661 -19.39 -12.43 -9.76
C SER B 661 -20.18 -13.16 -8.69
N PHE B 662 -19.53 -14.07 -7.99
CA PHE B 662 -20.13 -14.81 -6.88
C PHE B 662 -19.41 -14.50 -5.58
N ARG B 663 -20.06 -14.85 -4.47
CA ARG B 663 -19.53 -14.63 -3.13
C ARG B 663 -19.34 -15.98 -2.43
N THR B 664 -18.12 -16.24 -1.98
CA THR B 664 -17.85 -17.46 -1.23
C THR B 664 -18.37 -17.33 0.21
N ARG B 665 -18.42 -18.47 0.89
CA ARG B 665 -18.91 -18.50 2.26
C ARG B 665 -17.86 -17.96 3.23
N SER B 666 -18.34 -17.37 4.32
CA SER B 666 -17.49 -16.71 5.29
C SER B 666 -16.96 -17.73 6.30
N ASN B 667 -16.28 -17.26 7.34
CA ASN B 667 -15.72 -18.13 8.36
C ASN B 667 -16.82 -18.63 9.29
N ARG B 668 -16.49 -19.70 10.03
CA ARG B 668 -17.39 -20.25 11.04
C ARG B 668 -16.95 -19.95 12.47
N THR B 669 -15.74 -19.45 12.65
CA THR B 669 -15.25 -19.14 13.99
C THR B 669 -15.67 -17.75 14.43
N MET B 678 -17.69 -6.83 19.04
CA MET B 678 -18.27 -5.75 18.26
C MET B 678 -19.10 -6.29 17.10
N ALA B 679 -20.34 -6.67 17.39
CA ALA B 679 -21.24 -7.21 16.38
C ALA B 679 -22.61 -6.54 16.33
N LEU B 680 -23.00 -5.76 17.33
CA LEU B 680 -24.24 -5.00 17.25
C LEU B 680 -24.02 -3.67 16.56
N GLU B 681 -22.83 -3.08 16.71
CA GLU B 681 -22.51 -1.80 16.09
C GLU B 681 -22.47 -1.91 14.57
N GLU B 682 -22.02 -3.05 14.03
CA GLU B 682 -22.07 -3.23 12.59
C GLU B 682 -23.51 -3.40 12.11
N LYS B 683 -24.38 -3.96 12.95
CA LYS B 683 -25.79 -4.12 12.59
C LYS B 683 -26.50 -2.78 12.54
N ARG B 684 -26.34 -1.98 13.60
CA ARG B 684 -26.99 -0.66 13.65
C ARG B 684 -26.42 0.28 12.60
N TYR B 685 -25.09 0.25 12.42
CA TYR B 685 -24.45 1.17 11.48
C TYR B 685 -24.76 0.80 10.04
N GLN B 686 -24.80 -0.49 9.72
CA GLN B 686 -25.20 -0.87 8.37
C GLN B 686 -26.70 -0.76 8.15
N VAL B 687 -27.51 -0.72 9.21
CA VAL B 687 -28.91 -0.31 9.05
C VAL B 687 -28.97 1.17 8.68
N VAL B 688 -28.09 2.00 9.25
CA VAL B 688 -28.00 3.39 8.83
C VAL B 688 -27.47 3.49 7.40
N CYS B 689 -26.56 2.59 7.01
CA CYS B 689 -25.99 2.64 5.66
C CYS B 689 -26.99 2.21 4.60
N ASN B 690 -27.64 1.06 4.80
CA ASN B 690 -28.63 0.59 3.84
C ASN B 690 -29.88 1.43 3.86
N MET B 691 -30.20 2.04 5.01
CA MET B 691 -31.35 2.92 5.10
C MET B 691 -31.11 4.23 4.36
N TYR B 692 -30.00 4.90 4.66
CA TYR B 692 -29.70 6.18 4.01
C TYR B 692 -29.32 5.98 2.56
N ARG B 693 -28.72 4.84 2.21
CA ARG B 693 -28.47 4.50 0.83
C ARG B 693 -29.76 4.14 0.11
N SER B 694 -30.74 3.59 0.83
CA SER B 694 -32.02 3.24 0.21
C SER B 694 -32.87 4.47 -0.03
N VAL B 695 -32.75 5.49 0.83
CA VAL B 695 -33.48 6.74 0.61
C VAL B 695 -32.88 7.49 -0.58
N PHE B 696 -31.57 7.68 -0.57
CA PHE B 696 -30.88 8.42 -1.62
C PHE B 696 -30.17 7.43 -2.53
N GLU B 697 -30.76 7.18 -3.70
CA GLU B 697 -30.25 6.14 -4.60
C GLU B 697 -28.93 6.51 -5.25
N SER B 698 -28.61 7.79 -5.35
CA SER B 698 -27.33 8.23 -5.90
C SER B 698 -26.60 9.00 -4.79
N ALA B 699 -25.96 8.25 -3.89
CA ALA B 699 -25.30 8.85 -2.75
C ALA B 699 -23.90 8.31 -2.44
N ASP B 700 -23.50 7.17 -3.00
CA ASP B 700 -22.13 6.70 -2.82
C ASP B 700 -21.17 7.32 -3.82
N VAL B 701 -21.67 8.01 -4.83
CA VAL B 701 -20.84 8.67 -5.82
C VAL B 701 -20.46 10.04 -5.30
N ASN B 702 -21.46 10.85 -4.98
CA ASN B 702 -21.24 12.19 -4.47
C ASN B 702 -21.03 12.15 -2.95
N THR B 703 -20.32 13.15 -2.46
CA THR B 703 -20.11 13.31 -1.03
C THR B 703 -21.43 13.68 -0.36
N PRO B 704 -21.79 13.03 0.77
CA PRO B 704 -23.06 13.37 1.43
C PRO B 704 -23.03 14.72 2.13
N ILE B 705 -23.26 15.78 1.36
CA ILE B 705 -23.26 17.13 1.92
C ILE B 705 -24.51 17.36 2.77
N GLY B 706 -24.48 18.44 3.54
CA GLY B 706 -25.59 18.76 4.41
C GLY B 706 -25.42 18.11 5.76
N SER B 707 -25.25 18.94 6.80
CA SER B 707 -25.03 18.44 8.15
C SER B 707 -26.01 19.03 9.15
N MET B 708 -27.11 19.61 8.65
CA MET B 708 -28.12 20.18 9.54
C MET B 708 -28.91 19.10 10.26
N SER B 709 -29.27 18.04 9.53
CA SER B 709 -29.98 16.86 10.02
C SER B 709 -29.95 15.83 8.91
N MET B 710 -30.04 14.56 9.29
CA MET B 710 -30.18 13.50 8.29
C MET B 710 -31.64 13.12 8.08
N GLY B 711 -32.33 12.76 9.17
CA GLY B 711 -33.68 12.22 9.08
C GLY B 711 -34.74 13.23 8.72
N GLU B 712 -34.46 14.52 8.81
CA GLU B 712 -35.43 15.52 8.40
C GLU B 712 -35.59 15.54 6.89
N ALA B 713 -34.47 15.47 6.17
CA ALA B 713 -34.53 15.33 4.72
C ALA B 713 -34.94 13.92 4.29
N ILE B 714 -34.83 12.95 5.19
CA ILE B 714 -35.38 11.62 4.90
C ILE B 714 -36.90 11.67 4.95
N GLU B 715 -37.46 12.28 6.01
CA GLU B 715 -38.91 12.39 6.15
C GLU B 715 -39.51 13.29 5.08
N ALA B 716 -38.86 14.42 4.79
CA ALA B 716 -39.29 15.26 3.68
C ALA B 716 -38.99 14.63 2.33
N LYS B 717 -38.10 13.64 2.28
CA LYS B 717 -37.83 12.94 1.03
C LYS B 717 -38.91 11.88 0.75
N ILE B 718 -39.36 11.19 1.80
CA ILE B 718 -40.43 10.22 1.62
C ILE B 718 -41.76 10.93 1.42
N LEU B 719 -41.96 12.08 2.08
CA LEU B 719 -43.10 12.93 1.74
C LEU B 719 -42.96 13.51 0.34
N ASP B 720 -41.73 13.79 -0.09
CA ASP B 720 -41.51 14.44 -1.38
C ASP B 720 -41.79 13.47 -2.53
N ARG B 721 -41.22 12.27 -2.48
CA ARG B 721 -41.44 11.30 -3.54
C ARG B 721 -42.75 10.55 -3.37
N ALA B 722 -43.29 10.49 -2.15
CA ALA B 722 -44.63 9.94 -1.96
C ALA B 722 -45.69 10.89 -2.51
N ARG B 723 -45.48 12.19 -2.37
CA ARG B 723 -46.41 13.15 -2.95
C ARG B 723 -46.17 13.30 -4.44
N THR B 724 -44.91 13.17 -4.87
CA THR B 724 -44.55 13.27 -6.28
C THR B 724 -45.12 12.10 -7.07
N GLN B 725 -44.92 10.88 -6.58
CA GLN B 725 -45.56 9.70 -7.14
C GLN B 725 -47.05 9.66 -6.86
N PHE B 726 -47.53 10.47 -5.91
CA PHE B 726 -48.94 10.46 -5.52
C PHE B 726 -49.80 11.29 -6.47
N GLU B 727 -49.50 12.59 -6.60
CA GLU B 727 -50.49 13.59 -7.03
C GLU B 727 -51.03 13.38 -8.44
N ASN B 728 -50.23 12.84 -9.36
CA ASN B 728 -50.69 12.48 -10.70
C ASN B 728 -50.29 11.05 -11.02
N GLY B 729 -50.34 10.22 -9.99
CA GLY B 729 -49.85 8.85 -9.92
C GLY B 729 -50.86 7.94 -9.24
N ILE B 730 -50.49 7.54 -8.01
CA ILE B 730 -51.19 6.53 -7.25
C ILE B 730 -52.61 6.91 -7.13
N ILE B 731 -52.80 7.92 -6.29
CA ILE B 731 -54.09 8.48 -5.94
C ILE B 731 -54.93 7.44 -5.23
N GLY B 732 -54.83 7.42 -3.90
CA GLY B 732 -55.61 6.56 -3.00
C GLY B 732 -55.30 6.96 -1.57
N GLY B 733 -56.36 7.18 -0.77
CA GLY B 733 -56.21 7.92 0.47
C GLY B 733 -55.56 7.15 1.60
N GLU B 734 -55.73 5.82 1.59
CA GLU B 734 -55.21 5.01 2.69
C GLU B 734 -53.69 4.85 2.62
N GLU B 735 -53.11 4.88 1.42
CA GLU B 735 -51.67 4.78 1.30
C GLU B 735 -50.98 6.08 1.69
N TYR B 736 -51.50 7.21 1.20
CA TYR B 736 -50.90 8.51 1.51
C TYR B 736 -51.15 8.89 2.97
N SER B 737 -52.35 8.62 3.48
CA SER B 737 -52.63 8.89 4.87
C SER B 737 -51.94 7.89 5.79
N GLU B 738 -51.71 6.67 5.29
CA GLU B 738 -51.02 5.65 6.08
C GLU B 738 -49.55 5.97 6.23
N ILE B 739 -48.87 6.27 5.11
CA ILE B 739 -47.47 6.64 5.14
C ILE B 739 -47.30 8.00 5.83
N LYS B 740 -48.29 8.88 5.69
CA LYS B 740 -48.33 10.12 6.47
C LYS B 740 -48.38 9.84 7.97
N ARG B 741 -49.17 8.84 8.37
CA ARG B 741 -49.24 8.46 9.78
C ARG B 741 -47.93 7.83 10.25
N LEU B 742 -47.24 7.09 9.37
CA LEU B 742 -45.97 6.50 9.74
C LEU B 742 -44.88 7.55 9.91
N ILE B 743 -44.88 8.56 9.04
CA ILE B 743 -43.89 9.63 9.14
C ILE B 743 -44.15 10.50 10.35
N GLU B 744 -45.42 10.80 10.63
CA GLU B 744 -45.75 11.60 11.82
C GLU B 744 -45.48 10.85 13.11
N ASP B 745 -45.79 9.54 13.15
CA ASP B 745 -45.52 8.76 14.35
C ASP B 745 -44.03 8.54 14.55
N ALA B 746 -43.26 8.42 13.46
CA ALA B 746 -41.82 8.30 13.59
C ALA B 746 -41.19 9.62 14.02
N LYS B 747 -41.77 10.75 13.60
CA LYS B 747 -41.23 12.04 13.99
C LYS B 747 -41.55 12.37 15.44
N ARG B 748 -42.78 12.08 15.88
CA ARG B 748 -43.14 12.31 17.28
C ARG B 748 -42.45 11.30 18.20
N GLN B 749 -42.16 10.10 17.70
CA GLN B 749 -41.40 9.13 18.48
C GLN B 749 -39.94 9.53 18.59
N ARG B 750 -39.37 10.06 17.51
CA ARG B 750 -37.95 10.39 17.47
C ARG B 750 -37.65 11.67 18.24
N LEU B 751 -38.47 12.71 18.01
CA LEU B 751 -38.14 14.04 18.52
C LEU B 751 -38.29 14.13 20.03
N SER B 752 -39.18 13.35 20.61
CA SER B 752 -39.36 13.33 22.06
C SER B 752 -38.22 12.57 22.73
N SER C 2 -40.74 -3.42 -3.01
CA SER C 2 -40.95 -2.28 -2.13
C SER C 2 -41.82 -1.23 -2.81
N LEU C 3 -41.29 -0.66 -3.90
CA LEU C 3 -41.94 0.38 -4.72
C LEU C 3 -42.31 1.61 -3.92
N LEU C 4 -41.48 1.93 -2.90
CA LEU C 4 -41.60 3.13 -2.06
C LEU C 4 -42.95 3.20 -1.35
N LEU C 5 -43.28 2.12 -0.65
CA LEU C 5 -44.51 2.07 0.14
C LEU C 5 -44.18 1.52 1.53
N THR C 6 -43.15 0.69 1.60
CA THR C 6 -42.74 0.06 2.85
C THR C 6 -41.47 0.66 3.43
N LEU C 7 -40.84 1.59 2.73
CA LEU C 7 -39.60 2.18 3.22
C LEU C 7 -39.85 3.11 4.39
N ALA C 8 -41.02 3.75 4.42
CA ALA C 8 -41.40 4.54 5.59
C ALA C 8 -41.82 3.65 6.75
N LYS C 9 -42.29 2.43 6.46
CA LYS C 9 -42.63 1.50 7.52
C LYS C 9 -41.37 1.01 8.23
N GLU C 10 -40.37 0.57 7.45
CA GLU C 10 -39.12 0.15 8.06
C GLU C 10 -38.30 1.34 8.56
N TYR C 11 -38.55 2.54 8.04
CA TYR C 11 -37.94 3.72 8.64
C TYR C 11 -38.55 4.01 10.00
N ALA C 12 -39.87 3.84 10.13
CA ALA C 12 -40.53 4.11 11.40
C ALA C 12 -40.19 3.04 12.43
N ASN C 13 -40.08 1.79 11.99
CA ASN C 13 -39.82 0.69 12.91
C ASN C 13 -38.37 0.63 13.37
N LEU C 14 -37.42 1.08 12.56
CA LEU C 14 -36.00 0.97 12.91
C LEU C 14 -35.44 2.29 13.44
N THR C 15 -36.30 3.23 13.80
CA THR C 15 -35.91 4.44 14.49
C THR C 15 -36.60 4.53 15.85
N LYS C 16 -36.80 3.38 16.48
CA LYS C 16 -37.31 3.30 17.85
C LYS C 16 -36.21 3.31 18.89
N ASP C 17 -34.95 3.47 18.47
CA ASP C 17 -33.80 3.41 19.35
C ASP C 17 -33.38 4.81 19.76
N LYS C 18 -32.91 4.93 21.00
CA LYS C 18 -32.49 6.22 21.52
C LYS C 18 -31.14 6.63 20.97
N LYS C 19 -30.20 5.67 20.84
CA LYS C 19 -28.89 5.99 20.30
C LYS C 19 -28.95 6.29 18.81
N SER C 20 -30.00 5.84 18.13
CA SER C 20 -30.22 6.27 16.75
C SER C 20 -30.60 7.74 16.68
N CYS C 21 -31.35 8.23 17.66
CA CYS C 21 -31.65 9.66 17.73
C CYS C 21 -30.45 10.45 18.25
N LYS C 22 -29.59 9.83 19.05
CA LYS C 22 -28.35 10.47 19.43
C LYS C 22 -27.38 10.55 18.26
N LEU C 23 -27.51 9.63 17.30
CA LEU C 23 -26.64 9.64 16.13
C LEU C 23 -27.23 10.49 15.01
N LEU C 24 -28.45 10.19 14.59
CA LEU C 24 -29.11 10.96 13.55
C LEU C 24 -29.57 12.31 14.10
N SER C 25 -29.26 13.38 13.36
CA SER C 25 -29.69 14.76 13.57
C SER C 25 -29.23 15.37 14.90
N GLN C 26 -28.38 14.68 15.65
CA GLN C 26 -27.77 15.23 16.84
C GLN C 26 -26.32 14.80 17.00
N GLY C 27 -25.77 14.08 16.01
CA GLY C 27 -24.42 13.58 16.10
C GLY C 27 -23.56 14.00 14.93
N THR C 28 -23.02 13.02 14.20
CA THR C 28 -22.02 13.27 13.17
C THR C 28 -22.53 12.75 11.82
N VAL C 29 -22.81 13.68 10.90
CA VAL C 29 -23.13 13.32 9.52
C VAL C 29 -21.86 12.90 8.78
N SER C 30 -20.70 13.44 9.20
CA SER C 30 -19.40 13.10 8.61
C SER C 30 -19.07 11.61 8.75
N SER C 31 -19.51 11.00 9.85
CA SER C 31 -19.18 9.60 10.10
C SER C 31 -19.85 8.64 9.13
N TYR C 32 -20.84 9.10 8.37
CA TYR C 32 -21.35 8.31 7.26
C TYR C 32 -20.28 8.03 6.23
N THR C 33 -19.36 8.99 6.01
CA THR C 33 -18.21 8.76 5.16
C THR C 33 -17.25 7.73 5.76
N THR C 34 -17.31 7.50 7.07
CA THR C 34 -16.63 6.36 7.68
C THR C 34 -17.55 5.18 7.88
N PHE C 35 -18.87 5.37 7.75
CA PHE C 35 -19.79 4.25 7.79
C PHE C 35 -19.73 3.43 6.52
N LYS C 36 -19.33 4.04 5.40
CA LYS C 36 -19.22 3.32 4.14
C LYS C 36 -18.01 2.37 4.15
N LYS C 37 -16.92 2.75 4.79
CA LYS C 37 -15.73 1.92 4.92
C LYS C 37 -15.49 1.71 6.41
N TRP C 38 -16.08 0.65 6.96
CA TRP C 38 -16.01 0.38 8.39
C TRP C 38 -15.70 -1.07 8.73
N THR C 39 -15.86 -2.01 7.79
CA THR C 39 -15.94 -3.43 8.09
C THR C 39 -14.64 -4.00 8.65
N THR C 40 -14.75 -5.18 9.27
CA THR C 40 -13.67 -5.84 9.99
C THR C 40 -12.74 -6.63 9.09
N SER C 41 -12.89 -6.55 7.76
CA SER C 41 -11.93 -7.13 6.83
C SER C 41 -10.65 -6.31 6.91
N ARG C 42 -9.65 -6.84 7.61
CA ARG C 42 -8.48 -6.03 7.99
C ARG C 42 -7.50 -5.88 6.84
N LYS C 43 -6.93 -6.99 6.36
CA LYS C 43 -5.97 -6.89 5.28
C LYS C 43 -6.19 -7.90 4.16
N GLU C 44 -6.64 -9.12 4.51
CA GLU C 44 -6.67 -10.28 3.63
C GLU C 44 -5.33 -10.48 2.91
N LYS C 45 -4.33 -10.84 3.72
CA LYS C 45 -2.94 -10.90 3.28
C LYS C 45 -2.68 -11.93 2.20
N ASN C 46 -3.54 -12.94 2.08
CA ASN C 46 -3.44 -13.94 1.01
C ASN C 46 -4.84 -14.28 0.52
N PRO C 47 -5.38 -13.49 -0.42
CA PRO C 47 -6.75 -13.74 -0.89
C PRO C 47 -6.84 -14.90 -1.87
N SER C 48 -5.81 -15.08 -2.72
CA SER C 48 -5.82 -16.18 -3.66
C SER C 48 -5.58 -17.52 -2.96
N LEU C 49 -4.87 -17.50 -1.84
CA LEU C 49 -4.74 -18.70 -1.01
C LEU C 49 -6.08 -19.09 -0.43
N ARG C 50 -6.85 -18.12 0.05
CA ARG C 50 -8.17 -18.41 0.60
C ARG C 50 -9.16 -18.79 -0.48
N MET C 51 -9.01 -18.26 -1.69
CA MET C 51 -9.82 -18.71 -2.81
C MET C 51 -9.45 -20.12 -3.24
N ARG C 52 -8.16 -20.49 -3.12
CA ARG C 52 -7.76 -21.85 -3.40
C ARG C 52 -8.29 -22.81 -2.34
N TRP C 53 -8.39 -22.36 -1.09
CA TRP C 53 -9.08 -23.14 -0.07
C TRP C 53 -10.57 -23.21 -0.33
N ALA C 54 -11.15 -22.18 -0.96
CA ALA C 54 -12.58 -22.18 -1.24
C ALA C 54 -12.91 -23.14 -2.37
N MET C 55 -12.12 -23.14 -3.44
CA MET C 55 -12.37 -24.01 -4.58
C MET C 55 -12.07 -25.47 -4.29
N GLY C 56 -11.36 -25.77 -3.19
CA GLY C 56 -11.11 -27.14 -2.80
C GLY C 56 -12.20 -27.77 -1.94
N SER C 57 -13.14 -26.96 -1.45
CA SER C 57 -14.26 -27.47 -0.67
C SER C 57 -15.34 -27.94 -1.64
N LYS C 58 -16.50 -28.33 -1.11
CA LYS C 58 -17.53 -28.93 -1.94
C LYS C 58 -18.61 -27.94 -2.38
N PHE C 59 -19.15 -27.15 -1.46
CA PHE C 59 -20.12 -26.12 -1.79
C PHE C 59 -19.70 -24.81 -1.15
N PRO C 60 -18.82 -24.05 -1.80
CA PRO C 60 -18.34 -22.81 -1.19
C PRO C 60 -19.18 -21.59 -1.53
N ILE C 61 -19.98 -21.68 -2.60
CA ILE C 61 -20.59 -20.49 -3.18
C ILE C 61 -21.89 -20.17 -2.46
N MET C 62 -22.08 -18.91 -2.10
CA MET C 62 -23.33 -18.44 -1.52
C MET C 62 -24.19 -17.85 -2.63
N ALA C 63 -25.21 -18.59 -3.06
CA ALA C 63 -26.02 -18.23 -4.21
C ALA C 63 -27.50 -18.16 -3.85
N ASN C 64 -28.26 -17.45 -4.68
CA ASN C 64 -29.70 -17.31 -4.46
C ASN C 64 -30.40 -18.63 -4.78
N ARG C 65 -31.53 -18.86 -4.12
CA ARG C 65 -32.25 -20.13 -4.18
C ARG C 65 -33.31 -20.18 -5.27
N GLU C 66 -34.16 -19.15 -5.36
CA GLU C 66 -35.42 -19.23 -6.10
C GLU C 66 -35.21 -19.35 -7.61
N ILE C 67 -34.12 -18.79 -8.14
CA ILE C 67 -33.92 -18.78 -9.58
C ILE C 67 -33.43 -20.15 -10.06
N LEU C 68 -32.47 -20.74 -9.34
CA LEU C 68 -31.91 -22.04 -9.72
C LEU C 68 -32.85 -23.19 -9.38
N GLU C 69 -33.72 -23.04 -8.38
CA GLU C 69 -34.79 -24.01 -8.20
C GLU C 69 -35.96 -23.75 -9.13
N GLU C 70 -36.03 -22.55 -9.72
CA GLU C 70 -37.00 -22.29 -10.75
C GLU C 70 -36.60 -22.91 -12.08
N ALA C 71 -35.31 -22.93 -12.40
CA ALA C 71 -34.86 -23.34 -13.73
C ALA C 71 -33.96 -24.57 -13.72
N GLY C 72 -33.06 -24.71 -12.76
CA GLY C 72 -32.03 -25.74 -12.81
C GLY C 72 -32.51 -27.10 -12.34
N ILE C 73 -31.56 -28.03 -12.31
CA ILE C 73 -31.81 -29.44 -11.99
C ILE C 73 -30.94 -29.79 -10.79
N PRO C 74 -31.44 -30.57 -9.81
CA PRO C 74 -30.64 -30.86 -8.60
C PRO C 74 -29.34 -31.61 -8.83
N GLU C 75 -29.36 -32.75 -9.52
CA GLU C 75 -28.16 -33.50 -9.79
C GLU C 75 -27.98 -33.67 -11.29
N GLN C 76 -26.72 -33.79 -11.72
CA GLN C 76 -26.43 -33.91 -13.14
C GLN C 76 -26.61 -35.36 -13.59
N TRP C 77 -26.11 -35.65 -14.79
CA TRP C 77 -26.28 -36.97 -15.39
C TRP C 77 -25.45 -38.05 -14.71
N GLU C 78 -24.40 -37.68 -13.98
CA GLU C 78 -23.62 -38.66 -13.21
C GLU C 78 -23.22 -38.00 -11.89
N GLY C 79 -24.11 -38.11 -10.90
CA GLY C 79 -23.83 -37.80 -9.51
C GLY C 79 -23.29 -36.44 -9.12
N ILE C 80 -23.30 -35.46 -10.02
CA ILE C 80 -22.71 -34.16 -9.73
C ILE C 80 -23.69 -33.38 -8.86
N ASP C 81 -23.34 -33.20 -7.60
CA ASP C 81 -24.20 -32.51 -6.65
C ASP C 81 -24.05 -31.00 -6.82
N LEU C 82 -25.17 -30.27 -6.80
CA LEU C 82 -25.18 -28.85 -7.10
C LEU C 82 -25.90 -28.01 -6.06
N TRP C 83 -26.24 -28.58 -4.91
CA TRP C 83 -27.20 -27.94 -4.01
C TRP C 83 -26.82 -28.16 -2.55
N SER C 84 -27.52 -27.44 -1.68
CA SER C 84 -27.51 -27.68 -0.25
C SER C 84 -28.89 -27.34 0.29
N LYS C 85 -29.13 -27.73 1.54
CA LYS C 85 -30.40 -27.44 2.21
C LYS C 85 -30.19 -26.64 3.49
N LYS C 86 -29.04 -26.00 3.63
CA LYS C 86 -28.71 -25.25 4.83
C LYS C 86 -29.08 -23.79 4.65
N ASP C 87 -28.86 -23.00 5.70
CA ASP C 87 -29.14 -21.57 5.66
C ASP C 87 -27.86 -20.76 5.81
N LEU C 92 -30.31 -17.49 6.74
CA LEU C 92 -31.26 -16.89 5.81
C LEU C 92 -31.42 -17.75 4.56
N GLY C 93 -32.24 -17.27 3.62
CA GLY C 93 -32.49 -17.97 2.38
C GLY C 93 -31.41 -17.82 1.33
N MET C 94 -30.25 -18.44 1.55
CA MET C 94 -29.17 -18.43 0.58
C MET C 94 -28.48 -19.79 0.59
N VAL C 95 -28.42 -20.43 -0.57
CA VAL C 95 -28.03 -21.83 -0.72
C VAL C 95 -26.62 -21.89 -1.27
N LEU C 96 -25.79 -22.73 -0.66
CA LEU C 96 -24.44 -22.97 -1.16
C LEU C 96 -24.49 -23.73 -2.47
N ALA C 97 -23.46 -23.55 -3.29
CA ALA C 97 -23.43 -24.11 -4.62
C ALA C 97 -21.99 -24.22 -5.09
N SER C 98 -21.83 -24.87 -6.24
CA SER C 98 -20.66 -25.28 -6.97
C SER C 98 -20.50 -24.42 -8.23
N PRO C 99 -19.27 -24.23 -8.71
CA PRO C 99 -19.10 -23.57 -10.02
C PRO C 99 -19.55 -24.42 -11.20
N ALA C 100 -19.81 -25.71 -10.98
CA ALA C 100 -20.48 -26.51 -12.00
C ALA C 100 -21.91 -26.05 -12.23
N ALA C 101 -22.53 -25.43 -11.23
CA ALA C 101 -23.81 -24.76 -11.45
C ALA C 101 -23.62 -23.44 -12.20
N ILE C 102 -22.46 -22.79 -12.06
CA ILE C 102 -22.19 -21.60 -12.84
C ILE C 102 -22.04 -21.94 -14.31
N THR C 103 -21.21 -22.94 -14.62
CA THR C 103 -21.05 -23.32 -16.01
C THR C 103 -22.25 -24.08 -16.55
N TYR C 104 -23.05 -24.69 -15.67
CA TYR C 104 -24.31 -25.28 -16.12
C TYR C 104 -25.32 -24.20 -16.47
N TRP C 105 -25.25 -23.07 -15.76
CA TRP C 105 -25.98 -21.89 -16.22
C TRP C 105 -25.40 -21.38 -17.53
N ASN C 106 -24.09 -21.52 -17.72
CA ASN C 106 -23.44 -21.01 -18.92
C ASN C 106 -23.66 -21.90 -20.13
N PHE C 107 -24.12 -23.14 -19.95
CA PHE C 107 -24.42 -24.02 -21.06
C PHE C 107 -25.88 -24.44 -21.16
N CYS C 108 -26.59 -24.54 -20.05
CA CYS C 108 -27.96 -25.03 -20.06
C CYS C 108 -28.82 -24.07 -19.24
N GLY C 109 -28.65 -22.78 -19.51
CA GLY C 109 -29.50 -21.77 -18.93
C GLY C 109 -30.30 -21.05 -19.99
N PRO C 110 -31.31 -20.30 -19.57
CA PRO C 110 -32.11 -19.53 -20.53
C PRO C 110 -31.34 -18.32 -21.05
N GLY C 111 -31.89 -17.71 -22.09
CA GLY C 111 -31.23 -16.58 -22.72
C GLY C 111 -32.06 -15.31 -22.68
N VAL C 112 -31.41 -14.19 -22.37
CA VAL C 112 -32.06 -12.89 -22.32
C VAL C 112 -31.30 -11.96 -23.25
N ASP C 113 -32.02 -11.32 -24.17
CA ASP C 113 -31.42 -10.44 -25.17
C ASP C 113 -30.92 -9.17 -24.48
N ASN C 114 -29.61 -9.02 -24.41
CA ASN C 114 -28.98 -7.87 -23.77
C ASN C 114 -27.82 -7.37 -24.62
N SER C 115 -28.04 -7.30 -25.94
CA SER C 115 -26.97 -6.92 -26.85
C SER C 115 -26.71 -5.43 -26.82
N SER C 116 -27.76 -4.62 -26.97
CA SER C 116 -27.58 -3.18 -27.01
C SER C 116 -27.23 -2.59 -25.65
N VAL C 117 -27.60 -3.27 -24.56
CA VAL C 117 -27.27 -2.79 -23.22
C VAL C 117 -25.77 -2.87 -22.98
N ILE C 118 -25.20 -4.06 -23.16
CA ILE C 118 -23.77 -4.25 -22.96
C ILE C 118 -22.99 -3.53 -24.04
N LYS C 119 -23.53 -3.48 -25.26
CA LYS C 119 -22.96 -2.68 -26.34
C LYS C 119 -23.36 -1.22 -26.29
N ASP C 120 -23.84 -0.74 -25.14
CA ASP C 120 -23.94 0.70 -24.87
C ASP C 120 -23.34 1.11 -23.53
N VAL C 121 -23.04 0.18 -22.63
CA VAL C 121 -22.43 0.54 -21.37
C VAL C 121 -20.93 0.72 -21.52
N TYR C 122 -20.25 -0.24 -22.14
CA TYR C 122 -18.79 -0.30 -22.14
C TYR C 122 -18.18 0.31 -23.38
N LYS C 123 -18.80 1.39 -23.90
CA LYS C 123 -18.47 1.94 -25.22
C LYS C 123 -17.05 2.47 -25.31
N ALA C 124 -16.46 2.87 -24.18
CA ALA C 124 -15.07 3.32 -24.19
C ALA C 124 -14.12 2.17 -24.50
N LYS C 125 -14.33 1.02 -23.87
CA LYS C 125 -13.44 -0.13 -24.09
C LYS C 125 -13.73 -0.83 -25.40
N PHE C 126 -14.98 -0.80 -25.87
CA PHE C 126 -15.26 -1.24 -27.23
C PHE C 126 -14.65 -0.30 -28.26
N MET C 127 -14.56 0.98 -27.94
CA MET C 127 -13.86 1.90 -28.82
C MET C 127 -12.35 1.68 -28.77
N LYS C 128 -11.83 1.23 -27.62
CA LYS C 128 -10.44 0.80 -27.55
C LYS C 128 -10.20 -0.43 -28.41
N LYS C 129 -11.16 -1.35 -28.45
CA LYS C 129 -11.01 -2.54 -29.28
C LYS C 129 -11.14 -2.18 -30.76
N GLU C 130 -11.96 -1.18 -31.08
CA GLU C 130 -12.14 -0.79 -32.47
C GLU C 130 -10.92 -0.01 -32.97
N ARG C 131 -10.34 0.84 -32.12
CA ARG C 131 -9.13 1.55 -32.51
C ARG C 131 -7.90 0.66 -32.47
N TRP C 132 -7.92 -0.42 -31.69
CA TRP C 132 -6.84 -1.40 -31.74
C TRP C 132 -6.97 -2.33 -32.93
N ARG C 133 -8.20 -2.60 -33.37
CA ARG C 133 -8.41 -3.50 -34.49
C ARG C 133 -7.98 -2.88 -35.81
N GLU C 134 -8.07 -1.56 -35.92
CA GLU C 134 -7.85 -0.85 -37.17
C GLU C 134 -6.55 -0.04 -37.17
N THR C 135 -5.51 -0.57 -36.52
CA THR C 135 -4.19 0.03 -36.56
C THR C 135 -3.24 -0.87 -37.35
N LEU C 136 -2.04 -0.37 -37.59
CA LEU C 136 -1.07 -1.10 -38.40
C LEU C 136 0.34 -0.79 -37.94
N TRP C 137 1.18 -1.82 -37.91
CA TRP C 137 2.56 -1.74 -37.44
C TRP C 137 3.51 -2.03 -38.61
N GLY C 138 4.79 -2.18 -38.28
CA GLY C 138 5.80 -2.46 -39.26
C GLY C 138 7.10 -2.99 -38.66
N PRO C 139 8.22 -2.50 -39.15
CA PRO C 139 9.52 -2.97 -38.65
C PRO C 139 9.86 -2.37 -37.30
N MET C 140 10.91 -2.90 -36.70
CA MET C 140 11.43 -2.42 -35.43
C MET C 140 12.72 -1.64 -35.66
N ASN C 141 13.30 -1.15 -34.57
CA ASN C 141 14.49 -0.33 -34.66
C ASN C 141 15.70 -0.90 -33.94
N PHE C 142 15.51 -1.45 -32.74
CA PHE C 142 16.57 -1.97 -31.87
C PHE C 142 17.64 -0.92 -31.61
N GLU C 143 17.20 0.22 -31.09
CA GLU C 143 18.06 1.35 -30.82
C GLU C 143 17.85 1.83 -29.38
N LEU C 144 18.80 2.62 -28.90
CA LEU C 144 18.68 3.17 -27.56
C LEU C 144 17.64 4.28 -27.53
N VAL C 145 16.91 4.36 -26.42
CA VAL C 145 15.88 5.37 -26.24
C VAL C 145 15.79 5.69 -24.76
N GLY C 146 15.35 6.90 -24.44
CA GLY C 146 15.18 7.30 -23.07
C GLY C 146 14.69 8.73 -22.95
N LYS C 147 13.68 8.95 -22.11
CA LYS C 147 13.09 10.27 -21.94
C LYS C 147 12.40 10.30 -20.58
N GLN C 148 12.25 11.51 -20.04
CA GLN C 148 11.73 11.74 -18.70
C GLN C 148 10.24 11.38 -18.61
N ARG C 149 9.71 11.49 -17.40
CA ARG C 149 8.32 11.19 -17.13
C ARG C 149 7.48 12.46 -17.27
N ARG C 150 6.29 12.33 -17.84
CA ARG C 150 5.40 13.45 -18.09
C ARG C 150 4.04 13.16 -17.46
N VAL C 151 3.17 14.17 -17.52
CA VAL C 151 1.80 14.07 -17.03
C VAL C 151 0.90 14.16 -18.26
N VAL C 152 0.41 13.01 -18.73
CA VAL C 152 -0.34 12.92 -19.97
C VAL C 152 -1.72 12.36 -19.67
N GLU C 153 -2.75 13.00 -20.22
CA GLU C 153 -4.11 12.47 -20.22
C GLU C 153 -4.23 11.50 -21.39
N THR C 154 -4.54 10.24 -21.08
CA THR C 154 -4.45 9.15 -22.06
C THR C 154 -5.84 8.56 -22.30
N GLN C 155 -6.65 9.24 -23.12
CA GLN C 155 -7.89 8.77 -23.73
C GLN C 155 -8.34 9.81 -24.75
N PRO C 156 -8.76 9.41 -25.95
CA PRO C 156 -9.21 10.41 -26.94
C PRO C 156 -10.64 10.89 -26.70
N VAL C 157 -10.84 11.59 -25.57
CA VAL C 157 -12.16 12.17 -25.27
C VAL C 157 -12.30 13.48 -26.02
N GLU C 158 -13.53 13.99 -26.10
CA GLU C 158 -13.81 15.21 -26.86
C GLU C 158 -14.45 16.29 -26.01
N ILE C 159 -14.37 16.16 -24.69
CA ILE C 159 -14.97 17.10 -23.75
C ILE C 159 -13.94 17.66 -22.79
N LYS C 160 -13.14 16.77 -22.18
CA LYS C 160 -11.97 17.08 -21.35
C LYS C 160 -12.35 17.94 -20.13
N LEU C 161 -13.13 17.33 -19.26
CA LEU C 161 -13.38 17.94 -17.96
C LEU C 161 -12.20 17.69 -17.04
N ASN C 162 -12.25 18.25 -15.83
CA ASN C 162 -11.12 18.26 -14.91
C ASN C 162 -11.50 17.56 -13.61
N GLN C 163 -12.11 16.37 -13.75
CA GLN C 163 -12.38 15.40 -12.69
C GLN C 163 -13.29 15.93 -11.59
N LYS C 164 -13.97 17.05 -11.82
CA LYS C 164 -14.75 17.70 -10.78
C LYS C 164 -16.14 18.02 -11.31
N GLU C 165 -16.23 18.26 -12.62
CA GLU C 165 -17.51 18.47 -13.29
C GLU C 165 -18.10 17.17 -13.80
N ILE C 166 -17.46 16.05 -13.49
CA ILE C 166 -17.95 14.74 -13.92
C ILE C 166 -18.87 14.12 -12.88
N LYS C 167 -18.43 14.14 -11.61
CA LYS C 167 -19.31 13.81 -10.49
C LYS C 167 -20.49 14.78 -10.46
N GLU C 168 -20.19 16.07 -10.60
CA GLU C 168 -21.20 17.12 -10.64
C GLU C 168 -22.06 17.02 -11.90
N LEU C 169 -21.52 16.49 -12.98
CA LEU C 169 -22.31 16.31 -14.20
C LEU C 169 -23.29 15.16 -14.04
N THR C 170 -22.81 14.01 -13.53
CA THR C 170 -23.69 12.85 -13.31
C THR C 170 -24.76 13.14 -12.28
N MET C 171 -24.42 13.89 -11.23
CA MET C 171 -25.43 14.30 -10.27
C MET C 171 -26.39 15.30 -10.88
N TRP C 172 -25.90 16.20 -11.73
CA TRP C 172 -26.77 17.12 -12.44
C TRP C 172 -27.31 16.57 -13.76
N VAL C 173 -27.35 15.24 -13.92
CA VAL C 173 -28.11 14.59 -14.99
C VAL C 173 -29.08 13.56 -14.42
N LEU C 174 -28.62 12.74 -13.47
CA LEU C 174 -29.46 11.67 -12.93
C LEU C 174 -30.45 12.21 -11.93
N PHE C 175 -29.98 12.90 -10.89
CA PHE C 175 -30.83 13.34 -9.79
C PHE C 175 -30.34 14.71 -9.34
N GLU C 176 -30.95 15.76 -9.89
CA GLU C 176 -30.46 17.13 -9.79
C GLU C 176 -30.83 17.82 -8.49
N ASP C 177 -31.36 17.10 -7.50
CA ASP C 177 -31.88 17.73 -6.28
C ASP C 177 -30.78 17.95 -5.26
N GLU C 178 -30.16 16.87 -4.79
CA GLU C 178 -29.08 16.94 -3.82
C GLU C 178 -27.72 17.05 -4.47
N ALA C 179 -27.68 17.50 -5.73
CA ALA C 179 -26.57 17.19 -6.62
C ALA C 179 -25.28 17.91 -6.26
N ASN C 180 -25.24 19.22 -6.51
CA ASN C 180 -24.12 20.11 -6.22
C ASN C 180 -24.61 21.51 -6.55
N LEU C 181 -23.69 22.48 -6.58
CA LEU C 181 -23.96 23.78 -7.16
C LEU C 181 -24.24 23.66 -8.66
N ALA C 182 -25.08 24.56 -9.16
CA ALA C 182 -25.10 24.90 -10.58
C ALA C 182 -24.22 26.13 -10.75
N SER C 183 -22.95 25.93 -11.12
CA SER C 183 -21.91 26.94 -10.94
C SER C 183 -21.76 27.85 -12.17
N LYS C 184 -20.75 28.73 -12.12
CA LYS C 184 -20.38 29.55 -13.26
C LYS C 184 -19.62 28.77 -14.33
N PHE C 185 -19.00 27.65 -13.95
CA PHE C 185 -18.42 26.71 -14.92
C PHE C 185 -19.43 25.66 -15.36
N ILE C 186 -20.71 25.99 -15.34
CA ILE C 186 -21.78 25.02 -15.58
C ILE C 186 -22.77 25.44 -16.65
N GLN C 187 -22.79 26.71 -17.08
CA GLN C 187 -23.78 27.16 -18.07
C GLN C 187 -23.63 26.44 -19.41
N GLU C 188 -22.39 26.26 -19.87
CA GLU C 188 -22.14 25.43 -21.04
C GLU C 188 -22.39 23.96 -20.73
N ASN C 189 -22.01 23.52 -19.52
CA ASN C 189 -22.36 22.19 -19.06
C ASN C 189 -23.85 22.03 -18.85
N PHE C 190 -24.59 23.13 -18.61
CA PHE C 190 -26.04 23.07 -18.54
C PHE C 190 -26.66 22.91 -19.91
N SER C 191 -26.02 23.50 -20.94
CA SER C 191 -26.37 23.13 -22.30
C SER C 191 -26.02 21.67 -22.59
N LEU C 192 -24.96 21.16 -21.97
CA LEU C 192 -24.61 19.75 -22.13
C LEU C 192 -25.61 18.83 -21.44
N VAL C 193 -26.14 19.23 -20.29
CA VAL C 193 -27.21 18.48 -19.64
C VAL C 193 -28.48 18.54 -20.48
N LEU C 194 -28.75 19.72 -21.07
CA LEU C 194 -29.89 19.89 -21.96
C LEU C 194 -29.77 19.02 -23.21
N SER C 195 -28.54 18.72 -23.63
CA SER C 195 -28.34 17.72 -24.66
C SER C 195 -28.36 16.30 -24.12
N LEU C 196 -28.12 16.11 -22.82
CA LEU C 196 -28.01 14.78 -22.24
C LEU C 196 -29.19 14.39 -21.34
N ARG C 197 -30.12 15.30 -21.04
CA ARG C 197 -31.37 14.87 -20.43
C ARG C 197 -32.25 14.10 -21.40
N GLU C 198 -32.01 14.25 -22.69
CA GLU C 198 -32.77 13.59 -23.74
C GLU C 198 -32.21 12.21 -24.08
N LEU C 199 -31.21 11.74 -23.33
CA LEU C 199 -30.57 10.45 -23.57
C LEU C 199 -30.71 9.51 -22.39
N TYR C 200 -30.50 10.01 -21.16
CA TYR C 200 -30.48 9.18 -19.96
C TYR C 200 -31.77 9.27 -19.16
N LYS C 201 -32.90 9.47 -19.83
CA LYS C 201 -34.17 9.54 -19.10
C LYS C 201 -34.72 8.14 -18.82
N GLY C 202 -35.10 7.42 -19.87
CA GLY C 202 -35.63 6.08 -19.70
C GLY C 202 -34.67 4.99 -20.08
N LYS C 203 -34.07 4.34 -19.08
CA LYS C 203 -33.18 3.21 -19.29
C LYS C 203 -33.43 2.16 -18.23
N ALA C 204 -33.10 0.91 -18.57
CA ALA C 204 -33.15 -0.20 -17.62
C ALA C 204 -31.80 -0.41 -16.93
N VAL C 205 -30.98 0.64 -16.88
CA VAL C 205 -29.62 0.56 -16.39
C VAL C 205 -29.61 0.92 -14.90
N ASN C 206 -28.79 0.22 -14.12
CA ASN C 206 -28.55 0.61 -12.74
C ASN C 206 -27.86 1.97 -12.69
N LYS C 207 -28.15 2.73 -11.64
CA LYS C 207 -27.60 4.08 -11.53
C LYS C 207 -26.10 4.08 -11.25
N ASP C 208 -25.60 3.04 -10.56
CA ASP C 208 -24.16 2.91 -10.36
C ASP C 208 -23.45 2.58 -11.67
N VAL C 209 -24.09 1.77 -12.52
CA VAL C 209 -23.54 1.44 -13.82
C VAL C 209 -23.62 2.65 -14.75
N ALA C 210 -24.68 3.45 -14.64
CA ALA C 210 -24.80 4.65 -15.45
C ALA C 210 -23.76 5.69 -15.05
N ALA C 211 -23.52 5.83 -13.74
CA ALA C 211 -22.43 6.69 -13.28
C ALA C 211 -21.07 6.13 -13.65
N PHE C 212 -20.96 4.81 -13.81
CA PHE C 212 -19.71 4.22 -14.26
C PHE C 212 -19.43 4.57 -15.72
N MET C 213 -20.43 4.36 -16.59
CA MET C 213 -20.23 4.59 -18.02
C MET C 213 -20.11 6.07 -18.36
N ILE C 214 -20.85 6.94 -17.68
CA ILE C 214 -20.68 8.37 -17.93
C ILE C 214 -19.38 8.86 -17.27
N ALA C 215 -19.03 8.28 -16.12
CA ALA C 215 -17.80 8.64 -15.45
C ALA C 215 -16.56 8.18 -16.19
N HIS C 216 -16.70 7.24 -17.14
CA HIS C 216 -15.56 6.79 -17.90
C HIS C 216 -15.57 7.19 -19.38
N GLN C 217 -16.72 7.55 -19.94
CA GLN C 217 -16.73 7.89 -21.36
C GLN C 217 -16.28 9.32 -21.62
N PHE C 218 -16.12 10.14 -20.59
CA PHE C 218 -15.84 11.56 -20.75
C PHE C 218 -14.56 12.02 -20.07
N SER C 219 -13.87 11.15 -19.32
CA SER C 219 -12.81 11.58 -18.43
C SER C 219 -11.45 11.34 -19.06
N PRO C 220 -10.65 12.38 -19.33
CA PRO C 220 -9.26 12.16 -19.73
C PRO C 220 -8.41 11.81 -18.51
N GLU C 221 -7.98 10.56 -18.45
CA GLU C 221 -7.27 10.03 -17.29
C GLU C 221 -5.82 10.52 -17.32
N LYS C 222 -5.51 11.50 -16.48
CA LYS C 222 -4.17 12.05 -16.41
C LYS C 222 -3.29 11.14 -15.56
N ARG C 223 -2.12 10.79 -16.09
CA ARG C 223 -1.18 9.93 -15.38
C ARG C 223 0.23 10.50 -15.52
N PHE C 224 1.14 9.96 -14.71
CA PHE C 224 2.53 10.40 -14.65
C PHE C 224 3.37 9.24 -15.21
N LEU C 225 3.53 9.23 -16.53
CA LEU C 225 4.09 8.10 -17.24
C LEU C 225 5.30 8.53 -18.08
N PRO C 226 6.28 7.64 -18.26
CA PRO C 226 7.40 7.95 -19.16
C PRO C 226 6.95 7.90 -20.62
N THR C 227 7.10 9.02 -21.31
CA THR C 227 6.68 9.13 -22.70
C THR C 227 7.88 9.38 -23.59
N PHE C 228 7.68 9.21 -24.90
CA PHE C 228 8.71 9.48 -25.89
C PHE C 228 8.04 9.73 -27.24
N GLY C 229 8.75 10.47 -28.09
CA GLY C 229 8.25 10.80 -29.41
C GLY C 229 7.14 11.82 -29.34
N PRO C 230 6.18 11.73 -30.26
CA PRO C 230 5.01 12.60 -30.18
C PRO C 230 4.08 12.18 -29.06
N ILE C 231 3.33 13.15 -28.54
CA ILE C 231 2.55 12.98 -27.31
C ILE C 231 1.08 13.09 -27.69
N ARG C 232 0.74 12.60 -28.89
CA ARG C 232 -0.65 12.55 -29.29
C ARG C 232 -1.39 11.50 -28.47
N PRO C 233 -2.58 11.84 -27.92
CA PRO C 233 -3.23 10.94 -26.95
C PRO C 233 -3.85 9.70 -27.55
N GLU C 234 -3.83 9.52 -28.86
CA GLU C 234 -4.32 8.28 -29.45
C GLU C 234 -3.32 7.16 -29.28
N ARG C 235 -2.02 7.47 -29.33
CA ARG C 235 -0.96 6.49 -29.18
C ARG C 235 -0.36 6.49 -27.77
N MET C 236 -1.08 7.03 -26.78
CA MET C 236 -0.57 7.07 -25.43
C MET C 236 -1.13 5.98 -24.53
N GLU C 237 -2.31 5.43 -24.84
CA GLU C 237 -2.78 4.26 -24.10
C GLU C 237 -2.15 2.98 -24.60
N LEU C 238 -1.52 3.01 -25.78
CA LEU C 238 -0.73 1.90 -26.29
C LEU C 238 0.75 2.09 -26.01
N LEU C 239 1.09 2.81 -24.93
CA LEU C 239 2.49 3.11 -24.63
C LEU C 239 3.23 1.87 -24.16
N HIS C 240 2.54 0.91 -23.55
CA HIS C 240 3.20 -0.31 -23.11
C HIS C 240 3.56 -1.20 -24.29
N CYS C 241 2.84 -1.06 -25.41
CA CYS C 241 3.11 -1.87 -26.59
C CYS C 241 4.10 -1.22 -27.55
N LEU C 242 4.11 0.11 -27.63
CA LEU C 242 4.85 0.77 -28.70
C LEU C 242 6.36 0.77 -28.45
N GLY C 243 6.78 0.79 -27.19
CA GLY C 243 8.20 0.90 -26.90
C GLY C 243 8.55 0.29 -25.57
N GLY C 244 9.83 -0.04 -25.42
CA GLY C 244 10.37 -0.48 -24.15
C GLY C 244 11.57 0.39 -23.77
N ASP C 245 12.73 -0.23 -23.59
CA ASP C 245 13.95 0.52 -23.32
C ASP C 245 15.01 0.37 -24.39
N PHE C 246 15.12 -0.79 -25.02
CA PHE C 246 16.16 -1.07 -26.00
C PHE C 246 15.58 -1.37 -27.37
N TRP C 247 14.30 -1.08 -27.60
CA TRP C 247 13.61 -1.44 -28.83
C TRP C 247 12.47 -0.46 -29.06
N LYS C 248 12.14 -0.24 -30.33
CA LYS C 248 11.10 0.71 -30.68
C LYS C 248 10.42 0.21 -31.95
N ILE C 249 9.09 0.24 -31.95
CA ILE C 249 8.32 -0.19 -33.12
C ILE C 249 7.12 0.74 -33.30
N GLU C 250 7.05 1.35 -34.48
CA GLU C 250 5.90 2.16 -34.90
C GLU C 250 5.94 2.30 -36.41
N ALA C 251 4.78 2.12 -37.06
CA ALA C 251 4.65 2.39 -38.48
C ALA C 251 3.29 2.98 -38.80
N VAL C 252 2.65 3.63 -37.84
CA VAL C 252 1.33 4.22 -38.04
C VAL C 252 1.50 5.49 -38.87
N THR C 253 0.94 5.47 -40.09
CA THR C 253 1.02 6.63 -40.96
C THR C 253 -0.03 7.67 -40.60
N ALA C 254 -1.29 7.26 -40.52
CA ALA C 254 -2.39 8.16 -40.19
C ALA C 254 -2.37 8.52 -38.71
N VAL C 707 -36.61 21.87 -19.01
CA VAL C 707 -36.04 23.21 -18.93
C VAL C 707 -36.55 23.92 -17.69
N GLU C 708 -35.64 24.15 -16.73
CA GLU C 708 -35.95 24.82 -15.48
C GLU C 708 -34.96 25.97 -15.29
N GLY C 709 -35.26 27.12 -15.90
CA GLY C 709 -34.53 28.33 -15.62
C GLY C 709 -35.23 29.14 -14.57
N PHE C 710 -35.49 28.52 -13.42
CA PHE C 710 -36.40 29.05 -12.41
C PHE C 710 -35.58 29.65 -11.27
N GLN C 711 -36.28 30.10 -10.24
CA GLN C 711 -35.63 30.86 -9.18
C GLN C 711 -36.42 30.69 -7.90
N VAL C 712 -35.74 30.91 -6.77
CA VAL C 712 -36.36 30.95 -5.46
C VAL C 712 -36.02 32.30 -4.84
N CYS C 713 -36.87 32.74 -3.90
CA CYS C 713 -36.69 34.06 -3.31
C CYS C 713 -36.40 34.01 -1.81
N GLU C 714 -37.26 33.38 -1.02
CA GLU C 714 -37.19 33.46 0.44
C GLU C 714 -37.72 32.16 1.02
N TYR C 715 -38.00 32.17 2.33
CA TYR C 715 -38.47 30.98 3.04
C TYR C 715 -39.79 31.17 3.78
N ASP C 716 -40.36 32.38 3.79
CA ASP C 716 -41.47 32.64 4.72
C ASP C 716 -42.83 32.06 4.33
N PRO C 717 -43.41 32.32 3.13
CA PRO C 717 -44.88 32.19 3.01
C PRO C 717 -45.36 30.75 3.01
N ARG C 718 -46.64 30.57 3.33
CA ARG C 718 -47.29 29.25 3.33
C ARG C 718 -47.50 28.81 1.89
N ALA C 719 -46.45 28.23 1.32
CA ALA C 719 -46.48 27.81 -0.08
C ALA C 719 -47.30 26.52 -0.23
N PRO C 720 -47.92 26.31 -1.40
CA PRO C 720 -48.56 25.02 -1.65
C PRO C 720 -47.54 23.90 -1.82
N LEU C 721 -47.88 22.73 -1.27
CA LEU C 721 -46.96 21.60 -1.18
C LEU C 721 -46.84 20.92 -2.54
N ILE C 722 -46.09 21.55 -3.44
CA ILE C 722 -46.01 21.10 -4.82
C ILE C 722 -44.55 20.93 -5.25
N PRO C 723 -44.12 19.71 -5.59
CA PRO C 723 -42.70 19.46 -5.89
C PRO C 723 -42.30 19.79 -7.32
N ARG C 724 -41.06 19.41 -7.67
CA ARG C 724 -40.47 19.68 -8.97
C ARG C 724 -41.13 18.96 -10.13
N ARG C 725 -41.95 17.93 -9.89
CA ARG C 725 -42.63 17.28 -11.01
C ARG C 725 -43.73 18.17 -11.59
N ASP C 726 -44.36 18.98 -10.75
CA ASP C 726 -45.37 19.93 -11.18
C ASP C 726 -44.85 21.35 -11.03
N LEU C 727 -43.60 21.54 -11.47
CA LEU C 727 -42.91 22.81 -11.35
C LEU C 727 -43.16 23.73 -12.54
N ARG C 728 -43.60 23.19 -13.67
CA ARG C 728 -43.82 23.98 -14.87
C ARG C 728 -45.27 24.43 -15.02
N LEU C 729 -46.22 23.53 -14.82
CA LEU C 729 -47.63 23.87 -14.99
C LEU C 729 -48.18 24.70 -13.83
N ILE C 730 -47.55 24.62 -12.66
CA ILE C 730 -47.94 25.36 -11.47
C ILE C 730 -46.77 26.28 -11.14
N GLY C 731 -46.19 26.87 -12.18
CA GLY C 731 -44.93 27.59 -12.14
C GLY C 731 -45.17 29.07 -11.97
N PHE C 732 -45.19 29.82 -13.08
CA PHE C 732 -45.14 31.29 -13.09
C PHE C 732 -46.25 31.95 -12.29
N GLY C 733 -45.92 33.09 -11.69
CA GLY C 733 -46.90 33.88 -10.95
C GLY C 733 -47.29 33.33 -9.60
N LYS C 734 -46.53 32.38 -9.06
CA LYS C 734 -46.85 31.75 -7.80
C LYS C 734 -45.59 31.65 -6.94
N LYS C 735 -45.81 31.58 -5.62
CA LYS C 735 -44.75 31.33 -4.66
C LYS C 735 -44.79 29.86 -4.28
N VAL C 736 -44.22 29.02 -5.13
CA VAL C 736 -44.30 27.56 -5.00
C VAL C 736 -42.99 27.03 -4.41
N ARG C 737 -43.09 26.25 -3.34
CA ARG C 737 -41.91 25.81 -2.61
C ARG C 737 -41.14 24.74 -3.38
N VAL C 738 -39.83 24.69 -3.14
CA VAL C 738 -38.94 23.73 -3.76
C VAL C 738 -38.12 23.06 -2.66
N PHE C 739 -38.17 21.72 -2.61
CA PHE C 739 -37.33 20.95 -1.72
C PHE C 739 -36.01 20.65 -2.42
N VAL C 740 -34.95 21.30 -1.99
CA VAL C 740 -33.62 21.08 -2.57
C VAL C 740 -32.92 20.06 -1.70
N GLY C 741 -33.01 18.80 -2.13
CA GLY C 741 -32.06 17.75 -1.84
C GLY C 741 -31.74 17.38 -0.40
N GLN C 742 -30.53 17.74 0.03
CA GLN C 742 -29.97 17.32 1.30
C GLN C 742 -30.59 18.03 2.52
N GLY C 743 -31.55 18.93 2.32
CA GLY C 743 -32.20 19.55 3.45
C GLY C 743 -32.51 21.02 3.24
N GLN C 744 -32.05 21.56 2.11
CA GLN C 744 -32.21 22.99 1.84
C GLN C 744 -33.45 23.19 0.98
N GLU C 745 -34.56 23.51 1.63
CA GLU C 745 -35.85 23.69 0.97
C GLU C 745 -36.32 25.11 1.17
N LYS C 746 -36.67 25.79 0.06
CA LYS C 746 -37.09 27.19 0.13
C LYS C 746 -38.42 27.39 -0.57
N THR C 747 -38.82 28.65 -0.74
CA THR C 747 -40.01 29.01 -1.51
C THR C 747 -39.58 29.70 -2.80
N LEU C 748 -40.32 29.44 -3.87
CA LEU C 748 -39.89 29.78 -5.22
C LEU C 748 -40.76 30.88 -5.81
N VAL C 749 -40.09 31.86 -6.42
CA VAL C 749 -40.69 32.87 -7.28
C VAL C 749 -39.91 32.86 -8.58
N ARG C 750 -40.60 32.73 -9.70
CA ARG C 750 -39.92 32.73 -11.00
C ARG C 750 -39.42 34.12 -11.33
N THR C 751 -38.15 34.21 -11.72
CA THR C 751 -37.52 35.47 -12.09
C THR C 751 -37.23 35.46 -13.57
N SER C 752 -37.70 36.47 -14.29
CA SER C 752 -37.49 36.56 -15.72
C SER C 752 -36.06 37.01 -16.03
#